data_9LIU
#
_entry.id   9LIU
#
_cell.length_a   1.00
_cell.length_b   1.00
_cell.length_c   1.00
_cell.angle_alpha   90.00
_cell.angle_beta   90.00
_cell.angle_gamma   90.00
#
_symmetry.space_group_name_H-M   'P 1'
#
loop_
_entity.id
_entity.type
_entity.pdbx_description
1 polymer 'Histone H3'
2 polymer 'Histone H4'
3 polymer 'Histone H2A'
4 polymer 'Histone H2B'
5 polymer 'DNA (146-MER)'
6 polymer 'DNA (146-MER)'
7 polymer 'ISWI chromatin-remodeling complex ATPase ISW1'
8 non-polymer 'MAGNESIUM ION'
9 non-polymer "ADENOSINE-5'-TRIPHOSPHATE"
#
loop_
_entity_poly.entity_id
_entity_poly.type
_entity_poly.pdbx_seq_one_letter_code
_entity_poly.pdbx_strand_id
1 'polypeptide(L)'
;ARTKQTARKSTGGKAPRKQLATKAARKSAPATGGVKKPHRYRPGTVALREIRRYQKSTELLIRKLPFQRLVREIAQDFKT
DLRFQSSAVMALQEASEAYLVALFEDTNLCAIHAKRVTIMPKDIQLARRIRGERA
;
A,E
2 'polypeptide(L)'
;SGRGKGGKGLGKGGAKRHRKVLRDNIQGITKPAIRRLARRGGVKRISGLIYEETRGVLKVFLENVIRDAVTYTEHAKRKT
VTAMDVVYALKRQGRTLYGFGG
;
B,F
3 'polypeptide(L)'
;SGRGKQGGKTRAKAKTRSSRAGLQFPVGRVHRLLRKGNYAERVGAGAPVYLAAVLEYLTAEILELAGNAARDNKKTRIIP
RHLQLAVRNDEELNKLLGRVTIAQGGVLPNIQSVLLPKKTESSKSAKSK
;
C,G
4 'polypeptide(L)'
;AKSAPAPKKGSKKAVTKTQKKDGKKRRKTRKESYAIYVYKVLKQVHPDTGISSKAMSIMNSFVNDVFERIAGEASRLAHY
NKRSTITSREIQTAVRLLLPGELAKHAVSEGTKAVTKYTSAK
;
D,H
5 'polydeoxyribonucleotide'
;(DT)(DC)(DG)(DA)(DG)(DA)(DA)(DT)(DC)(DC)(DC)(DG)(DG)(DT)(DG)(DC)(DC)(DG)(DA)(DG)
(DG)(DC)(DC)(DG)(DC)(DT)(DC)(DA)(DA)(DT)(DT)(DG)(DG)(DT)(DC)(DG)(DT)(DA)(DG)(DA)
(DC)(DA)(DG)(DC)(DT)(DC)(DT)(DA)(DG)(DC)(DA)(DC)(DC)(DG)(DC)(DT)(DT)(DA)(DA)(DA)
(DC)(DG)(DC)(DA)(DC)(DG)(DT)(DA)(DC)(DG)(DC)(DG)(DC)(DT)(DG)(DT)(DC)(DC)(DC)(DC)
(DC)(DG)(DC)(DG)(DT)(DT)(DT)(DT)(DA)(DA)(DC)(DC)(DG)(DC)(DC)(DA)(DA)(DG)(DG)(DG)
(DG)(DA)(DT)(DT)(DA)(DC)(DT)(DC)(DC)(DC)(DT)(DA)(DG)(DT)(DC)(DT)(DC)(DC)(DA)(DG)
(DG)(DC)(DA)(DC)(DG)(DT)(DG)(DT)(DC)(DA)(DG)(DA)(DT)(DA)(DT)(DA)(DT)(DA)(DC)(DA)
(DT)(DC)(DC)(DG)(DA)(DT)
;
I
6 'polydeoxyribonucleotide'
;(DA)(DT)(DC)(DG)(DG)(DA)(DT)(DG)(DT)(DA)(DT)(DA)(DT)(DA)(DT)(DC)(DT)(DG)(DA)(DC)
(DA)(DC)(DG)(DT)(DG)(DC)(DC)(DT)(DG)(DG)(DA)(DG)(DA)(DC)(DT)(DA)(DG)(DG)(DG)(DA)
(DG)(DT)(DA)(DA)(DT)(DC)(DC)(DC)(DC)(DT)(DT)(DG)(DG)(DC)(DG)(DG)(DT)(DT)(DA)(DA)
(DA)(DA)(DC)(DG)(DC)(DG)(DG)(DG)(DG)(DG)(DA)(DC)(DA)(DG)(DC)(DG)(DC)(DG)(DT)(DA)
(DC)(DG)(DT)(DG)(DC)(DG)(DT)(DT)(DT)(DA)(DA)(DG)(DC)(DG)(DG)(DT)(DG)(DC)(DT)(DA)
(DG)(DA)(DG)(DC)(DT)(DG)(DT)(DC)(DT)(DA)(DC)(DG)(DA)(DC)(DC)(DA)(DA)(DT)(DT)(DG)
(DA)(DG)(DC)(DG)(DG)(DC)(DC)(DT)(DC)(DG)(DG)(DC)(DA)(DC)(DC)(DG)(DG)(DG)(DA)(DT)
(DT)(DC)(DT)(DC)(DG)(DA)
;
J
7 'polypeptide(L)'
;ENLKPFQVGLPPHDPESNKKRYLLKDANGKKFDLEGTTKRFEHLLSLSGLFKHFIESKAAKDPKFRQVLDVLEENKANGK
GKGKHQDVRRRKTEHEEDAELLKEEDSDDDESIEFQFRESPAYVNGQLRPYQIQGVNWLVSLHKNKIAGILADEMGLGKT
LQTISFLGYLRYIEKIPGPFLVIAPKSTLNNWLREINRWTPDVNAFILQGDKEERAELIQKKLLGCDFDVVIASYEIIIR
EKSPLKKINWEYIIIDEAHRIKNEESMLSQVLREFTSRNRLLITGTPLQNNLHELWALLNFLLPDIFSDAQDFDDWFSSE
STEEDQDKIVKQLHTVLQPFLLRRIKSDVETSLLPKKELNLYVGMSSMQKKWYKKILEKDLDAVNGSNGSKESKTRLLNI
MMQLRKCCNHPYLFDGAEPGPPYTTDEHLVYNAAKLQVLDKLLKKLKEEGSRVLIFSQMSRLLDILEDYCYFRNYEYCRI
DGSTAHEDRIQAIDDYNAPDSKKFVFLLTTRAGGLGINLTSADVVVLYDSDWNPQADLQAMDRAHRIGQKKQVKVFRLVT
DNSVEEKILERATQKLRLDQLVIQQNRTSLKKKENKADSKDALLSMIQHGAADVFKSGTSTGSAGTPEPGSGEKGDDIDL
DELLLKSENKTKSLNAKYETLGLDDLQKFNQDSAYEWNGQDFKKKIQRDIISPLLLNPTKRERKENYSIDNYYKDVLNTG
RSSTPSHPRMPKPHVFHSHQLQPPQLKVLYEKERMWTAKKTGYVPTMDDVKAAYGDISDEEEKKQKLELLKLSVNNSQPL
TEEEEKMKADWESEGFTNWNKLEFRKFITVSGKYGRNSIQAIARELAPGKTLEEVRAYAKAFWSNIERIEDYEKYLKIIE
NEEEKIKRVKMQQEALRRKLSEYKNPFFDLKLKHPPSSNNKRTYSEEEDRFILLMLFKYGLDRDDVYELVRDEIRDCPLF
ELDFYFRSRTPVELARRGNTLLQCLEKEFNAGIVLDDATKDRMKKEDENGKRIREEFADQTANEKENVDGVESKKAKIED
TSNVGTEQLVAEKIPENETTH
;
K,N
#
loop_
_chem_comp.id
_chem_comp.type
_chem_comp.name
_chem_comp.formula
ATP non-polymer ADENOSINE-5'-TRIPHOSPHATE 'C10 H16 N5 O13 P3'
DA DNA linking 2'-DEOXYADENOSINE-5'-MONOPHOSPHATE 'C10 H14 N5 O6 P'
DC DNA linking 2'-DEOXYCYTIDINE-5'-MONOPHOSPHATE 'C9 H14 N3 O7 P'
DG DNA linking 2'-DEOXYGUANOSINE-5'-MONOPHOSPHATE 'C10 H14 N5 O7 P'
DT DNA linking THYMIDINE-5'-MONOPHOSPHATE 'C10 H15 N2 O8 P'
MG non-polymer 'MAGNESIUM ION' 'Mg 2'
#
# COMPACT_ATOMS: atom_id res chain seq x y z
N LYS A 37 -1.11 46.16 -36.86
CA LYS A 37 -1.46 44.74 -36.72
C LYS A 37 -1.77 44.40 -35.28
N PRO A 38 -2.76 43.54 -35.07
CA PRO A 38 -3.12 43.14 -33.70
C PRO A 38 -2.00 42.37 -33.05
N HIS A 39 -2.04 42.34 -31.72
CA HIS A 39 -1.00 41.74 -30.91
C HIS A 39 -1.37 40.29 -30.63
N ARG A 40 -0.46 39.38 -30.94
CA ARG A 40 -0.64 37.95 -30.71
C ARG A 40 0.59 37.39 -30.02
N TYR A 41 0.38 36.45 -29.12
CA TYR A 41 1.51 35.79 -28.49
C TYR A 41 1.95 34.59 -29.29
N ARG A 42 3.17 34.14 -29.03
CA ARG A 42 3.65 32.94 -29.68
C ARG A 42 2.87 31.73 -29.18
N PRO A 43 2.77 30.68 -29.97
CA PRO A 43 1.94 29.54 -29.59
C PRO A 43 2.36 28.82 -28.32
N GLY A 44 3.45 29.22 -27.68
CA GLY A 44 3.86 28.51 -26.49
C GLY A 44 3.86 29.33 -25.22
N THR A 45 3.61 30.63 -25.33
CA THR A 45 3.78 31.49 -24.16
C THR A 45 2.58 31.45 -23.23
N VAL A 46 1.39 31.63 -23.77
CA VAL A 46 0.20 31.63 -22.94
C VAL A 46 0.07 30.30 -22.22
N ALA A 47 0.57 29.21 -22.81
CA ALA A 47 0.56 27.94 -22.11
C ALA A 47 1.37 28.02 -20.83
N LEU A 48 2.55 28.62 -20.90
CA LEU A 48 3.35 28.76 -19.70
C LEU A 48 2.67 29.66 -18.68
N ARG A 49 2.03 30.73 -19.13
CA ARG A 49 1.33 31.58 -18.19
C ARG A 49 0.21 30.82 -17.49
N GLU A 50 -0.55 30.03 -18.24
CA GLU A 50 -1.58 29.23 -17.62
C GLU A 50 -0.99 28.24 -16.63
N ILE A 51 0.14 27.63 -16.98
CA ILE A 51 0.77 26.68 -16.08
C ILE A 51 1.09 27.36 -14.76
N ARG A 52 1.73 28.52 -14.83
CA ARG A 52 2.07 29.22 -13.60
C ARG A 52 0.82 29.55 -12.79
N ARG A 53 -0.18 30.12 -13.44
CA ARG A 53 -1.32 30.60 -12.69
C ARG A 53 -2.18 29.49 -12.13
N TYR A 54 -2.17 28.30 -12.75
CA TYR A 54 -2.94 27.20 -12.22
C TYR A 54 -2.19 26.37 -11.20
N GLN A 55 -0.87 26.31 -11.28
CA GLN A 55 -0.12 25.72 -10.19
C GLN A 55 -0.06 26.63 -8.99
N LYS A 56 -0.30 27.92 -9.17
CA LYS A 56 -0.29 28.84 -8.05
C LYS A 56 -1.54 28.73 -7.20
N SER A 57 -2.67 28.32 -7.77
CA SER A 57 -3.95 28.38 -7.09
C SER A 57 -4.30 27.04 -6.47
N THR A 58 -5.45 26.99 -5.79
CA THR A 58 -5.84 25.78 -5.07
C THR A 58 -7.27 25.34 -5.32
N GLU A 59 -8.09 26.12 -6.01
CA GLU A 59 -9.50 25.80 -6.11
C GLU A 59 -9.71 24.58 -6.99
N LEU A 60 -10.97 24.20 -7.11
CA LEU A 60 -11.37 23.08 -7.96
C LEU A 60 -11.41 23.55 -9.40
N LEU A 61 -11.21 22.61 -10.33
CA LEU A 61 -11.11 22.99 -11.73
C LEU A 61 -12.23 22.43 -12.59
N ILE A 62 -12.95 21.45 -12.13
CA ILE A 62 -14.09 20.91 -12.86
C ILE A 62 -15.34 21.57 -12.32
N ARG A 63 -16.34 21.75 -13.18
CA ARG A 63 -17.53 22.46 -12.76
C ARG A 63 -18.38 21.57 -11.86
N LYS A 64 -18.80 22.16 -10.75
CA LYS A 64 -19.32 21.38 -9.64
C LYS A 64 -20.59 20.64 -10.03
N LEU A 65 -21.49 21.32 -10.73
CA LEU A 65 -22.74 20.68 -11.13
C LEU A 65 -22.53 19.54 -12.11
N PRO A 66 -21.78 19.70 -13.20
CA PRO A 66 -21.54 18.54 -14.07
C PRO A 66 -20.88 17.39 -13.37
N PHE A 67 -19.92 17.66 -12.49
CA PHE A 67 -19.31 16.56 -11.76
C PHE A 67 -20.33 15.85 -10.90
N GLN A 68 -21.21 16.60 -10.24
CA GLN A 68 -22.21 15.98 -9.40
C GLN A 68 -23.15 15.10 -10.21
N ARG A 69 -23.57 15.57 -11.37
CA ARG A 69 -24.44 14.76 -12.20
C ARG A 69 -23.75 13.47 -12.60
N LEU A 70 -22.48 13.56 -12.96
CA LEU A 70 -21.75 12.35 -13.33
C LEU A 70 -21.68 11.38 -12.18
N VAL A 71 -21.39 11.87 -10.98
CA VAL A 71 -21.31 10.98 -9.82
C VAL A 71 -22.63 10.28 -9.60
N ARG A 72 -23.73 11.02 -9.67
CA ARG A 72 -25.02 10.40 -9.43
C ARG A 72 -25.31 9.34 -10.48
N GLU A 73 -25.01 9.63 -11.74
CA GLU A 73 -25.29 8.65 -12.79
C GLU A 73 -24.46 7.39 -12.59
N ILE A 74 -23.18 7.53 -12.26
CA ILE A 74 -22.37 6.34 -12.01
C ILE A 74 -22.90 5.56 -10.83
N ALA A 75 -23.16 6.26 -9.73
CA ALA A 75 -23.56 5.59 -8.51
C ALA A 75 -24.87 4.87 -8.65
N GLN A 76 -25.71 5.28 -9.59
CA GLN A 76 -26.99 4.61 -9.75
C GLN A 76 -26.83 3.15 -10.16
N ASP A 77 -25.71 2.79 -10.78
CA ASP A 77 -25.58 1.44 -11.30
C ASP A 77 -25.25 0.39 -10.26
N PHE A 78 -24.93 0.80 -9.03
CA PHE A 78 -24.69 -0.16 -7.97
C PHE A 78 -25.91 -0.32 -7.07
N LYS A 79 -26.48 0.78 -6.62
CA LYS A 79 -27.71 0.75 -5.85
C LYS A 79 -28.57 1.92 -6.32
N THR A 80 -29.83 1.64 -6.59
CA THR A 80 -30.70 2.67 -7.12
C THR A 80 -31.26 3.54 -6.01
N ASP A 81 -31.48 4.82 -6.35
CA ASP A 81 -32.06 5.79 -5.44
C ASP A 81 -31.22 5.94 -4.17
N LEU A 82 -30.02 6.47 -4.37
CA LEU A 82 -29.13 6.85 -3.29
C LEU A 82 -29.19 8.36 -3.09
N ARG A 83 -29.01 8.76 -1.85
CA ARG A 83 -28.82 10.16 -1.54
C ARG A 83 -27.37 10.40 -1.21
N PHE A 84 -26.96 11.64 -1.38
CA PHE A 84 -25.57 12.01 -1.20
C PHE A 84 -25.50 13.17 -0.24
N GLN A 85 -24.42 13.27 0.49
CA GLN A 85 -24.16 14.51 1.19
C GLN A 85 -23.32 15.42 0.32
N SER A 86 -23.56 16.71 0.43
CA SER A 86 -22.77 17.67 -0.32
C SER A 86 -21.29 17.47 -0.02
N SER A 87 -20.96 17.22 1.24
CA SER A 87 -19.57 16.96 1.57
C SER A 87 -19.08 15.68 0.94
N ALA A 88 -19.95 14.68 0.75
CA ALA A 88 -19.53 13.47 0.06
C ALA A 88 -19.12 13.77 -1.37
N VAL A 89 -19.96 14.53 -2.07
CA VAL A 89 -19.62 14.84 -3.46
C VAL A 89 -18.35 15.68 -3.53
N MET A 90 -18.20 16.61 -2.58
CA MET A 90 -17.00 17.44 -2.60
C MET A 90 -15.74 16.61 -2.33
N ALA A 91 -15.83 15.64 -1.43
CA ALA A 91 -14.70 14.76 -1.20
C ALA A 91 -14.35 14.00 -2.47
N LEU A 92 -15.36 13.49 -3.16
CA LEU A 92 -15.09 12.78 -4.40
C LEU A 92 -14.39 13.68 -5.40
N GLN A 93 -14.81 14.93 -5.50
CA GLN A 93 -14.18 15.81 -6.47
C GLN A 93 -12.74 16.12 -6.09
N GLU A 94 -12.47 16.34 -4.81
CA GLU A 94 -11.09 16.53 -4.37
C GLU A 94 -10.23 15.36 -4.81
N ALA A 95 -10.67 14.14 -4.47
CA ALA A 95 -9.87 12.96 -4.78
C ALA A 95 -9.70 12.80 -6.28
N SER A 96 -10.74 13.06 -7.05
CA SER A 96 -10.67 12.88 -8.49
C SER A 96 -9.67 13.83 -9.12
N GLU A 97 -9.73 15.11 -8.77
CA GLU A 97 -8.79 16.03 -9.37
C GLU A 97 -7.37 15.74 -8.92
N ALA A 98 -7.18 15.34 -7.66
CA ALA A 98 -5.83 14.99 -7.24
C ALA A 98 -5.29 13.85 -8.08
N TYR A 99 -6.10 12.82 -8.31
CA TYR A 99 -5.65 11.69 -9.09
C TYR A 99 -5.28 12.12 -10.49
N LEU A 100 -6.12 12.93 -11.12
CA LEU A 100 -5.85 13.32 -12.50
C LEU A 100 -4.61 14.17 -12.61
N VAL A 101 -4.38 15.06 -11.66
CA VAL A 101 -3.19 15.89 -11.71
C VAL A 101 -1.94 15.02 -11.61
N ALA A 102 -1.94 14.06 -10.70
CA ALA A 102 -0.78 13.19 -10.61
C ALA A 102 -0.58 12.42 -11.91
N LEU A 103 -1.66 11.93 -12.49
CA LEU A 103 -1.54 11.19 -13.74
C LEU A 103 -0.94 12.05 -14.83
N PHE A 104 -1.31 13.33 -14.88
CA PHE A 104 -0.79 14.18 -15.93
C PHE A 104 0.67 14.49 -15.73
N GLU A 105 1.12 14.58 -14.48
CA GLU A 105 2.56 14.73 -14.26
C GLU A 105 3.31 13.53 -14.80
N ASP A 106 2.84 12.33 -14.51
CA ASP A 106 3.52 11.14 -15.03
C ASP A 106 3.50 11.11 -16.55
N THR A 107 2.36 11.46 -17.14
CA THR A 107 2.27 11.50 -18.60
C THR A 107 3.29 12.47 -19.18
N ASN A 108 3.43 13.63 -18.57
CA ASN A 108 4.36 14.61 -19.07
C ASN A 108 5.78 14.08 -19.03
N LEU A 109 6.15 13.41 -17.95
CA LEU A 109 7.50 12.87 -17.89
C LEU A 109 7.73 11.83 -18.97
N CYS A 110 6.73 10.98 -19.22
CA CYS A 110 6.87 10.02 -20.31
C CYS A 110 7.06 10.70 -21.65
N ALA A 111 6.26 11.74 -21.91
CA ALA A 111 6.38 12.43 -23.20
C ALA A 111 7.74 13.05 -23.36
N ILE A 112 8.26 13.69 -22.32
CA ILE A 112 9.60 14.24 -22.40
C ILE A 112 10.61 13.14 -22.66
N HIS A 113 10.44 12.00 -22.00
CA HIS A 113 11.35 10.89 -22.24
C HIS A 113 11.36 10.49 -23.71
N ALA A 114 10.21 10.51 -24.35
CA ALA A 114 10.17 10.18 -25.77
C ALA A 114 10.65 11.31 -26.65
N LYS A 115 11.17 12.39 -26.08
CA LYS A 115 11.73 13.53 -26.82
C LYS A 115 10.67 14.34 -27.54
N ARG A 116 9.49 14.45 -26.96
CA ARG A 116 8.45 15.34 -27.46
C ARG A 116 8.10 16.35 -26.38
N VAL A 117 7.15 17.22 -26.71
CA VAL A 117 6.51 18.07 -25.72
C VAL A 117 5.01 17.90 -25.70
N THR A 118 4.44 17.21 -26.68
CA THR A 118 3.02 16.98 -26.77
C THR A 118 2.68 15.66 -26.12
N ILE A 119 1.79 15.68 -25.16
CA ILE A 119 1.41 14.42 -24.52
C ILE A 119 0.33 13.75 -25.35
N MET A 120 0.32 12.42 -25.32
CA MET A 120 -0.51 11.62 -26.19
C MET A 120 -1.09 10.41 -25.46
N PRO A 121 -2.11 9.79 -26.03
CA PRO A 121 -2.70 8.60 -25.40
C PRO A 121 -1.71 7.50 -25.09
N LYS A 122 -0.71 7.29 -25.95
CA LYS A 122 0.28 6.28 -25.64
C LYS A 122 1.03 6.64 -24.38
N ASP A 123 1.26 7.93 -24.15
CA ASP A 123 1.91 8.35 -22.91
C ASP A 123 1.03 8.08 -21.70
N ILE A 124 -0.26 8.39 -21.79
CA ILE A 124 -1.11 8.05 -20.65
C ILE A 124 -1.10 6.56 -20.41
N GLN A 125 -1.22 5.77 -21.48
CA GLN A 125 -1.28 4.33 -21.31
C GLN A 125 -0.02 3.79 -20.69
N LEU A 126 1.14 4.27 -21.12
CA LEU A 126 2.38 3.82 -20.51
C LEU A 126 2.44 4.20 -19.05
N ALA A 127 2.06 5.43 -18.72
CA ALA A 127 2.14 5.84 -17.33
C ALA A 127 1.28 4.96 -16.44
N ARG A 128 0.05 4.68 -16.87
CA ARG A 128 -0.81 3.84 -16.05
C ARG A 128 -0.33 2.39 -16.05
N ARG A 129 0.34 1.96 -17.11
CA ARG A 129 0.91 0.61 -17.13
C ARG A 129 2.03 0.48 -16.10
N ILE A 130 2.88 1.49 -16.00
CA ILE A 130 4.00 1.39 -15.08
C ILE A 130 3.52 1.42 -13.64
N ARG A 131 2.50 2.21 -13.35
CA ARG A 131 1.98 2.28 -11.98
C ARG A 131 1.24 1.02 -11.58
N GLY A 132 1.17 0.03 -12.47
CA GLY A 132 0.55 -1.22 -12.09
C GLY A 132 -0.95 -1.16 -11.95
N GLU A 133 -1.62 -0.28 -12.69
CA GLU A 133 -3.07 -0.17 -12.61
C GLU A 133 -3.74 -0.37 -13.96
N ARG A 134 -3.05 -1.01 -14.90
CA ARG A 134 -3.63 -1.36 -16.19
C ARG A 134 -2.86 -2.50 -16.84
N ALA B 15 -41.39 23.57 -32.77
CA ALA B 15 -41.27 22.60 -31.70
C ALA B 15 -40.19 23.03 -30.73
N LYS B 16 -40.58 23.82 -29.73
CA LYS B 16 -39.64 24.31 -28.75
C LYS B 16 -39.40 23.34 -27.60
N ARG B 17 -40.18 22.27 -27.50
CA ARG B 17 -39.99 21.34 -26.39
C ARG B 17 -38.82 20.40 -26.64
N HIS B 18 -38.29 20.38 -27.86
CA HIS B 18 -37.26 19.44 -28.25
C HIS B 18 -35.89 20.12 -28.40
N ARG B 19 -35.54 21.00 -27.47
CA ARG B 19 -34.31 21.76 -27.63
C ARG B 19 -33.08 20.89 -27.78
N LYS B 20 -32.68 20.19 -26.72
CA LYS B 20 -31.50 19.32 -26.80
C LYS B 20 -31.27 18.68 -25.44
N VAL B 21 -30.31 17.75 -25.42
CA VAL B 21 -29.73 17.23 -24.19
C VAL B 21 -28.21 17.23 -24.37
N LEU B 22 -27.50 17.31 -23.24
CA LEU B 22 -26.05 17.30 -23.24
C LEU B 22 -25.47 15.94 -23.57
N ARG B 23 -26.29 15.03 -24.09
CA ARG B 23 -25.92 13.85 -24.87
C ARG B 23 -25.08 12.86 -24.05
N ASP B 24 -24.65 13.30 -22.87
CA ASP B 24 -24.11 12.42 -21.85
C ASP B 24 -23.69 13.24 -20.64
N ASN B 25 -23.48 12.58 -19.52
CA ASN B 25 -22.90 13.26 -18.38
C ASN B 25 -21.39 13.29 -18.42
N ILE B 26 -20.76 12.30 -19.06
CA ILE B 26 -19.32 12.31 -19.15
C ILE B 26 -18.83 13.47 -19.99
N GLN B 27 -19.62 13.92 -20.97
CA GLN B 27 -19.22 15.08 -21.75
C GLN B 27 -19.25 16.36 -20.94
N GLY B 28 -19.90 16.36 -19.77
CA GLY B 28 -19.88 17.52 -18.93
C GLY B 28 -18.49 17.89 -18.44
N ILE B 29 -17.57 16.95 -18.48
CA ILE B 29 -16.17 17.25 -18.22
C ILE B 29 -15.61 17.85 -19.50
N THR B 30 -15.70 19.16 -19.61
CA THR B 30 -15.47 19.78 -20.90
C THR B 30 -13.99 19.78 -21.26
N LYS B 31 -13.73 20.04 -22.52
CA LYS B 31 -12.36 20.19 -22.99
C LYS B 31 -11.59 21.22 -22.19
N PRO B 32 -12.10 22.43 -21.94
CA PRO B 32 -11.31 23.38 -21.15
C PRO B 32 -11.00 22.92 -19.75
N ALA B 33 -11.89 22.18 -19.11
CA ALA B 33 -11.61 21.69 -17.78
C ALA B 33 -10.45 20.72 -17.78
N ILE B 34 -10.41 19.82 -18.76
CA ILE B 34 -9.28 18.91 -18.87
C ILE B 34 -8.01 19.69 -19.15
N ARG B 35 -8.09 20.73 -19.97
CA ARG B 35 -6.91 21.52 -20.22
C ARG B 35 -6.42 22.18 -18.94
N ARG B 36 -7.33 22.61 -18.07
CA ARG B 36 -6.90 23.21 -16.82
C ARG B 36 -6.24 22.19 -15.91
N LEU B 37 -6.78 20.98 -15.85
CA LEU B 37 -6.11 19.94 -15.05
C LEU B 37 -4.74 19.62 -15.61
N ALA B 38 -4.61 19.56 -16.94
CA ALA B 38 -3.32 19.31 -17.54
C ALA B 38 -2.35 20.43 -17.24
N ARG B 39 -2.80 21.68 -17.32
CA ARG B 39 -1.92 22.79 -17.01
C ARG B 39 -1.45 22.75 -15.58
N ARG B 40 -2.36 22.46 -14.65
CA ARG B 40 -1.93 22.29 -13.27
C ARG B 40 -0.91 21.18 -13.15
N GLY B 41 -1.11 20.10 -13.88
CA GLY B 41 -0.08 19.07 -13.87
C GLY B 41 1.23 19.53 -14.46
N GLY B 42 1.23 20.53 -15.31
CA GLY B 42 2.44 21.03 -15.89
C GLY B 42 2.66 20.71 -17.36
N VAL B 43 1.60 20.52 -18.10
CA VAL B 43 1.67 20.09 -19.48
C VAL B 43 1.54 21.30 -20.39
N LYS B 44 2.33 21.34 -21.46
CA LYS B 44 2.34 22.50 -22.34
C LYS B 44 1.48 22.32 -23.58
N ARG B 45 1.71 21.30 -24.38
CA ARG B 45 0.86 20.99 -25.52
C ARG B 45 0.07 19.74 -25.25
N ILE B 46 -1.14 19.69 -25.77
CA ILE B 46 -2.04 18.57 -25.54
C ILE B 46 -2.54 18.07 -26.88
N SER B 47 -2.23 16.82 -27.19
CA SER B 47 -2.76 16.23 -28.40
C SER B 47 -4.28 16.14 -28.34
N GLY B 48 -4.91 16.29 -29.49
CA GLY B 48 -6.35 16.40 -29.51
C GLY B 48 -7.09 15.20 -29.01
N LEU B 49 -6.45 14.04 -28.97
CA LEU B 49 -7.14 12.83 -28.55
C LEU B 49 -7.07 12.61 -27.05
N ILE B 50 -6.38 13.46 -26.32
CA ILE B 50 -6.18 13.24 -24.90
C ILE B 50 -7.49 13.21 -24.15
N TYR B 51 -8.44 14.04 -24.55
CA TYR B 51 -9.64 14.24 -23.76
C TYR B 51 -10.46 12.97 -23.64
N GLU B 52 -10.50 12.17 -24.69
CA GLU B 52 -11.39 11.01 -24.64
C GLU B 52 -10.93 9.99 -23.61
N GLU B 53 -9.66 9.59 -23.66
CA GLU B 53 -9.23 8.61 -22.66
C GLU B 53 -9.02 9.25 -21.30
N THR B 54 -8.89 10.57 -21.24
CA THR B 54 -8.96 11.19 -19.92
C THR B 54 -10.33 10.98 -19.29
N ARG B 55 -11.38 11.15 -20.09
CA ARG B 55 -12.71 10.88 -19.59
C ARG B 55 -12.85 9.41 -19.21
N GLY B 56 -12.31 8.52 -20.02
CA GLY B 56 -12.35 7.11 -19.67
C GLY B 56 -11.66 6.81 -18.35
N VAL B 57 -10.47 7.37 -18.15
CA VAL B 57 -9.71 7.14 -16.93
C VAL B 57 -10.48 7.64 -15.72
N LEU B 58 -11.02 8.85 -15.82
CA LEU B 58 -11.77 9.40 -14.71
C LEU B 58 -12.98 8.54 -14.39
N LYS B 59 -13.66 8.06 -15.43
CA LYS B 59 -14.82 7.23 -15.18
C LYS B 59 -14.45 5.96 -14.46
N VAL B 60 -13.34 5.33 -14.84
CA VAL B 60 -12.93 4.10 -14.17
C VAL B 60 -12.63 4.35 -12.71
N PHE B 61 -11.88 5.42 -12.43
CA PHE B 61 -11.53 5.74 -11.06
C PHE B 61 -12.76 5.96 -10.20
N LEU B 62 -13.71 6.74 -10.72
CA LEU B 62 -14.93 6.99 -9.96
C LEU B 62 -15.71 5.71 -9.76
N GLU B 63 -15.75 4.84 -10.76
CA GLU B 63 -16.45 3.58 -10.61
C GLU B 63 -15.93 2.83 -9.40
N ASN B 64 -14.61 2.68 -9.31
CA ASN B 64 -14.05 1.93 -8.18
C ASN B 64 -14.43 2.57 -6.86
N VAL B 65 -14.19 3.87 -6.71
CA VAL B 65 -14.40 4.49 -5.40
C VAL B 65 -15.86 4.44 -5.00
N ILE B 66 -16.77 4.76 -5.93
CA ILE B 66 -18.17 4.77 -5.59
C ILE B 66 -18.67 3.38 -5.27
N ARG B 67 -18.16 2.37 -5.96
CA ARG B 67 -18.55 1.01 -5.60
C ARG B 67 -18.21 0.74 -4.15
N ASP B 68 -17.00 1.10 -3.74
CA ASP B 68 -16.61 0.83 -2.35
C ASP B 68 -17.47 1.60 -1.36
N ALA B 69 -17.72 2.88 -1.65
CA ALA B 69 -18.50 3.68 -0.72
C ALA B 69 -19.92 3.19 -0.59
N VAL B 70 -20.51 2.77 -1.70
CA VAL B 70 -21.86 2.23 -1.64
C VAL B 70 -21.89 0.94 -0.85
N THR B 71 -20.84 0.14 -0.95
CA THR B 71 -20.78 -1.05 -0.11
C THR B 71 -20.79 -0.68 1.37
N TYR B 72 -19.99 0.32 1.74
CA TYR B 72 -19.99 0.75 3.14
C TYR B 72 -21.37 1.21 3.58
N THR B 73 -22.02 2.02 2.75
CA THR B 73 -23.34 2.54 3.10
C THR B 73 -24.34 1.42 3.26
N GLU B 74 -24.33 0.45 2.34
CA GLU B 74 -25.26 -0.67 2.47
C GLU B 74 -25.01 -1.41 3.76
N HIS B 75 -23.75 -1.62 4.12
CA HIS B 75 -23.49 -2.32 5.37
C HIS B 75 -24.05 -1.57 6.55
N ALA B 76 -23.92 -0.25 6.56
CA ALA B 76 -24.45 0.48 7.70
C ALA B 76 -25.95 0.61 7.68
N LYS B 77 -26.62 0.05 6.68
CA LYS B 77 -28.08 0.09 6.55
C LYS B 77 -28.61 1.50 6.37
N ARG B 78 -27.80 2.40 5.83
CA ARG B 78 -28.27 3.73 5.53
C ARG B 78 -28.64 3.83 4.06
N LYS B 79 -29.15 4.99 3.66
CA LYS B 79 -29.45 5.25 2.27
C LYS B 79 -28.80 6.51 1.74
N THR B 80 -28.02 7.21 2.54
CA THR B 80 -27.28 8.36 2.07
C THR B 80 -25.80 8.06 2.15
N VAL B 81 -25.09 8.21 1.03
CA VAL B 81 -23.64 8.14 1.08
C VAL B 81 -23.13 9.36 1.82
N THR B 82 -22.12 9.17 2.66
CA THR B 82 -21.61 10.26 3.47
C THR B 82 -20.12 10.45 3.26
N ALA B 83 -19.64 11.61 3.70
CA ALA B 83 -18.24 11.92 3.56
C ALA B 83 -17.37 10.86 4.18
N MET B 84 -17.80 10.29 5.30
CA MET B 84 -16.97 9.30 5.95
C MET B 84 -16.91 8.02 5.14
N ASP B 85 -18.01 7.66 4.49
CA ASP B 85 -18.00 6.50 3.62
C ASP B 85 -17.05 6.69 2.45
N VAL B 86 -17.05 7.87 1.86
CA VAL B 86 -16.11 8.10 0.77
C VAL B 86 -14.68 8.05 1.29
N VAL B 87 -14.44 8.62 2.47
CA VAL B 87 -13.09 8.63 3.01
C VAL B 87 -12.61 7.22 3.27
N TYR B 88 -13.46 6.38 3.84
CA TYR B 88 -13.10 4.98 4.04
C TYR B 88 -12.80 4.29 2.73
N ALA B 89 -13.62 4.54 1.70
CA ALA B 89 -13.36 3.89 0.43
C ALA B 89 -11.99 4.27 -0.11
N LEU B 90 -11.66 5.55 -0.04
CA LEU B 90 -10.37 5.99 -0.56
C LEU B 90 -9.23 5.38 0.25
N LYS B 91 -9.35 5.39 1.57
CA LYS B 91 -8.28 4.84 2.40
C LYS B 91 -8.07 3.37 2.12
N ARG B 92 -9.17 2.64 1.91
CA ARG B 92 -9.05 1.23 1.58
C ARG B 92 -8.33 1.05 0.26
N GLN B 93 -8.67 1.85 -0.74
CA GLN B 93 -7.98 1.71 -2.03
C GLN B 93 -6.56 2.23 -2.00
N GLY B 94 -6.14 2.91 -0.94
CA GLY B 94 -4.78 3.33 -0.84
C GLY B 94 -4.52 4.78 -1.18
N ARG B 95 -5.54 5.63 -1.10
CA ARG B 95 -5.38 7.06 -1.31
C ARG B 95 -6.04 7.76 -0.15
N THR B 96 -5.32 7.93 0.95
CA THR B 96 -5.89 8.59 2.10
C THR B 96 -6.21 10.04 1.78
N LEU B 97 -7.29 10.55 2.34
CA LEU B 97 -7.73 11.90 2.09
C LEU B 97 -7.89 12.64 3.41
N TYR B 98 -7.18 13.74 3.57
CA TYR B 98 -7.21 14.52 4.79
C TYR B 98 -8.09 15.73 4.61
N GLY B 99 -8.95 15.99 5.58
CA GLY B 99 -9.75 17.19 5.58
C GLY B 99 -11.24 16.98 5.47
N PHE B 100 -11.73 15.79 5.79
CA PHE B 100 -13.16 15.56 5.80
C PHE B 100 -13.60 14.70 6.98
N GLY B 101 -12.70 14.37 7.89
CA GLY B 101 -13.07 13.59 9.05
C GLY B 101 -12.12 12.45 9.33
N ALA C 12 -23.86 -37.12 24.53
CA ALA C 12 -24.22 -37.34 23.13
C ALA C 12 -22.98 -37.36 22.25
N LYS C 13 -23.06 -38.06 21.12
CA LYS C 13 -21.94 -38.12 20.20
C LYS C 13 -21.65 -36.73 19.63
N ALA C 14 -20.38 -36.45 19.44
CA ALA C 14 -19.93 -35.12 19.04
C ALA C 14 -19.95 -34.98 17.52
N LYS C 15 -20.32 -33.79 17.06
CA LYS C 15 -20.27 -33.45 15.64
C LYS C 15 -19.50 -32.16 15.47
N THR C 16 -18.50 -32.18 14.60
CA THR C 16 -17.72 -30.98 14.36
C THR C 16 -18.57 -29.93 13.64
N ARG C 17 -18.36 -28.68 14.02
CA ARG C 17 -19.02 -27.59 13.31
C ARG C 17 -18.75 -27.67 11.83
N SER C 18 -17.55 -28.09 11.46
CA SER C 18 -17.22 -28.25 10.06
C SER C 18 -18.13 -29.28 9.42
N SER C 19 -18.40 -30.38 10.12
CA SER C 19 -19.28 -31.39 9.55
C SER C 19 -20.69 -30.87 9.41
N ARG C 20 -21.19 -30.19 10.43
CA ARG C 20 -22.54 -29.63 10.35
C ARG C 20 -22.68 -28.71 9.16
N ALA C 21 -21.67 -27.89 8.91
CA ALA C 21 -21.67 -27.04 7.74
C ALA C 21 -21.22 -27.77 6.48
N GLY C 22 -20.74 -29.00 6.61
CA GLY C 22 -20.26 -29.72 5.45
C GLY C 22 -19.08 -29.09 4.77
N LEU C 23 -18.07 -28.69 5.53
CA LEU C 23 -16.86 -28.09 4.99
C LEU C 23 -15.69 -29.02 5.18
N GLN C 24 -14.56 -28.67 4.58
CA GLN C 24 -13.30 -29.34 4.87
C GLN C 24 -12.34 -28.48 5.67
N PHE C 25 -12.45 -27.17 5.59
CA PHE C 25 -11.65 -26.33 6.46
C PHE C 25 -12.25 -26.32 7.86
N PRO C 26 -11.44 -26.13 8.89
CA PRO C 26 -11.92 -26.37 10.25
C PRO C 26 -12.59 -25.17 10.87
N VAL C 27 -13.87 -25.29 11.23
CA VAL C 27 -14.56 -24.14 11.79
C VAL C 27 -14.04 -23.82 13.18
N GLY C 28 -13.80 -24.84 13.99
CA GLY C 28 -13.35 -24.58 15.35
C GLY C 28 -12.03 -23.85 15.39
N ARG C 29 -11.08 -24.26 14.56
CA ARG C 29 -9.81 -23.58 14.53
C ARG C 29 -9.97 -22.12 14.10
N VAL C 30 -10.79 -21.88 13.08
CA VAL C 30 -10.98 -20.51 12.62
C VAL C 30 -11.62 -19.68 13.71
N HIS C 31 -12.60 -20.24 14.40
CA HIS C 31 -13.22 -19.55 15.52
C HIS C 31 -12.17 -19.16 16.55
N ARG C 32 -11.31 -20.11 16.91
CA ARG C 32 -10.29 -19.80 17.91
C ARG C 32 -9.37 -18.72 17.42
N LEU C 33 -8.97 -18.78 16.15
CA LEU C 33 -8.07 -17.76 15.64
C LEU C 33 -8.72 -16.40 15.63
N LEU C 34 -10.01 -16.35 15.33
CA LEU C 34 -10.72 -15.08 15.40
C LEU C 34 -10.73 -14.53 16.80
N ARG C 35 -11.02 -15.38 17.78
CA ARG C 35 -11.14 -14.91 19.15
C ARG C 35 -9.79 -14.62 19.78
N LYS C 36 -8.72 -15.20 19.29
CA LYS C 36 -7.41 -15.00 19.87
C LYS C 36 -6.60 -13.99 19.07
N GLY C 37 -7.17 -13.42 18.03
CA GLY C 37 -6.47 -12.46 17.21
C GLY C 37 -6.76 -11.01 17.52
N ASN C 38 -7.59 -10.73 18.52
CA ASN C 38 -7.96 -9.36 18.87
C ASN C 38 -8.51 -8.63 17.65
N TYR C 39 -9.62 -9.15 17.14
CA TYR C 39 -10.32 -8.50 16.05
C TYR C 39 -11.56 -7.75 16.52
N ALA C 40 -12.24 -8.29 17.51
CA ALA C 40 -13.37 -7.59 18.13
C ALA C 40 -13.63 -8.25 19.47
N GLU C 41 -14.41 -7.56 20.28
CA GLU C 41 -14.68 -8.07 21.62
C GLU C 41 -15.41 -9.40 21.59
N ARG C 42 -16.36 -9.57 20.68
CA ARG C 42 -17.16 -10.78 20.63
C ARG C 42 -17.21 -11.27 19.20
N VAL C 43 -17.49 -12.55 19.02
CA VAL C 43 -17.48 -13.17 17.70
C VAL C 43 -18.78 -13.93 17.51
N GLY C 44 -19.52 -13.58 16.48
CA GLY C 44 -20.78 -14.22 16.23
C GLY C 44 -20.62 -15.69 15.94
N ALA C 45 -21.74 -16.40 15.92
CA ALA C 45 -21.69 -17.85 15.75
C ALA C 45 -21.42 -18.24 14.30
N GLY C 46 -21.95 -17.48 13.37
CA GLY C 46 -21.82 -17.83 11.97
C GLY C 46 -20.62 -17.23 11.27
N ALA C 47 -19.87 -16.39 11.95
CA ALA C 47 -18.66 -15.85 11.34
C ALA C 47 -17.65 -16.92 11.00
N PRO C 48 -17.29 -17.83 11.89
CA PRO C 48 -16.33 -18.86 11.50
C PRO C 48 -16.80 -19.70 10.35
N VAL C 49 -18.08 -20.07 10.33
CA VAL C 49 -18.59 -20.87 9.24
C VAL C 49 -18.46 -20.12 7.94
N TYR C 50 -18.85 -18.86 7.94
CA TYR C 50 -18.91 -18.14 6.69
C TYR C 50 -17.49 -17.98 6.15
N LEU C 51 -16.56 -17.62 7.05
CA LEU C 51 -15.17 -17.42 6.66
C LEU C 51 -14.53 -18.71 6.17
N ALA C 52 -14.75 -19.82 6.87
CA ALA C 52 -14.18 -21.08 6.44
C ALA C 52 -14.68 -21.44 5.05
N ALA C 53 -15.96 -21.21 4.80
CA ALA C 53 -16.48 -21.48 3.46
C ALA C 53 -15.75 -20.67 2.42
N VAL C 54 -15.49 -19.40 2.71
CA VAL C 54 -14.85 -18.55 1.72
C VAL C 54 -13.42 -18.99 1.46
N LEU C 55 -12.64 -19.27 2.51
CA LEU C 55 -11.27 -19.70 2.30
C LEU C 55 -11.21 -21.00 1.54
N GLU C 56 -12.11 -21.93 1.87
CA GLU C 56 -12.17 -23.19 1.16
C GLU C 56 -12.44 -22.97 -0.31
N TYR C 57 -13.36 -22.07 -0.63
CA TYR C 57 -13.67 -21.81 -2.03
C TYR C 57 -12.46 -21.26 -2.76
N LEU C 58 -11.78 -20.28 -2.16
CA LEU C 58 -10.64 -19.68 -2.85
C LEU C 58 -9.54 -20.68 -3.08
N THR C 59 -9.27 -21.51 -2.07
CA THR C 59 -8.26 -22.54 -2.23
C THR C 59 -8.64 -23.50 -3.33
N ALA C 60 -9.91 -23.89 -3.39
CA ALA C 60 -10.34 -24.78 -4.46
C ALA C 60 -10.10 -24.15 -5.82
N GLU C 61 -10.39 -22.87 -5.94
CA GLU C 61 -10.21 -22.18 -7.21
C GLU C 61 -8.75 -22.22 -7.65
N ILE C 62 -7.85 -21.79 -6.77
CA ILE C 62 -6.42 -21.76 -7.12
C ILE C 62 -5.91 -23.16 -7.40
N LEU C 63 -6.26 -24.13 -6.57
CA LEU C 63 -5.80 -25.49 -6.75
C LEU C 63 -6.24 -26.06 -8.08
N GLU C 64 -7.49 -25.83 -8.45
CA GLU C 64 -7.98 -26.35 -9.72
C GLU C 64 -7.19 -25.77 -10.87
N LEU C 65 -6.96 -24.45 -10.83
CA LEU C 65 -6.20 -23.83 -11.92
C LEU C 65 -4.78 -24.39 -11.99
N ALA C 66 -4.13 -24.52 -10.83
CA ALA C 66 -2.75 -24.98 -10.82
C ALA C 66 -2.64 -26.43 -11.24
N GLY C 67 -3.59 -27.26 -10.85
CA GLY C 67 -3.59 -28.63 -11.31
C GLY C 67 -3.73 -28.72 -12.83
N ASN C 68 -4.59 -27.89 -13.40
CA ASN C 68 -4.67 -27.88 -14.85
C ASN C 68 -3.35 -27.48 -15.45
N ALA C 69 -2.72 -26.44 -14.91
CA ALA C 69 -1.45 -25.97 -15.45
C ALA C 69 -0.40 -27.06 -15.36
N ALA C 70 -0.41 -27.83 -14.28
CA ALA C 70 0.53 -28.94 -14.15
C ALA C 70 0.26 -30.00 -15.20
N ARG C 71 -1.01 -30.38 -15.35
CA ARG C 71 -1.35 -31.45 -16.29
C ARG C 71 -0.95 -31.07 -17.70
N ASP C 72 -0.93 -29.77 -18.01
CA ASP C 72 -0.45 -29.36 -19.32
C ASP C 72 1.03 -29.66 -19.51
N ASN C 73 1.79 -29.80 -18.43
CA ASN C 73 3.20 -30.11 -18.52
C ASN C 73 3.48 -31.58 -18.27
N LYS C 74 2.47 -32.43 -18.33
CA LYS C 74 2.63 -33.86 -18.10
C LYS C 74 3.25 -34.11 -16.74
N LYS C 75 2.81 -33.33 -15.76
CA LYS C 75 3.29 -33.42 -14.40
C LYS C 75 2.13 -33.80 -13.50
N THR C 76 2.43 -34.55 -12.45
CA THR C 76 1.42 -34.97 -11.50
C THR C 76 1.66 -34.43 -10.11
N ARG C 77 2.51 -33.42 -9.97
CA ARG C 77 2.71 -32.74 -8.69
C ARG C 77 2.75 -31.25 -8.91
N ILE C 78 1.89 -30.52 -8.21
CA ILE C 78 1.95 -29.07 -8.25
C ILE C 78 3.29 -28.62 -7.71
N ILE C 79 3.85 -27.59 -8.33
CA ILE C 79 5.08 -26.95 -7.86
C ILE C 79 4.88 -25.45 -7.96
N PRO C 80 5.69 -24.66 -7.25
CA PRO C 80 5.50 -23.21 -7.29
C PRO C 80 5.38 -22.66 -8.70
N ARG C 81 6.04 -23.28 -9.68
CA ARG C 81 5.93 -22.81 -11.03
C ARG C 81 4.50 -22.91 -11.52
N HIS C 82 3.85 -24.03 -11.26
CA HIS C 82 2.47 -24.19 -11.67
C HIS C 82 1.57 -23.19 -10.97
N LEU C 83 1.78 -22.99 -9.67
CA LEU C 83 0.96 -22.00 -8.97
C LEU C 83 1.11 -20.62 -9.59
N GLN C 84 2.35 -20.24 -9.90
CA GLN C 84 2.58 -18.93 -10.50
C GLN C 84 1.90 -18.82 -11.85
N LEU C 85 1.99 -19.87 -12.67
CA LEU C 85 1.33 -19.82 -13.97
C LEU C 85 -0.17 -19.66 -13.81
N ALA C 86 -0.77 -20.45 -12.94
CA ALA C 86 -2.21 -20.35 -12.74
C ALA C 86 -2.59 -18.94 -12.35
N VAL C 87 -1.91 -18.40 -11.34
CA VAL C 87 -2.29 -17.09 -10.81
C VAL C 87 -2.14 -16.01 -11.86
N ARG C 88 -0.97 -15.95 -12.51
CA ARG C 88 -0.73 -14.85 -13.42
C ARG C 88 -1.51 -14.99 -14.72
N ASN C 89 -2.03 -16.17 -15.03
CA ASN C 89 -2.87 -16.27 -16.22
C ASN C 89 -4.34 -16.04 -15.93
N ASP C 90 -4.79 -16.27 -14.70
CA ASP C 90 -6.13 -15.85 -14.33
C ASP C 90 -6.11 -14.39 -13.90
N GLU C 91 -6.76 -13.54 -14.68
CA GLU C 91 -6.64 -12.09 -14.45
C GLU C 91 -7.26 -11.70 -13.13
N GLU C 92 -8.28 -12.41 -12.68
CA GLU C 92 -8.95 -12.00 -11.46
C GLU C 92 -8.13 -12.33 -10.23
N LEU C 93 -7.64 -13.56 -10.14
CA LEU C 93 -6.70 -13.88 -9.07
C LEU C 93 -5.45 -13.02 -9.18
N ASN C 94 -5.03 -12.70 -10.39
CA ASN C 94 -3.86 -11.84 -10.56
C ASN C 94 -4.12 -10.48 -9.93
N LYS C 95 -5.32 -9.95 -10.11
CA LYS C 95 -5.67 -8.71 -9.43
C LYS C 95 -5.67 -8.89 -7.93
N LEU C 96 -6.12 -10.06 -7.47
CA LEU C 96 -6.14 -10.30 -6.02
C LEU C 96 -4.74 -10.33 -5.44
N LEU C 97 -3.80 -10.95 -6.13
CA LEU C 97 -2.45 -11.15 -5.63
C LEU C 97 -1.46 -10.27 -6.39
N GLY C 98 -1.83 -9.03 -6.63
CA GLY C 98 -0.99 -8.16 -7.43
C GLY C 98 0.35 -7.89 -6.79
N ARG C 99 0.37 -7.75 -5.46
CA ARG C 99 1.57 -7.34 -4.75
C ARG C 99 2.25 -8.51 -4.05
N VAL C 100 2.21 -9.70 -4.63
CA VAL C 100 2.61 -10.91 -3.93
C VAL C 100 3.66 -11.64 -4.76
N THR C 101 4.73 -12.06 -4.08
CA THR C 101 5.85 -12.76 -4.69
C THR C 101 5.76 -14.24 -4.32
N ILE C 102 5.84 -15.10 -5.31
CA ILE C 102 5.76 -16.54 -5.10
C ILE C 102 7.15 -17.12 -5.33
N ALA C 103 7.73 -17.69 -4.30
CA ALA C 103 9.09 -18.19 -4.38
C ALA C 103 9.19 -19.30 -5.41
N GLN C 104 10.27 -19.30 -6.17
CA GLN C 104 10.52 -20.29 -7.21
C GLN C 104 9.45 -20.27 -8.28
N GLY C 105 8.73 -19.15 -8.38
CA GLY C 105 7.63 -19.08 -9.32
C GLY C 105 8.06 -18.87 -10.75
N GLY C 106 9.11 -18.12 -10.98
CA GLY C 106 9.45 -17.74 -12.32
C GLY C 106 8.57 -16.60 -12.80
N VAL C 107 8.51 -16.42 -14.12
CA VAL C 107 7.69 -15.40 -14.72
C VAL C 107 6.89 -16.00 -15.88
N LEU C 108 5.94 -15.24 -16.36
CA LEU C 108 5.15 -15.59 -17.52
C LEU C 108 5.95 -15.35 -18.79
N PRO C 109 6.00 -16.32 -19.69
CA PRO C 109 6.66 -16.09 -20.98
C PRO C 109 6.00 -14.96 -21.73
N ASN C 110 6.77 -13.92 -22.01
CA ASN C 110 6.25 -12.72 -22.67
C ASN C 110 7.39 -12.01 -23.37
N ILE C 111 7.29 -11.85 -24.68
CA ILE C 111 8.27 -11.11 -25.47
C ILE C 111 7.52 -10.02 -26.22
N GLN C 112 8.00 -8.79 -26.11
CA GLN C 112 7.37 -7.67 -26.78
C GLN C 112 7.42 -7.85 -28.28
N SER C 113 6.36 -7.46 -28.96
CA SER C 113 6.26 -7.71 -30.40
C SER C 113 7.35 -7.02 -31.19
N VAL C 114 7.81 -5.84 -30.75
CA VAL C 114 8.81 -5.10 -31.50
C VAL C 114 10.10 -5.87 -31.61
N LEU C 115 10.50 -6.56 -30.56
CA LEU C 115 11.76 -7.27 -30.55
C LEU C 115 11.82 -8.40 -31.55
N LEU C 116 10.71 -9.09 -31.79
CA LEU C 116 10.73 -10.26 -32.64
C LEU C 116 11.19 -9.89 -34.04
N PRO C 117 11.95 -10.76 -34.69
CA PRO C 117 12.54 -10.41 -35.99
C PRO C 117 11.49 -10.20 -37.06
N LYS C 118 11.85 -9.39 -38.05
CA LYS C 118 10.94 -9.07 -39.15
C LYS C 118 10.87 -10.22 -40.15
N THR D 29 8.17 -28.28 19.52
CA THR D 29 6.78 -28.03 19.88
C THR D 29 5.86 -28.11 18.67
N ARG D 30 4.57 -28.27 18.93
CA ARG D 30 3.61 -28.44 17.86
C ARG D 30 3.37 -27.13 17.14
N LYS D 31 3.40 -27.20 15.81
CA LYS D 31 3.10 -26.06 14.96
C LYS D 31 1.91 -26.43 14.09
N GLU D 32 0.92 -25.56 14.02
CA GLU D 32 -0.30 -25.84 13.29
C GLU D 32 -0.24 -25.20 11.91
N SER D 33 -0.68 -25.95 10.90
CA SER D 33 -0.78 -25.45 9.55
C SER D 33 -2.10 -25.88 8.96
N TYR D 34 -2.35 -25.45 7.73
CA TYR D 34 -3.56 -25.83 7.01
C TYR D 34 -3.31 -26.97 6.07
N ALA D 35 -2.31 -27.80 6.37
CA ALA D 35 -1.86 -28.78 5.41
C ALA D 35 -2.92 -29.82 5.11
N ILE D 36 -3.48 -30.45 6.16
CA ILE D 36 -4.38 -31.56 5.89
C ILE D 36 -5.63 -31.08 5.19
N TYR D 37 -6.09 -29.88 5.50
CA TYR D 37 -7.29 -29.38 4.85
C TYR D 37 -7.03 -29.02 3.40
N VAL D 38 -5.92 -28.35 3.11
CA VAL D 38 -5.61 -28.06 1.73
C VAL D 38 -5.49 -29.35 0.94
N TYR D 39 -4.94 -30.38 1.57
CA TYR D 39 -4.83 -31.65 0.88
C TYR D 39 -6.19 -32.26 0.60
N LYS D 40 -7.12 -32.18 1.56
CA LYS D 40 -8.47 -32.70 1.32
C LYS D 40 -9.14 -31.98 0.17
N VAL D 41 -9.04 -30.65 0.14
CA VAL D 41 -9.64 -29.91 -0.95
C VAL D 41 -9.02 -30.34 -2.28
N LEU D 42 -7.72 -30.52 -2.31
CA LEU D 42 -7.08 -30.93 -3.55
C LEU D 42 -7.58 -32.30 -3.97
N LYS D 43 -7.76 -33.22 -3.03
CA LYS D 43 -8.22 -34.53 -3.44
C LYS D 43 -9.69 -34.54 -3.80
N GLN D 44 -10.44 -33.50 -3.46
CA GLN D 44 -11.79 -33.41 -3.98
C GLN D 44 -11.82 -32.77 -5.36
N VAL D 45 -10.90 -31.84 -5.62
CA VAL D 45 -10.91 -31.13 -6.89
C VAL D 45 -10.24 -31.98 -7.98
N HIS D 46 -8.97 -32.29 -7.80
CA HIS D 46 -8.27 -33.20 -8.69
C HIS D 46 -8.03 -34.49 -7.92
N PRO D 47 -8.81 -35.53 -8.14
CA PRO D 47 -8.69 -36.71 -7.28
C PRO D 47 -7.42 -37.50 -7.50
N ASP D 48 -6.55 -37.09 -8.40
CA ASP D 48 -5.40 -37.90 -8.76
C ASP D 48 -4.11 -37.09 -8.87
N THR D 49 -4.06 -35.92 -8.24
CA THR D 49 -2.91 -35.05 -8.36
C THR D 49 -2.28 -34.85 -7.00
N GLY D 50 -0.97 -34.61 -6.99
CA GLY D 50 -0.25 -34.33 -5.77
C GLY D 50 0.31 -32.93 -5.75
N ILE D 51 0.79 -32.53 -4.58
CA ILE D 51 1.38 -31.22 -4.41
C ILE D 51 2.66 -31.38 -3.63
N SER D 52 3.73 -30.77 -4.13
CA SER D 52 5.02 -30.86 -3.49
C SER D 52 5.05 -29.96 -2.26
N SER D 53 6.05 -30.15 -1.42
CA SER D 53 6.05 -29.51 -0.11
C SER D 53 6.24 -28.01 -0.22
N LYS D 54 7.09 -27.55 -1.13
CA LYS D 54 7.26 -26.12 -1.27
C LYS D 54 5.96 -25.46 -1.70
N ALA D 55 5.25 -26.07 -2.63
CA ALA D 55 3.96 -25.53 -3.02
C ALA D 55 2.95 -25.64 -1.89
N MET D 56 3.09 -26.66 -1.06
CA MET D 56 2.19 -26.79 0.07
C MET D 56 2.40 -25.64 1.05
N SER D 57 3.65 -25.27 1.27
CA SER D 57 3.94 -24.11 2.11
C SER D 57 3.40 -22.84 1.48
N ILE D 58 3.52 -22.73 0.16
CA ILE D 58 2.97 -21.55 -0.51
C ILE D 58 1.47 -21.45 -0.26
N MET D 59 0.75 -22.56 -0.41
CA MET D 59 -0.69 -22.53 -0.19
C MET D 59 -1.02 -22.23 1.25
N ASN D 60 -0.25 -22.76 2.20
CA ASN D 60 -0.50 -22.46 3.59
C ASN D 60 -0.37 -20.98 3.86
N SER D 61 0.69 -20.35 3.35
CA SER D 61 0.87 -18.93 3.59
C SER D 61 -0.18 -18.11 2.85
N PHE D 62 -0.63 -18.55 1.68
CA PHE D 62 -1.72 -17.86 1.01
C PHE D 62 -2.98 -17.87 1.85
N VAL D 63 -3.30 -19.03 2.42
CA VAL D 63 -4.49 -19.14 3.25
C VAL D 63 -4.39 -18.21 4.45
N ASN D 64 -3.24 -18.20 5.12
CA ASN D 64 -3.10 -17.30 6.27
C ASN D 64 -3.21 -15.85 5.85
N ASP D 65 -2.65 -15.51 4.70
CA ASP D 65 -2.68 -14.12 4.24
C ASP D 65 -4.11 -13.66 4.01
N VAL D 66 -4.88 -14.44 3.26
CA VAL D 66 -6.24 -14.02 2.93
C VAL D 66 -7.11 -14.02 4.17
N PHE D 67 -6.90 -15.00 5.06
CA PHE D 67 -7.61 -14.97 6.33
C PHE D 67 -7.36 -13.66 7.04
N GLU D 68 -6.11 -13.25 7.13
CA GLU D 68 -5.79 -12.05 7.89
C GLU D 68 -6.39 -10.82 7.23
N ARG D 69 -6.38 -10.76 5.90
CA ARG D 69 -7.01 -9.64 5.22
C ARG D 69 -8.48 -9.53 5.57
N ILE D 70 -9.22 -10.62 5.39
CA ILE D 70 -10.65 -10.56 5.61
C ILE D 70 -10.95 -10.23 7.06
N ALA D 71 -10.22 -10.87 7.98
CA ALA D 71 -10.48 -10.62 9.39
C ALA D 71 -10.20 -9.18 9.77
N GLY D 72 -9.10 -8.62 9.28
CA GLY D 72 -8.83 -7.22 9.59
C GLY D 72 -9.88 -6.30 9.04
N GLU D 73 -10.36 -6.57 7.83
CA GLU D 73 -11.37 -5.70 7.25
C GLU D 73 -12.68 -5.78 8.04
N ALA D 74 -13.09 -6.99 8.40
CA ALA D 74 -14.29 -7.13 9.22
C ALA D 74 -14.13 -6.40 10.53
N SER D 75 -12.94 -6.48 11.12
CA SER D 75 -12.69 -5.77 12.36
C SER D 75 -12.91 -4.28 12.19
N ARG D 76 -12.35 -3.72 11.12
CA ARG D 76 -12.50 -2.29 10.92
C ARG D 76 -13.93 -1.89 10.62
N LEU D 77 -14.68 -2.72 9.90
CA LEU D 77 -16.09 -2.40 9.68
C LEU D 77 -16.86 -2.37 10.99
N ALA D 78 -16.67 -3.41 11.81
CA ALA D 78 -17.37 -3.45 13.09
C ALA D 78 -16.99 -2.25 13.95
N HIS D 79 -15.75 -1.80 13.84
CA HIS D 79 -15.34 -0.63 14.59
C HIS D 79 -16.01 0.63 14.06
N TYR D 80 -16.10 0.77 12.73
CA TYR D 80 -16.72 1.96 12.16
C TYR D 80 -18.16 2.08 12.60
N ASN D 81 -18.90 0.99 12.55
CA ASN D 81 -20.30 1.05 12.88
C ASN D 81 -20.56 1.00 14.38
N LYS D 82 -19.52 1.16 15.19
CA LYS D 82 -19.65 1.20 16.64
C LYS D 82 -20.32 -0.04 17.19
N ARG D 83 -20.06 -1.18 16.58
CA ARG D 83 -20.47 -2.46 17.11
C ARG D 83 -19.30 -3.10 17.81
N SER D 84 -19.57 -4.16 18.56
CA SER D 84 -18.55 -4.89 19.27
C SER D 84 -18.65 -6.38 19.01
N THR D 85 -18.94 -6.76 17.77
CA THR D 85 -19.17 -8.15 17.44
C THR D 85 -18.93 -8.33 15.95
N ILE D 86 -18.25 -9.40 15.60
CA ILE D 86 -18.01 -9.75 14.21
C ILE D 86 -19.02 -10.82 13.83
N THR D 87 -19.86 -10.52 12.87
CA THR D 87 -20.89 -11.44 12.47
C THR D 87 -20.76 -11.79 11.00
N SER D 88 -21.59 -12.72 10.58
CA SER D 88 -21.61 -13.10 9.17
C SER D 88 -21.86 -11.90 8.28
N ARG D 89 -22.57 -10.89 8.74
CA ARG D 89 -22.76 -9.70 7.91
C ARG D 89 -21.45 -8.97 7.69
N GLU D 90 -20.64 -8.78 8.74
CA GLU D 90 -19.36 -8.12 8.55
C GLU D 90 -18.44 -8.95 7.69
N ILE D 91 -18.41 -10.27 7.89
CA ILE D 91 -17.55 -11.08 7.04
C ILE D 91 -18.00 -10.99 5.59
N GLN D 92 -19.31 -11.00 5.36
CA GLN D 92 -19.83 -10.88 4.03
C GLN D 92 -19.43 -9.57 3.39
N THR D 93 -19.57 -8.48 4.12
CA THR D 93 -19.21 -7.19 3.57
C THR D 93 -17.72 -7.11 3.27
N ALA D 94 -16.90 -7.66 4.17
CA ALA D 94 -15.46 -7.62 3.94
C ALA D 94 -15.08 -8.44 2.73
N VAL D 95 -15.77 -9.55 2.50
CA VAL D 95 -15.51 -10.32 1.29
C VAL D 95 -15.86 -9.51 0.07
N ARG D 96 -17.02 -8.82 0.10
CA ARG D 96 -17.37 -7.98 -1.02
C ARG D 96 -16.29 -6.94 -1.30
N LEU D 97 -15.76 -6.33 -0.24
CA LEU D 97 -14.76 -5.29 -0.44
C LEU D 97 -13.47 -5.86 -1.02
N LEU D 98 -12.95 -6.92 -0.41
CA LEU D 98 -11.66 -7.46 -0.85
C LEU D 98 -11.75 -8.14 -2.19
N LEU D 99 -12.49 -9.21 -2.27
CA LEU D 99 -12.46 -9.99 -3.49
C LEU D 99 -13.17 -9.26 -4.61
N PRO D 100 -12.56 -9.15 -5.78
CA PRO D 100 -13.16 -8.39 -6.87
C PRO D 100 -13.92 -9.28 -7.84
N GLY D 101 -14.70 -8.65 -8.70
CA GLY D 101 -15.30 -9.33 -9.82
C GLY D 101 -16.16 -10.53 -9.48
N GLU D 102 -15.96 -11.62 -10.19
CA GLU D 102 -16.79 -12.80 -10.02
C GLU D 102 -16.52 -13.49 -8.70
N LEU D 103 -15.29 -13.44 -8.23
CA LEU D 103 -14.95 -14.05 -6.95
C LEU D 103 -15.84 -13.53 -5.83
N ALA D 104 -16.14 -12.24 -5.82
CA ALA D 104 -16.99 -11.73 -4.75
C ALA D 104 -18.32 -12.46 -4.72
N LYS D 105 -19.02 -12.52 -5.85
CA LYS D 105 -20.34 -13.11 -5.87
C LYS D 105 -20.28 -14.61 -5.58
N HIS D 106 -19.30 -15.29 -6.17
CA HIS D 106 -19.21 -16.72 -5.93
C HIS D 106 -18.90 -17.03 -4.48
N ALA D 107 -17.96 -16.30 -3.89
CA ALA D 107 -17.59 -16.55 -2.51
C ALA D 107 -18.76 -16.27 -1.57
N VAL D 108 -19.47 -15.17 -1.81
CA VAL D 108 -20.61 -14.86 -0.96
C VAL D 108 -21.67 -15.93 -1.07
N SER D 109 -21.90 -16.42 -2.29
CA SER D 109 -22.86 -17.51 -2.46
C SER D 109 -22.45 -18.73 -1.66
N GLU D 110 -21.17 -19.11 -1.75
CA GLU D 110 -20.68 -20.26 -1.02
C GLU D 110 -20.88 -20.09 0.48
N GLY D 111 -20.52 -18.92 0.99
CA GLY D 111 -20.60 -18.71 2.43
C GLY D 111 -22.02 -18.70 2.94
N THR D 112 -22.92 -18.03 2.23
CA THR D 112 -24.31 -18.02 2.68
C THR D 112 -24.90 -19.41 2.62
N LYS D 113 -24.55 -20.17 1.59
CA LYS D 113 -24.99 -21.56 1.52
C LYS D 113 -24.53 -22.32 2.75
N ALA D 114 -23.27 -22.17 3.12
CA ALA D 114 -22.74 -22.88 4.27
C ALA D 114 -23.41 -22.47 5.57
N VAL D 115 -23.62 -21.16 5.79
CA VAL D 115 -24.24 -20.73 7.04
C VAL D 115 -25.69 -21.19 7.11
N THR D 116 -26.40 -21.11 5.99
CA THR D 116 -27.75 -21.65 5.93
C THR D 116 -27.77 -23.10 6.37
N LYS D 117 -26.93 -23.93 5.75
CA LYS D 117 -26.92 -25.34 6.08
C LYS D 117 -26.54 -25.55 7.53
N TYR D 118 -25.59 -24.77 8.02
CA TYR D 118 -25.15 -24.91 9.41
C TYR D 118 -26.27 -24.63 10.39
N THR D 119 -27.02 -23.56 10.15
CA THR D 119 -28.12 -23.23 11.05
C THR D 119 -29.23 -24.26 10.95
N SER D 120 -29.52 -24.74 9.76
CA SER D 120 -30.53 -25.78 9.62
C SER D 120 -30.19 -27.02 10.42
N ALA D 121 -28.91 -27.27 10.69
CA ALA D 121 -28.49 -28.42 11.49
C ALA D 121 -27.84 -27.95 12.79
N ARG E 40 28.40 -18.39 -37.35
CA ARG E 40 28.03 -17.30 -36.46
C ARG E 40 26.57 -16.92 -36.61
N TYR E 41 25.91 -16.72 -35.48
CA TYR E 41 24.55 -16.19 -35.50
C TYR E 41 24.60 -14.67 -35.59
N ARG E 42 23.58 -14.11 -36.22
CA ARG E 42 23.50 -12.67 -36.33
C ARG E 42 23.17 -12.08 -34.97
N PRO E 43 23.62 -10.86 -34.69
CA PRO E 43 23.40 -10.28 -33.36
C PRO E 43 21.92 -10.15 -33.06
N GLY E 44 21.50 -10.72 -31.94
CA GLY E 44 20.12 -10.69 -31.52
C GLY E 44 19.50 -12.07 -31.43
N THR E 45 19.79 -12.97 -32.36
CA THR E 45 19.17 -14.28 -32.32
C THR E 45 19.42 -14.99 -31.01
N VAL E 46 20.68 -15.05 -30.59
CA VAL E 46 20.99 -15.68 -29.31
C VAL E 46 20.32 -14.93 -28.18
N ALA E 47 20.11 -13.63 -28.32
CA ALA E 47 19.43 -12.88 -27.28
C ALA E 47 18.01 -13.38 -27.09
N LEU E 48 17.27 -13.58 -28.18
CA LEU E 48 15.94 -14.16 -28.07
C LEU E 48 15.97 -15.58 -27.55
N ARG E 49 16.95 -16.37 -27.99
CA ARG E 49 17.04 -17.73 -27.50
C ARG E 49 17.22 -17.75 -26.00
N GLU E 50 18.12 -16.93 -25.48
CA GLU E 50 18.35 -16.97 -24.05
C GLU E 50 17.20 -16.32 -23.29
N ILE E 51 16.51 -15.37 -23.91
CA ILE E 51 15.28 -14.87 -23.31
C ILE E 51 14.32 -16.03 -23.09
N ARG E 52 14.13 -16.85 -24.11
CA ARG E 52 13.22 -17.96 -23.98
C ARG E 52 13.66 -18.90 -22.88
N ARG E 53 14.95 -19.25 -22.87
CA ARG E 53 15.43 -20.19 -21.87
C ARG E 53 15.18 -19.67 -20.46
N TYR E 54 15.55 -18.42 -20.21
CA TYR E 54 15.48 -17.90 -18.86
C TYR E 54 14.08 -17.57 -18.42
N GLN E 55 13.21 -17.18 -19.32
CA GLN E 55 11.81 -17.05 -18.94
C GLN E 55 11.16 -18.39 -18.70
N LYS E 56 11.64 -19.45 -19.33
CA LYS E 56 11.11 -20.78 -19.08
C LYS E 56 11.56 -21.36 -17.75
N SER E 57 12.81 -21.13 -17.37
CA SER E 57 13.30 -21.72 -16.13
C SER E 57 12.68 -21.05 -14.91
N THR E 58 13.12 -21.48 -13.72
CA THR E 58 12.63 -20.89 -12.47
C THR E 58 13.71 -20.59 -11.44
N GLU E 59 14.93 -21.08 -11.62
CA GLU E 59 15.92 -21.01 -10.56
C GLU E 59 16.44 -19.60 -10.37
N LEU E 60 17.24 -19.41 -9.32
CA LEU E 60 17.85 -18.13 -9.03
C LEU E 60 19.00 -17.89 -9.99
N LEU E 61 19.33 -16.62 -10.21
CA LEU E 61 20.32 -16.27 -11.22
C LEU E 61 21.59 -15.65 -10.65
N ILE E 62 21.59 -15.26 -9.40
CA ILE E 62 22.79 -14.73 -8.76
C ILE E 62 23.39 -15.83 -7.90
N ARG E 63 24.71 -15.81 -7.76
CA ARG E 63 25.39 -16.89 -7.04
C ARG E 63 25.25 -16.69 -5.54
N LYS E 64 25.13 -17.82 -4.84
CA LYS E 64 24.78 -17.79 -3.43
C LYS E 64 25.82 -17.07 -2.59
N LEU E 65 27.10 -17.41 -2.75
CA LEU E 65 28.13 -16.75 -1.95
C LEU E 65 28.24 -15.26 -2.23
N PRO E 66 28.29 -14.80 -3.48
CA PRO E 66 28.31 -13.35 -3.69
C PRO E 66 27.15 -12.67 -3.03
N PHE E 67 25.95 -13.21 -3.18
CA PHE E 67 24.81 -12.56 -2.56
C PHE E 67 24.93 -12.57 -1.05
N GLN E 68 25.40 -13.68 -0.48
CA GLN E 68 25.47 -13.78 0.96
C GLN E 68 26.48 -12.81 1.53
N ARG E 69 27.64 -12.70 0.89
CA ARG E 69 28.61 -11.71 1.34
C ARG E 69 28.06 -10.31 1.26
N LEU E 70 27.36 -10.00 0.18
CA LEU E 70 26.79 -8.66 0.07
C LEU E 70 25.80 -8.40 1.18
N VAL E 71 24.94 -9.38 1.47
CA VAL E 71 23.95 -9.19 2.52
C VAL E 71 24.62 -8.95 3.85
N ARG E 72 25.64 -9.75 4.17
CA ARG E 72 26.32 -9.57 5.45
C ARG E 72 26.97 -8.21 5.55
N GLU E 73 27.63 -7.77 4.49
CA GLU E 73 28.28 -6.46 4.52
C GLU E 73 27.26 -5.36 4.74
N ILE E 74 26.13 -5.42 4.05
CA ILE E 74 25.11 -4.41 4.25
C ILE E 74 24.61 -4.45 5.68
N ALA E 75 24.39 -5.64 6.22
CA ALA E 75 23.87 -5.76 7.56
C ALA E 75 24.83 -5.22 8.61
N GLN E 76 26.13 -5.23 8.36
CA GLN E 76 27.06 -4.72 9.36
C GLN E 76 26.84 -3.26 9.69
N ASP E 77 26.14 -2.51 8.85
CA ASP E 77 25.98 -1.09 9.08
C ASP E 77 24.82 -0.75 9.99
N PHE E 78 24.06 -1.74 10.43
CA PHE E 78 22.95 -1.49 11.33
C PHE E 78 23.14 -2.11 12.70
N LYS E 79 23.81 -3.24 12.79
CA LYS E 79 24.11 -3.82 14.09
C LYS E 79 25.24 -4.80 13.89
N THR E 80 26.38 -4.51 14.51
CA THR E 80 27.54 -5.37 14.34
C THR E 80 27.29 -6.74 14.96
N ASP E 81 27.97 -7.73 14.43
CA ASP E 81 27.93 -9.10 14.94
C ASP E 81 26.50 -9.66 14.89
N LEU E 82 25.99 -9.78 13.68
CA LEU E 82 24.73 -10.43 13.41
C LEU E 82 24.95 -11.82 12.86
N ARG E 83 24.05 -12.71 13.18
CA ARG E 83 24.04 -14.03 12.58
C ARG E 83 22.86 -14.08 11.64
N PHE E 84 22.79 -15.14 10.85
CA PHE E 84 21.74 -15.28 9.86
C PHE E 84 21.28 -16.72 9.82
N GLN E 85 20.13 -16.94 9.22
CA GLN E 85 19.72 -18.27 8.85
C GLN E 85 19.82 -18.42 7.34
N SER E 86 20.19 -19.61 6.90
CA SER E 86 20.27 -19.86 5.47
C SER E 86 18.94 -19.58 4.81
N SER E 87 17.84 -19.95 5.46
CA SER E 87 16.54 -19.64 4.90
C SER E 87 16.32 -18.14 4.83
N ALA E 88 16.87 -17.38 5.77
CA ALA E 88 16.71 -15.93 5.71
C ALA E 88 17.42 -15.36 4.50
N VAL E 89 18.65 -15.81 4.24
CA VAL E 89 19.34 -15.28 3.08
C VAL E 89 18.63 -15.71 1.79
N MET E 90 18.11 -16.94 1.75
CA MET E 90 17.36 -17.36 0.58
C MET E 90 16.12 -16.49 0.37
N ALA E 91 15.44 -16.13 1.45
CA ALA E 91 14.30 -15.25 1.32
C ALA E 91 14.71 -13.92 0.71
N LEU E 92 15.82 -13.37 1.19
CA LEU E 92 16.30 -12.12 0.64
C LEU E 92 16.60 -12.25 -0.84
N GLN E 93 17.19 -13.37 -1.26
CA GLN E 93 17.54 -13.51 -2.66
C GLN E 93 16.31 -13.66 -3.53
N GLU E 94 15.32 -14.43 -3.08
CA GLU E 94 14.06 -14.50 -3.82
C GLU E 94 13.46 -13.13 -4.03
N ALA E 95 13.34 -12.36 -2.94
CA ALA E 95 12.72 -11.05 -3.06
C ALA E 95 13.51 -10.13 -3.98
N SER E 96 14.83 -10.14 -3.86
CA SER E 96 15.66 -9.26 -4.66
C SER E 96 15.54 -9.58 -6.14
N GLU E 97 15.63 -10.86 -6.50
CA GLU E 97 15.54 -11.22 -7.90
C GLU E 97 14.18 -10.90 -8.47
N ALA E 98 13.12 -11.15 -7.72
CA ALA E 98 11.80 -10.78 -8.20
C ALA E 98 11.72 -9.29 -8.47
N TYR E 99 12.24 -8.48 -7.55
CA TYR E 99 12.18 -7.05 -7.71
C TYR E 99 12.92 -6.60 -8.96
N LEU E 100 14.12 -7.12 -9.17
CA LEU E 100 14.90 -6.70 -10.33
C LEU E 100 14.25 -7.13 -11.62
N VAL E 101 13.66 -8.32 -11.66
CA VAL E 101 12.98 -8.73 -12.88
C VAL E 101 11.83 -7.79 -13.21
N ALA E 102 11.04 -7.43 -12.20
CA ALA E 102 9.95 -6.49 -12.46
C ALA E 102 10.48 -5.15 -12.96
N LEU E 103 11.57 -4.67 -12.37
CA LEU E 103 12.11 -3.39 -12.79
C LEU E 103 12.58 -3.45 -14.23
N PHE E 104 13.17 -4.56 -14.64
CA PHE E 104 13.64 -4.66 -16.02
C PHE E 104 12.47 -4.76 -16.99
N GLU E 105 11.37 -5.36 -16.57
CA GLU E 105 10.19 -5.35 -17.42
C GLU E 105 9.73 -3.93 -17.69
N ASP E 106 9.62 -3.13 -16.63
CA ASP E 106 9.17 -1.74 -16.82
C ASP E 106 10.19 -0.94 -17.62
N THR E 107 11.47 -1.19 -17.40
CA THR E 107 12.50 -0.52 -18.18
C THR E 107 12.38 -0.83 -19.66
N ASN E 108 12.13 -2.09 -19.99
CA ASN E 108 11.94 -2.43 -21.39
C ASN E 108 10.74 -1.70 -21.96
N LEU E 109 9.67 -1.60 -21.20
CA LEU E 109 8.51 -0.87 -21.69
C LEU E 109 8.88 0.58 -22.01
N CYS E 110 9.61 1.23 -21.12
CA CYS E 110 9.99 2.61 -21.37
C CYS E 110 10.86 2.73 -22.60
N ALA E 111 11.83 1.84 -22.75
CA ALA E 111 12.73 1.93 -23.90
C ALA E 111 11.99 1.73 -25.20
N ILE E 112 11.05 0.81 -25.24
CA ILE E 112 10.26 0.64 -26.45
C ILE E 112 9.43 1.89 -26.71
N HIS E 113 8.92 2.50 -25.64
CA HIS E 113 8.15 3.72 -25.82
C HIS E 113 8.99 4.82 -26.45
N ALA E 114 10.23 4.93 -26.04
CA ALA E 114 11.11 5.94 -26.62
C ALA E 114 11.62 5.54 -27.99
N LYS E 115 11.04 4.50 -28.60
CA LYS E 115 11.33 4.11 -29.96
C LYS E 115 12.76 3.57 -30.07
N ARG E 116 13.08 2.59 -29.23
CA ARG E 116 14.40 1.97 -29.19
C ARG E 116 14.22 0.50 -28.89
N VAL E 117 15.35 -0.22 -28.83
CA VAL E 117 15.38 -1.58 -28.33
C VAL E 117 16.42 -1.77 -27.25
N THR E 118 17.26 -0.78 -27.01
CA THR E 118 18.34 -0.87 -26.04
C THR E 118 17.94 -0.12 -24.79
N ILE E 119 17.96 -0.80 -23.65
CA ILE E 119 17.56 -0.14 -22.42
C ILE E 119 18.74 0.65 -21.87
N MET E 120 18.45 1.78 -21.26
CA MET E 120 19.50 2.67 -20.78
C MET E 120 19.17 3.23 -19.41
N PRO E 121 20.17 3.75 -18.70
CA PRO E 121 19.94 4.22 -17.33
C PRO E 121 18.82 5.22 -17.21
N LYS E 122 18.62 6.07 -18.21
CA LYS E 122 17.48 6.98 -18.15
C LYS E 122 16.17 6.23 -18.17
N ASP E 123 16.11 5.09 -18.87
CA ASP E 123 14.91 4.26 -18.81
C ASP E 123 14.71 3.69 -17.42
N ILE E 124 15.78 3.22 -16.79
CA ILE E 124 15.62 2.71 -15.43
C ILE E 124 15.13 3.82 -14.51
N GLN E 125 15.72 5.00 -14.60
CA GLN E 125 15.34 6.10 -13.72
C GLN E 125 13.90 6.52 -13.93
N LEU E 126 13.46 6.57 -15.19
CA LEU E 126 12.08 6.92 -15.44
C LEU E 126 11.14 5.89 -14.83
N ALA E 127 11.45 4.61 -14.99
CA ALA E 127 10.59 3.58 -14.42
C ALA E 127 10.49 3.75 -12.92
N ARG E 128 11.62 3.96 -12.25
CA ARG E 128 11.59 4.09 -10.81
C ARG E 128 10.80 5.32 -10.39
N ARG E 129 10.98 6.43 -11.09
CA ARG E 129 10.24 7.63 -10.72
C ARG E 129 8.75 7.42 -10.86
N ILE E 130 8.31 6.83 -11.96
CA ILE E 130 6.88 6.63 -12.15
C ILE E 130 6.33 5.69 -11.10
N ARG E 131 7.06 4.60 -10.81
CA ARG E 131 6.64 3.71 -9.75
C ARG E 131 6.64 4.40 -8.41
N GLY E 132 7.31 5.53 -8.29
CA GLY E 132 7.27 6.29 -7.06
C GLY E 132 8.32 5.88 -6.07
N GLU E 133 9.46 5.35 -6.53
CA GLU E 133 10.52 4.93 -5.64
C GLU E 133 11.62 5.96 -5.50
N ARG E 134 11.50 7.12 -6.14
CA ARG E 134 12.53 8.14 -6.06
C ARG E 134 12.41 8.89 -4.74
N ALA F 15 55.74 -11.60 -4.35
CA ALA F 15 55.12 -12.00 -3.08
C ALA F 15 53.73 -12.56 -3.30
N LYS F 16 53.53 -13.80 -2.86
CA LYS F 16 52.26 -14.48 -3.04
C LYS F 16 51.22 -14.09 -2.00
N ARG F 17 51.60 -13.26 -1.02
CA ARG F 17 50.65 -12.84 0.00
C ARG F 17 49.56 -11.94 -0.56
N HIS F 18 49.89 -11.05 -1.48
CA HIS F 18 49.01 -9.98 -1.89
C HIS F 18 48.35 -10.24 -3.24
N ARG F 19 47.91 -11.47 -3.48
CA ARG F 19 47.36 -11.84 -4.78
C ARG F 19 46.27 -10.90 -5.27
N LYS F 20 45.13 -10.86 -4.57
CA LYS F 20 44.00 -10.04 -5.03
C LYS F 20 42.88 -10.11 -4.01
N VAL F 21 41.97 -9.13 -4.11
CA VAL F 21 40.69 -9.13 -3.42
C VAL F 21 39.63 -8.70 -4.43
N LEU F 22 38.38 -9.04 -4.12
CA LEU F 22 37.25 -8.72 -5.01
C LEU F 22 36.89 -7.24 -4.97
N ARG F 23 37.72 -6.42 -4.32
CA ARG F 23 37.76 -4.96 -4.40
C ARG F 23 36.44 -4.31 -3.99
N ASP F 24 35.43 -5.14 -3.71
CA ASP F 24 34.09 -4.89 -3.19
C ASP F 24 33.35 -6.20 -3.07
N ASN F 25 32.26 -6.20 -2.32
CA ASN F 25 31.29 -7.27 -2.45
C ASN F 25 30.25 -6.96 -3.51
N ILE F 26 29.89 -5.69 -3.68
CA ILE F 26 28.86 -5.34 -4.64
C ILE F 26 29.27 -5.71 -6.05
N GLN F 27 30.57 -5.81 -6.31
CA GLN F 27 31.02 -6.27 -7.62
C GLN F 27 30.88 -7.77 -7.79
N GLY F 28 30.58 -8.50 -6.72
CA GLY F 28 30.29 -9.91 -6.88
C GLY F 28 29.04 -10.20 -7.67
N ILE F 29 28.17 -9.21 -7.83
CA ILE F 29 27.02 -9.33 -8.69
C ILE F 29 27.52 -9.15 -10.11
N THR F 30 27.92 -10.23 -10.74
CA THR F 30 28.70 -10.12 -11.96
C THR F 30 27.84 -9.59 -13.09
N LYS F 31 28.52 -9.03 -14.09
CA LYS F 31 27.84 -8.60 -15.30
C LYS F 31 27.05 -9.72 -15.97
N PRO F 32 27.55 -10.95 -16.09
CA PRO F 32 26.70 -12.00 -16.65
C PRO F 32 25.43 -12.25 -15.88
N ALA F 33 25.47 -12.16 -14.55
CA ALA F 33 24.26 -12.37 -13.78
C ALA F 33 23.23 -11.30 -14.07
N ILE F 34 23.66 -10.05 -14.17
CA ILE F 34 22.72 -8.99 -14.50
C ILE F 34 22.16 -9.19 -15.89
N ARG F 35 22.99 -9.63 -16.83
CA ARG F 35 22.45 -9.93 -18.14
C ARG F 35 21.37 -10.99 -18.04
N ARG F 36 21.57 -12.01 -17.20
CA ARG F 36 20.59 -13.08 -17.10
C ARG F 36 19.29 -12.58 -16.49
N LEU F 37 19.38 -11.74 -15.47
CA LEU F 37 18.15 -11.16 -14.92
C LEU F 37 17.43 -10.30 -15.95
N ALA F 38 18.18 -9.55 -16.74
CA ALA F 38 17.57 -8.74 -17.78
C ALA F 38 16.91 -9.61 -18.83
N ARG F 39 17.54 -10.73 -19.18
CA ARG F 39 16.97 -11.64 -20.16
C ARG F 39 15.70 -12.26 -19.65
N ARG F 40 15.66 -12.63 -18.37
CA ARG F 40 14.41 -13.10 -17.81
C ARG F 40 13.36 -11.99 -17.83
N GLY F 41 13.75 -10.76 -17.58
CA GLY F 41 12.79 -9.68 -17.66
C GLY F 41 12.28 -9.39 -19.05
N GLY F 42 12.85 -10.02 -20.06
CA GLY F 42 12.39 -9.81 -21.42
C GLY F 42 13.19 -8.82 -22.23
N VAL F 43 14.38 -8.46 -21.80
CA VAL F 43 15.18 -7.44 -22.45
C VAL F 43 16.05 -8.11 -23.51
N LYS F 44 16.26 -7.42 -24.62
CA LYS F 44 16.99 -7.98 -25.75
C LYS F 44 18.39 -7.40 -25.91
N ARG F 45 18.56 -6.08 -25.78
CA ARG F 45 19.84 -5.42 -25.98
C ARG F 45 20.09 -4.48 -24.81
N ILE F 46 21.30 -4.51 -24.26
CA ILE F 46 21.59 -3.87 -22.99
C ILE F 46 22.71 -2.85 -23.17
N SER F 47 22.47 -1.62 -22.75
CA SER F 47 23.50 -0.61 -22.79
C SER F 47 24.60 -0.93 -21.81
N GLY F 48 25.83 -0.60 -22.18
CA GLY F 48 26.94 -0.97 -21.35
C GLY F 48 26.98 -0.33 -19.99
N LEU F 49 26.24 0.75 -19.79
CA LEU F 49 26.26 1.47 -18.52
C LEU F 49 25.26 0.91 -17.53
N ILE F 50 24.43 -0.03 -17.94
CA ILE F 50 23.31 -0.46 -17.12
C ILE F 50 23.75 -1.05 -15.80
N TYR F 51 24.91 -1.70 -15.79
CA TYR F 51 25.25 -2.56 -14.66
C TYR F 51 25.47 -1.76 -13.39
N GLU F 52 26.05 -0.57 -13.50
CA GLU F 52 26.25 0.25 -12.31
C GLU F 52 24.93 0.70 -11.68
N GLU F 53 23.99 1.16 -12.49
CA GLU F 53 22.68 1.54 -11.94
C GLU F 53 21.97 0.34 -11.37
N THR F 54 22.10 -0.81 -12.01
CA THR F 54 21.46 -2.00 -11.45
C THR F 54 22.04 -2.33 -10.09
N ARG F 55 23.37 -2.25 -9.94
CA ARG F 55 23.97 -2.51 -8.65
C ARG F 55 23.50 -1.50 -7.61
N GLY F 56 23.43 -0.22 -7.98
CA GLY F 56 22.96 0.77 -7.04
C GLY F 56 21.53 0.53 -6.60
N VAL F 57 20.66 0.21 -7.56
CA VAL F 57 19.26 -0.04 -7.25
C VAL F 57 19.13 -1.21 -6.29
N LEU F 58 19.84 -2.30 -6.59
CA LEU F 58 19.78 -3.47 -5.73
C LEU F 58 20.26 -3.14 -4.33
N LYS F 59 21.35 -2.39 -4.23
CA LYS F 59 21.90 -2.11 -2.92
C LYS F 59 20.93 -1.29 -2.09
N VAL F 60 20.26 -0.33 -2.70
CA VAL F 60 19.28 0.47 -1.97
C VAL F 60 18.13 -0.42 -1.48
N PHE F 61 17.62 -1.26 -2.36
CA PHE F 61 16.53 -2.15 -2.00
C PHE F 61 16.90 -3.00 -0.79
N LEU F 62 18.09 -3.59 -0.84
CA LEU F 62 18.53 -4.44 0.25
C LEU F 62 18.68 -3.63 1.53
N GLU F 63 19.17 -2.40 1.44
CA GLU F 63 19.32 -1.63 2.67
C GLU F 63 17.98 -1.45 3.36
N ASN F 64 16.95 -1.10 2.60
CA ASN F 64 15.64 -0.91 3.22
C ASN F 64 15.16 -2.19 3.90
N VAL F 65 15.18 -3.29 3.16
CA VAL F 65 14.61 -4.53 3.70
C VAL F 65 15.40 -5.00 4.91
N ILE F 66 16.73 -4.98 4.81
CA ILE F 66 17.54 -5.47 5.92
C ILE F 66 17.39 -4.59 7.13
N ARG F 67 17.28 -3.28 6.96
CA ARG F 67 17.06 -2.43 8.11
C ARG F 67 15.81 -2.86 8.85
N ASP F 68 14.73 -3.08 8.12
CA ASP F 68 13.50 -3.49 8.79
C ASP F 68 13.66 -4.85 9.48
N ALA F 69 14.30 -5.80 8.82
CA ALA F 69 14.44 -7.13 9.40
C ALA F 69 15.25 -7.08 10.67
N VAL F 70 16.33 -6.31 10.69
CA VAL F 70 17.12 -6.20 11.90
C VAL F 70 16.34 -5.54 13.00
N THR F 71 15.50 -4.56 12.66
CA THR F 71 14.67 -3.95 13.69
C THR F 71 13.77 -4.99 14.34
N TYR F 72 13.11 -5.82 13.53
CA TYR F 72 12.28 -6.88 14.10
C TYR F 72 13.11 -7.79 15.00
N THR F 73 14.27 -8.22 14.50
CA THR F 73 15.09 -9.14 15.26
C THR F 73 15.44 -8.58 16.62
N GLU F 74 16.01 -7.40 16.66
CA GLU F 74 16.46 -6.92 17.95
C GLU F 74 15.32 -6.47 18.83
N HIS F 75 14.14 -6.20 18.28
CA HIS F 75 13.00 -6.09 19.18
C HIS F 75 12.73 -7.40 19.88
N ALA F 76 12.82 -8.51 19.16
CA ALA F 76 12.61 -9.77 19.86
C ALA F 76 13.76 -10.14 20.78
N LYS F 77 14.75 -9.26 20.94
CA LYS F 77 15.92 -9.52 21.77
C LYS F 77 16.70 -10.74 21.33
N ARG F 78 16.68 -11.03 20.04
CA ARG F 78 17.50 -12.11 19.51
C ARG F 78 18.75 -11.53 18.87
N LYS F 79 19.59 -12.43 18.40
CA LYS F 79 20.78 -12.06 17.65
C LYS F 79 20.86 -12.72 16.29
N THR F 80 19.86 -13.49 15.90
CA THR F 80 19.86 -14.22 14.65
C THR F 80 18.72 -13.70 13.78
N VAL F 81 19.05 -13.28 12.57
CA VAL F 81 18.04 -12.83 11.63
C VAL F 81 17.39 -14.05 11.01
N THR F 82 16.07 -14.11 11.06
CA THR F 82 15.34 -15.31 10.67
C THR F 82 14.49 -15.05 9.44
N ALA F 83 14.11 -16.15 8.81
CA ALA F 83 13.25 -16.05 7.63
C ALA F 83 11.97 -15.30 7.94
N MET F 84 11.44 -15.45 9.15
CA MET F 84 10.21 -14.74 9.47
C MET F 84 10.46 -13.26 9.66
N ASP F 85 11.61 -12.89 10.21
CA ASP F 85 11.93 -11.47 10.26
C ASP F 85 11.96 -10.87 8.88
N VAL F 86 12.58 -11.58 7.93
CA VAL F 86 12.61 -11.07 6.56
C VAL F 86 11.21 -11.01 5.97
N VAL F 87 10.38 -12.02 6.24
CA VAL F 87 9.04 -12.03 5.68
C VAL F 87 8.23 -10.86 6.19
N TYR F 88 8.28 -10.59 7.49
CA TYR F 88 7.56 -9.44 8.02
C TYR F 88 8.11 -8.15 7.43
N ALA F 89 9.43 -8.06 7.27
CA ALA F 89 9.99 -6.84 6.70
C ALA F 89 9.46 -6.60 5.30
N LEU F 90 9.39 -7.65 4.48
CA LEU F 90 8.91 -7.47 3.12
C LEU F 90 7.43 -7.13 3.10
N LYS F 91 6.64 -7.79 3.95
CA LYS F 91 5.21 -7.47 4.01
C LYS F 91 5.00 -6.04 4.43
N ARG F 92 5.80 -5.57 5.37
CA ARG F 92 5.82 -4.16 5.72
C ARG F 92 6.11 -3.29 4.52
N GLN F 93 7.16 -3.61 3.78
CA GLN F 93 7.51 -2.85 2.58
C GLN F 93 6.38 -2.85 1.57
N GLY F 94 5.48 -3.81 1.64
CA GLY F 94 4.42 -3.90 0.65
C GLY F 94 4.67 -4.99 -0.36
N ARG F 95 5.51 -5.95 -0.03
CA ARG F 95 5.94 -6.99 -0.95
C ARG F 95 5.79 -8.32 -0.23
N THR F 96 4.59 -8.87 -0.23
CA THR F 96 4.37 -10.13 0.48
C THR F 96 5.15 -11.25 -0.21
N LEU F 97 5.64 -12.20 0.58
CA LEU F 97 6.49 -13.26 0.07
C LEU F 97 5.92 -14.60 0.52
N TYR F 98 5.53 -15.43 -0.44
CA TYR F 98 4.94 -16.72 -0.15
C TYR F 98 5.97 -17.83 -0.28
N GLY F 99 6.07 -18.66 0.74
CA GLY F 99 6.91 -19.83 0.66
C GLY F 99 8.00 -19.91 1.69
N PHE F 100 7.93 -19.11 2.76
CA PHE F 100 8.97 -19.13 3.77
C PHE F 100 8.40 -19.07 5.17
N GLY F 101 7.28 -19.72 5.40
CA GLY F 101 6.63 -19.68 6.70
C GLY F 101 5.73 -18.47 6.82
N GLY F 102 4.93 -18.49 7.88
CA GLY F 102 3.95 -17.44 8.09
C GLY F 102 2.78 -17.58 7.16
N ALA G 12 -6.94 13.06 47.61
CA ALA G 12 -5.87 14.01 47.33
C ALA G 12 -6.24 14.94 46.19
N LYS G 13 -5.26 15.66 45.66
CA LYS G 13 -5.46 16.61 44.57
C LYS G 13 -5.02 15.98 43.26
N ALA G 14 -5.90 15.98 42.27
CA ALA G 14 -5.65 15.27 41.03
C ALA G 14 -4.66 16.01 40.14
N LYS G 15 -3.69 15.26 39.62
CA LYS G 15 -2.74 15.76 38.64
C LYS G 15 -2.86 14.94 37.38
N THR G 16 -3.05 15.61 36.24
CA THR G 16 -3.21 14.89 35.00
C THR G 16 -1.91 14.22 34.58
N ARG G 17 -2.02 13.01 34.04
CA ARG G 17 -0.84 12.33 33.54
C ARG G 17 -0.11 13.18 32.52
N SER G 18 -0.87 13.96 31.74
CA SER G 18 -0.23 14.89 30.83
C SER G 18 0.61 15.88 31.61
N SER G 19 0.14 16.30 32.78
CA SER G 19 0.95 17.19 33.61
C SER G 19 2.19 16.48 34.10
N ARG G 20 2.03 15.26 34.61
CA ARG G 20 3.14 14.55 35.22
C ARG G 20 4.26 14.31 34.22
N ALA G 21 3.90 13.98 32.98
CA ALA G 21 4.86 13.85 31.91
C ALA G 21 5.16 15.16 31.22
N GLY G 22 4.52 16.25 31.62
CA GLY G 22 4.78 17.52 30.99
C GLY G 22 4.44 17.54 29.52
N LEU G 23 3.27 17.04 29.14
CA LEU G 23 2.87 16.96 27.75
C LEU G 23 1.74 17.93 27.46
N GLN G 24 1.50 18.15 26.18
CA GLN G 24 0.34 18.90 25.73
C GLN G 24 -0.68 18.03 25.01
N PHE G 25 -0.42 16.77 24.85
CA PHE G 25 -1.46 15.90 24.35
C PHE G 25 -2.02 15.06 25.47
N PRO G 26 -3.25 14.61 25.36
CA PRO G 26 -3.94 14.01 26.51
C PRO G 26 -3.53 12.57 26.73
N VAL G 27 -2.75 12.32 27.78
CA VAL G 27 -2.32 10.95 28.04
C VAL G 27 -3.50 10.08 28.36
N GLY G 28 -4.43 10.57 29.18
CA GLY G 28 -5.57 9.76 29.54
C GLY G 28 -6.43 9.39 28.35
N ARG G 29 -6.70 10.37 27.49
CA ARG G 29 -7.48 10.07 26.30
C ARG G 29 -6.75 9.09 25.40
N VAL G 30 -5.44 9.25 25.24
CA VAL G 30 -4.71 8.30 24.40
C VAL G 30 -4.78 6.91 24.99
N HIS G 31 -4.66 6.82 26.30
CA HIS G 31 -4.77 5.52 26.96
C HIS G 31 -6.11 4.89 26.71
N ARG G 32 -7.18 5.67 26.80
CA ARG G 32 -8.50 5.11 26.52
C ARG G 32 -8.61 4.66 25.08
N LEU G 33 -8.09 5.44 24.16
CA LEU G 33 -8.18 5.04 22.76
C LEU G 33 -7.40 3.77 22.49
N LEU G 34 -6.24 3.62 23.11
CA LEU G 34 -5.52 2.36 22.99
C LEU G 34 -6.35 1.22 23.53
N ARG G 35 -6.99 1.42 24.67
CA ARG G 35 -7.60 0.30 25.36
C ARG G 35 -8.90 -0.12 24.70
N LYS G 36 -9.60 0.82 24.06
CA LYS G 36 -10.84 0.50 23.38
C LYS G 36 -10.66 0.31 21.89
N GLY G 37 -9.42 0.26 21.43
CA GLY G 37 -9.19 0.13 20.01
C GLY G 37 -8.92 -1.29 19.57
N ASN G 38 -8.91 -2.22 20.53
CA ASN G 38 -8.63 -3.63 20.25
C ASN G 38 -7.27 -3.79 19.58
N TYR G 39 -6.25 -3.22 20.20
CA TYR G 39 -4.90 -3.41 19.75
C TYR G 39 -4.20 -4.55 20.45
N ALA G 40 -4.46 -4.72 21.73
CA ALA G 40 -3.91 -5.84 22.46
C ALA G 40 -4.75 -6.05 23.71
N GLU G 41 -4.62 -7.23 24.27
CA GLU G 41 -5.39 -7.57 25.45
C GLU G 41 -5.08 -6.66 26.62
N ARG G 42 -3.84 -6.18 26.72
CA ARG G 42 -3.41 -5.38 27.84
C ARG G 42 -2.57 -4.23 27.34
N VAL G 43 -2.47 -3.18 28.15
CA VAL G 43 -1.77 -1.98 27.77
C VAL G 43 -0.88 -1.54 28.92
N GLY G 44 0.43 -1.54 28.69
CA GLY G 44 1.35 -1.09 29.70
C GLY G 44 1.18 0.39 29.98
N ALA G 45 1.62 0.79 31.17
CA ALA G 45 1.33 2.15 31.64
C ALA G 45 2.10 3.21 30.87
N GLY G 46 3.27 2.90 30.37
CA GLY G 46 4.05 3.90 29.66
C GLY G 46 3.76 4.00 28.17
N ALA G 47 2.98 3.08 27.64
CA ALA G 47 2.61 3.18 26.23
C ALA G 47 1.88 4.48 25.92
N PRO G 48 0.87 4.90 26.69
CA PRO G 48 0.23 6.17 26.37
C PRO G 48 1.18 7.34 26.44
N VAL G 49 2.09 7.36 27.40
CA VAL G 49 2.99 8.49 27.52
C VAL G 49 3.90 8.56 26.31
N TYR G 50 4.46 7.42 25.91
CA TYR G 50 5.35 7.42 24.77
C TYR G 50 4.62 7.84 23.51
N LEU G 51 3.42 7.29 23.29
CA LEU G 51 2.67 7.63 22.08
C LEU G 51 2.26 9.09 22.06
N ALA G 52 1.80 9.62 23.20
CA ALA G 52 1.43 11.02 23.27
C ALA G 52 2.61 11.91 22.93
N ALA G 53 3.78 11.61 23.49
CA ALA G 53 4.96 12.41 23.19
C ALA G 53 5.29 12.37 21.71
N VAL G 54 5.18 11.20 21.10
CA VAL G 54 5.53 11.07 19.69
C VAL G 54 4.57 11.89 18.81
N LEU G 55 3.27 11.78 19.07
CA LEU G 55 2.31 12.55 18.27
C LEU G 55 2.51 14.04 18.45
N GLU G 56 2.78 14.46 19.69
CA GLU G 56 3.06 15.87 19.95
C GLU G 56 4.26 16.34 19.14
N TYR G 57 5.32 15.54 19.10
CA TYR G 57 6.50 15.93 18.34
C TYR G 57 6.18 16.07 16.86
N LEU G 58 5.49 15.09 16.29
CA LEU G 58 5.24 15.15 14.85
C LEU G 58 4.38 16.36 14.51
N THR G 59 3.37 16.63 15.32
CA THR G 59 2.55 17.81 15.10
C THR G 59 3.39 19.07 15.17
N ALA G 60 4.32 19.13 16.12
CA ALA G 60 5.17 20.32 16.22
C ALA G 60 5.97 20.54 14.95
N GLU G 61 6.52 19.46 14.39
CA GLU G 61 7.30 19.63 13.16
C GLU G 61 6.45 20.15 12.02
N ILE G 62 5.32 19.51 11.74
CA ILE G 62 4.51 19.98 10.64
C ILE G 62 4.05 21.41 10.89
N LEU G 63 3.77 21.75 12.14
CA LEU G 63 3.30 23.10 12.44
C LEU G 63 4.37 24.14 12.19
N GLU G 64 5.62 23.90 12.60
CA GLU G 64 6.62 24.94 12.36
C GLU G 64 6.83 25.11 10.89
N LEU G 65 6.85 24.00 10.14
CA LEU G 65 7.06 24.13 8.70
C LEU G 65 5.93 24.92 8.06
N ALA G 66 4.69 24.62 8.43
CA ALA G 66 3.56 25.33 7.84
C ALA G 66 3.54 26.79 8.25
N GLY G 67 3.91 27.10 9.50
CA GLY G 67 3.98 28.48 9.91
C GLY G 67 5.03 29.26 9.14
N ASN G 68 6.18 28.66 8.90
CA ASN G 68 7.17 29.33 8.07
C ASN G 68 6.62 29.55 6.68
N ALA G 69 5.95 28.55 6.12
CA ALA G 69 5.40 28.70 4.77
C ALA G 69 4.39 29.84 4.72
N ALA G 70 3.56 29.96 5.73
CA ALA G 70 2.63 31.09 5.79
C ALA G 70 3.39 32.40 5.87
N ARG G 71 4.36 32.48 6.77
CA ARG G 71 5.08 33.73 6.97
C ARG G 71 5.75 34.20 5.69
N ASP G 72 6.22 33.25 4.87
CA ASP G 72 6.80 33.64 3.60
C ASP G 72 5.76 34.24 2.65
N ASN G 73 4.49 34.02 2.92
CA ASN G 73 3.42 34.62 2.14
C ASN G 73 2.81 35.83 2.81
N LYS G 74 3.48 36.38 3.82
CA LYS G 74 3.00 37.57 4.51
C LYS G 74 1.60 37.34 5.06
N LYS G 75 1.37 36.13 5.56
CA LYS G 75 0.08 35.78 6.11
C LYS G 75 0.24 35.25 7.52
N THR G 76 -0.84 35.29 8.29
CA THR G 76 -0.77 34.97 9.70
C THR G 76 -1.81 33.95 10.12
N ARG G 77 -2.46 33.30 9.16
CA ARG G 77 -3.30 32.16 9.48
C ARG G 77 -2.92 31.02 8.56
N ILE G 78 -2.87 29.82 9.12
CA ILE G 78 -2.47 28.64 8.36
C ILE G 78 -3.65 28.15 7.55
N ILE G 79 -3.37 27.65 6.36
CA ILE G 79 -4.40 27.12 5.47
C ILE G 79 -3.89 25.85 4.81
N PRO G 80 -4.76 25.03 4.25
CA PRO G 80 -4.29 23.79 3.63
C PRO G 80 -3.21 23.99 2.60
N ARG G 81 -3.18 25.13 1.92
CA ARG G 81 -2.10 25.38 0.99
C ARG G 81 -0.77 25.37 1.69
N HIS G 82 -0.70 26.07 2.82
CA HIS G 82 0.56 26.11 3.57
C HIS G 82 0.93 24.73 4.06
N LEU G 83 -0.05 23.97 4.56
CA LEU G 83 0.28 22.61 5.01
C LEU G 83 0.87 21.79 3.88
N GLN G 84 0.26 21.87 2.70
CA GLN G 84 0.74 21.07 1.58
C GLN G 84 2.16 21.47 1.19
N LEU G 85 2.43 22.78 1.13
CA LEU G 85 3.77 23.22 0.80
C LEU G 85 4.78 22.72 1.82
N ALA G 86 4.45 22.87 3.09
CA ALA G 86 5.35 22.43 4.15
C ALA G 86 5.68 20.96 4.00
N VAL G 87 4.65 20.13 3.79
CA VAL G 87 4.90 18.70 3.69
C VAL G 87 5.74 18.39 2.46
N ARG G 88 5.31 18.87 1.30
CA ARG G 88 5.95 18.42 0.07
C ARG G 88 7.32 19.02 -0.13
N ASN G 89 7.73 19.99 0.65
CA ASN G 89 9.06 20.56 0.44
C ASN G 89 10.17 19.88 1.23
N ASP G 90 9.88 18.93 2.13
CA ASP G 90 10.96 18.21 2.77
C ASP G 90 10.79 16.70 2.63
N GLU G 91 11.92 16.02 2.52
CA GLU G 91 11.90 14.62 2.10
C GLU G 91 11.36 13.71 3.19
N GLU G 92 11.66 13.99 4.46
CA GLU G 92 11.19 13.10 5.52
C GLU G 92 9.67 13.06 5.58
N LEU G 93 9.05 14.22 5.71
CA LEU G 93 7.60 14.25 5.79
C LEU G 93 6.97 13.89 4.46
N ASN G 94 7.62 14.23 3.34
CA ASN G 94 7.04 13.85 2.06
C ASN G 94 7.01 12.34 1.92
N LYS G 95 8.06 11.66 2.39
CA LYS G 95 8.08 10.21 2.35
C LYS G 95 7.06 9.64 3.31
N LEU G 96 6.91 10.23 4.49
CA LEU G 96 5.92 9.73 5.44
C LEU G 96 4.52 9.86 4.88
N LEU G 97 4.15 11.05 4.44
CA LEU G 97 2.85 11.29 3.83
C LEU G 97 2.92 11.15 2.32
N GLY G 98 3.48 10.03 1.87
CA GLY G 98 3.71 9.88 0.45
C GLY G 98 2.46 9.48 -0.32
N ARG G 99 1.45 9.00 0.40
CA ARG G 99 0.21 8.57 -0.23
C ARG G 99 -0.99 9.22 0.42
N VAL G 100 -0.92 10.52 0.63
CA VAL G 100 -1.96 11.27 1.32
C VAL G 100 -2.36 12.45 0.45
N THR G 101 -3.65 12.68 0.32
CA THR G 101 -4.19 13.82 -0.38
C THR G 101 -4.66 14.85 0.63
N ILE G 102 -4.26 16.09 0.45
CA ILE G 102 -4.65 17.17 1.34
C ILE G 102 -5.60 18.07 0.59
N ALA G 103 -6.86 18.10 1.01
CA ALA G 103 -7.87 18.89 0.32
C ALA G 103 -7.46 20.36 0.32
N GLN G 104 -7.68 21.02 -0.82
CA GLN G 104 -7.34 22.43 -0.99
C GLN G 104 -5.84 22.66 -0.96
N GLY G 105 -5.05 21.62 -1.18
CA GLY G 105 -3.62 21.77 -1.10
C GLY G 105 -2.95 22.35 -2.32
N GLY G 106 -3.54 22.20 -3.49
CA GLY G 106 -2.85 22.60 -4.70
C GLY G 106 -1.71 21.65 -4.99
N VAL G 107 -0.73 22.13 -5.75
CA VAL G 107 0.48 21.38 -6.03
C VAL G 107 1.68 22.29 -5.87
N LEU G 108 2.86 21.69 -5.89
CA LEU G 108 4.09 22.45 -5.85
C LEU G 108 4.37 23.12 -7.19
N PRO G 109 4.79 24.37 -7.19
CA PRO G 109 5.18 25.02 -8.44
C PRO G 109 6.36 24.31 -9.07
N ASN G 110 6.17 23.79 -10.27
CA ASN G 110 7.20 22.98 -10.91
C ASN G 110 6.95 22.94 -12.41
N ILE G 111 7.92 23.37 -13.20
CA ILE G 111 7.88 23.27 -14.65
C ILE G 111 9.13 22.55 -15.11
N GLN G 112 8.96 21.55 -15.96
CA GLN G 112 10.11 20.84 -16.48
C GLN G 112 10.94 21.76 -17.36
N SER G 113 12.25 21.57 -17.30
CA SER G 113 13.16 22.55 -17.88
C SER G 113 13.09 22.57 -19.40
N VAL G 114 12.84 21.43 -20.04
CA VAL G 114 12.83 21.41 -21.50
C VAL G 114 11.68 22.20 -22.08
N LEU G 115 10.65 22.48 -21.29
CA LEU G 115 9.53 23.25 -21.78
C LEU G 115 9.79 24.74 -21.77
N LEU G 116 10.72 25.21 -20.94
CA LEU G 116 10.98 26.62 -20.85
C LEU G 116 11.53 27.14 -22.18
N PRO G 117 11.20 28.38 -22.54
CA PRO G 117 11.64 28.90 -23.83
C PRO G 117 13.14 29.04 -23.92
N LYS G 118 13.66 28.86 -25.14
CA LYS G 118 15.09 28.88 -25.36
C LYS G 118 15.65 30.30 -25.34
N THR H 29 -24.71 15.03 19.28
CA THR H 29 -24.12 14.92 20.60
C THR H 29 -22.75 15.58 20.66
N ARG H 30 -21.81 14.92 21.34
CA ARG H 30 -20.49 15.48 21.59
C ARG H 30 -19.46 14.72 20.78
N LYS H 31 -18.71 15.44 19.95
CA LYS H 31 -17.65 14.85 19.15
C LYS H 31 -16.32 15.33 19.71
N GLU H 32 -15.47 14.38 20.07
CA GLU H 32 -14.16 14.71 20.60
C GLU H 32 -13.12 14.76 19.48
N SER H 33 -12.17 15.66 19.61
CA SER H 33 -11.13 15.82 18.61
C SER H 33 -9.88 16.36 19.28
N TYR H 34 -8.84 16.55 18.49
CA TYR H 34 -7.56 17.03 19.01
C TYR H 34 -7.38 18.50 18.79
N ALA H 35 -8.47 19.23 18.62
CA ALA H 35 -8.38 20.64 18.25
C ALA H 35 -7.63 21.45 19.28
N ILE H 36 -8.02 21.35 20.55
CA ILE H 36 -7.43 22.23 21.55
C ILE H 36 -5.97 21.88 21.79
N TYR H 37 -5.62 20.60 21.68
CA TYR H 37 -4.23 20.23 21.85
C TYR H 37 -3.36 20.72 20.72
N VAL H 38 -3.85 20.60 19.48
CA VAL H 38 -3.08 21.15 18.37
C VAL H 38 -2.97 22.65 18.50
N TYR H 39 -4.00 23.29 19.04
CA TYR H 39 -3.90 24.73 19.23
C TYR H 39 -2.83 25.07 20.25
N LYS H 40 -2.74 24.31 21.35
CA LYS H 40 -1.69 24.56 22.34
C LYS H 40 -0.32 24.36 21.76
N VAL H 41 -0.12 23.29 20.99
CA VAL H 41 1.18 23.08 20.38
C VAL H 41 1.52 24.23 19.45
N LEU H 42 0.55 24.73 18.70
CA LEU H 42 0.83 25.84 17.81
C LEU H 42 1.20 27.08 18.60
N LYS H 43 0.53 27.33 19.72
CA LYS H 43 0.87 28.50 20.51
C LYS H 43 2.14 28.30 21.31
N GLN H 44 2.72 27.11 21.26
CA GLN H 44 4.08 26.99 21.78
C GLN H 44 5.12 27.11 20.68
N VAL H 45 4.78 26.71 19.46
CA VAL H 45 5.74 26.76 18.37
C VAL H 45 5.83 28.16 17.77
N HIS H 46 4.72 28.66 17.24
CA HIS H 46 4.63 30.03 16.75
C HIS H 46 3.68 30.77 17.65
N PRO H 47 4.17 31.51 18.64
CA PRO H 47 3.26 32.11 19.63
C PRO H 47 2.40 33.21 19.06
N ASP H 48 2.34 33.39 17.74
CA ASP H 48 1.62 34.51 17.18
C ASP H 48 0.91 34.20 15.87
N THR H 49 0.91 32.96 15.39
CA THR H 49 0.19 32.66 14.18
C THR H 49 -1.12 31.96 14.49
N GLY H 50 -1.91 31.76 13.45
CA GLY H 50 -3.19 31.11 13.57
C GLY H 50 -3.37 29.99 12.57
N ILE H 51 -4.46 29.26 12.76
CA ILE H 51 -4.77 28.13 11.91
C ILE H 51 -6.27 28.14 11.64
N SER H 52 -6.63 28.03 10.37
CA SER H 52 -8.02 28.10 9.98
C SER H 52 -8.68 26.76 10.20
N SER H 53 -10.02 26.77 10.14
CA SER H 53 -10.79 25.61 10.55
C SER H 53 -10.52 24.42 9.65
N LYS H 54 -10.41 24.64 8.35
CA LYS H 54 -10.09 23.53 7.48
C LYS H 54 -8.72 22.97 7.81
N ALA H 55 -7.76 23.84 8.10
CA ALA H 55 -6.44 23.34 8.42
C ALA H 55 -6.44 22.57 9.72
N MET H 56 -7.26 22.97 10.68
CA MET H 56 -7.26 22.21 11.92
C MET H 56 -8.01 20.89 11.75
N SER H 57 -8.98 20.85 10.85
CA SER H 57 -9.55 19.55 10.49
C SER H 57 -8.50 18.66 9.87
N ILE H 58 -7.63 19.23 9.04
CA ILE H 58 -6.57 18.45 8.42
C ILE H 58 -5.60 17.93 9.46
N MET H 59 -5.25 18.78 10.43
CA MET H 59 -4.38 18.32 11.51
C MET H 59 -5.04 17.21 12.32
N ASN H 60 -6.34 17.34 12.56
CA ASN H 60 -7.04 16.28 13.28
C ASN H 60 -6.95 14.96 12.52
N SER H 61 -7.16 15.01 11.20
CA SER H 61 -7.05 13.81 10.38
C SER H 61 -5.65 13.24 10.43
N PHE H 62 -4.64 14.08 10.34
CA PHE H 62 -3.26 13.62 10.39
C PHE H 62 -2.97 12.93 11.70
N VAL H 63 -3.39 13.53 12.81
CA VAL H 63 -3.13 12.95 14.11
C VAL H 63 -3.78 11.60 14.24
N ASN H 64 -5.05 11.50 13.86
CA ASN H 64 -5.72 10.20 13.97
C ASN H 64 -5.05 9.18 13.07
N ASP H 65 -4.63 9.59 11.88
CA ASP H 65 -4.00 8.67 10.95
C ASP H 65 -2.72 8.09 11.52
N VAL H 66 -1.82 8.96 11.97
CA VAL H 66 -0.53 8.48 12.44
C VAL H 66 -0.70 7.70 13.74
N PHE H 67 -1.63 8.12 14.60
CA PHE H 67 -1.92 7.33 15.78
C PHE H 67 -2.31 5.92 15.40
N GLU H 68 -3.21 5.78 14.44
CA GLU H 68 -3.68 4.45 14.12
C GLU H 68 -2.59 3.63 13.49
N ARG H 69 -1.75 4.24 12.67
CA ARG H 69 -0.63 3.50 12.09
C ARG H 69 0.27 2.94 13.18
N ILE H 70 0.72 3.80 14.09
CA ILE H 70 1.64 3.34 15.11
C ILE H 70 0.99 2.26 15.96
N ALA H 71 -0.26 2.49 16.36
CA ALA H 71 -0.93 1.53 17.23
C ALA H 71 -1.08 0.19 16.55
N GLY H 72 -1.47 0.18 15.28
CA GLY H 72 -1.61 -1.09 14.58
C GLY H 72 -0.29 -1.83 14.46
N GLU H 73 0.79 -1.11 14.14
CA GLU H 73 2.08 -1.77 14.04
C GLU H 73 2.53 -2.33 15.38
N ALA H 74 2.36 -1.56 16.45
CA ALA H 74 2.71 -2.06 17.76
C ALA H 74 1.91 -3.30 18.10
N SER H 75 0.64 -3.29 17.74
CA SER H 75 -0.21 -4.44 18.02
C SER H 75 0.31 -5.68 17.33
N ARG H 76 0.65 -5.56 16.07
CA ARG H 76 1.08 -6.77 15.40
C ARG H 76 2.49 -7.18 15.81
N LEU H 77 3.32 -6.25 16.28
CA LEU H 77 4.59 -6.65 16.87
C LEU H 77 4.37 -7.51 18.10
N ALA H 78 3.53 -7.02 19.01
CA ALA H 78 3.24 -7.81 20.21
C ALA H 78 2.65 -9.16 19.84
N HIS H 79 1.84 -9.20 18.79
CA HIS H 79 1.29 -10.47 18.36
C HIS H 79 2.36 -11.41 17.85
N TYR H 80 3.30 -10.89 17.04
CA TYR H 80 4.37 -11.72 16.52
C TYR H 80 5.17 -12.33 17.65
N ASN H 81 5.47 -11.55 18.67
CA ASN H 81 6.31 -12.03 19.74
C ASN H 81 5.53 -12.75 20.82
N LYS H 82 4.24 -12.96 20.62
CA LYS H 82 3.39 -13.71 21.54
C LYS H 82 3.27 -13.07 22.90
N ARG H 83 3.51 -11.77 22.99
CA ARG H 83 3.12 -11.06 24.19
C ARG H 83 1.63 -10.78 24.14
N SER H 84 1.10 -10.33 25.26
CA SER H 84 -0.27 -9.88 25.31
C SER H 84 -0.38 -8.46 25.83
N THR H 85 0.70 -7.70 25.81
CA THR H 85 0.77 -6.38 26.38
C THR H 85 1.45 -5.43 25.42
N ILE H 86 0.85 -4.26 25.24
CA ILE H 86 1.49 -3.18 24.49
C ILE H 86 2.28 -2.35 25.48
N THR H 87 3.58 -2.26 25.29
CA THR H 87 4.40 -1.49 26.20
C THR H 87 5.23 -0.48 25.44
N SER H 88 5.88 0.37 26.22
CA SER H 88 6.64 1.46 25.64
C SER H 88 7.69 0.95 24.67
N ARG H 89 8.19 -0.27 24.86
CA ARG H 89 9.21 -0.73 23.93
C ARG H 89 8.60 -1.18 22.61
N GLU H 90 7.37 -1.72 22.60
CA GLU H 90 6.71 -1.93 21.31
C GLU H 90 6.35 -0.62 20.64
N ILE H 91 5.92 0.38 21.41
CA ILE H 91 5.69 1.67 20.78
C ILE H 91 6.97 2.17 20.16
N GLN H 92 8.08 2.01 20.87
CA GLN H 92 9.36 2.46 20.36
C GLN H 92 9.74 1.74 19.09
N THR H 93 9.55 0.42 19.06
CA THR H 93 9.90 -0.33 17.86
C THR H 93 9.02 0.06 16.68
N ALA H 94 7.72 0.21 16.92
CA ALA H 94 6.83 0.61 15.84
C ALA H 94 7.19 1.98 15.31
N VAL H 95 7.59 2.89 16.20
CA VAL H 95 8.02 4.20 15.74
C VAL H 95 9.24 4.09 14.84
N ARG H 96 10.24 3.31 15.28
CA ARG H 96 11.42 3.15 14.44
C ARG H 96 11.07 2.55 13.10
N LEU H 97 10.06 1.70 13.06
CA LEU H 97 9.69 1.07 11.81
C LEU H 97 8.96 2.05 10.90
N LEU H 98 8.04 2.86 11.44
CA LEU H 98 7.28 3.78 10.60
C LEU H 98 8.09 5.00 10.19
N LEU H 99 8.48 5.82 11.16
CA LEU H 99 9.01 7.12 10.81
C LEU H 99 10.37 6.95 10.14
N PRO H 100 10.62 7.72 9.08
CA PRO H 100 11.86 7.56 8.32
C PRO H 100 12.99 8.38 8.88
N GLY H 101 14.21 7.92 8.61
CA GLY H 101 15.39 8.76 8.74
C GLY H 101 15.46 9.50 10.04
N GLU H 102 15.71 10.82 9.95
CA GLU H 102 15.94 11.63 11.12
C GLU H 102 14.71 11.76 12.02
N LEU H 103 13.52 11.55 11.49
CA LEU H 103 12.34 11.65 12.34
C LEU H 103 12.38 10.63 13.45
N ALA H 104 12.78 9.40 13.14
CA ALA H 104 12.70 8.34 14.14
C ALA H 104 13.59 8.64 15.34
N LYS H 105 14.80 9.11 15.10
CA LYS H 105 15.71 9.34 16.22
C LYS H 105 15.17 10.40 17.16
N HIS H 106 14.68 11.51 16.61
CA HIS H 106 14.19 12.58 17.47
C HIS H 106 12.89 12.18 18.15
N ALA H 107 12.04 11.45 17.43
CA ALA H 107 10.80 11.00 18.05
C ALA H 107 11.08 10.11 19.24
N VAL H 108 12.00 9.16 19.09
CA VAL H 108 12.33 8.28 20.20
C VAL H 108 13.00 9.04 21.32
N SER H 109 13.84 10.01 20.97
CA SER H 109 14.40 10.89 22.00
C SER H 109 13.29 11.49 22.84
N GLU H 110 12.31 12.09 22.17
CA GLU H 110 11.27 12.80 22.86
C GLU H 110 10.43 11.86 23.70
N GLY H 111 10.14 10.68 23.16
CA GLY H 111 9.32 9.72 23.89
C GLY H 111 10.02 9.16 25.13
N THR H 112 11.29 8.79 24.99
CA THR H 112 12.02 8.32 26.16
C THR H 112 12.13 9.41 27.20
N LYS H 113 12.39 10.63 26.75
CA LYS H 113 12.39 11.77 27.65
C LYS H 113 11.10 11.83 28.45
N ALA H 114 9.97 11.74 27.76
CA ALA H 114 8.69 11.88 28.43
C ALA H 114 8.44 10.74 29.41
N VAL H 115 8.74 9.51 29.03
CA VAL H 115 8.49 8.39 29.94
C VAL H 115 9.39 8.47 31.15
N THR H 116 10.66 8.85 30.93
CA THR H 116 11.57 9.04 32.07
C THR H 116 11.04 10.07 33.04
N LYS H 117 10.69 11.24 32.53
CA LYS H 117 10.14 12.27 33.39
C LYS H 117 8.90 11.78 34.09
N TYR H 118 8.05 11.05 33.38
CA TYR H 118 6.80 10.59 33.96
C TYR H 118 7.05 9.63 35.11
N THR H 119 7.97 8.69 34.93
CA THR H 119 8.17 7.70 35.97
C THR H 119 8.99 8.25 37.12
N SER H 120 9.70 9.35 36.90
CA SER H 120 10.35 10.01 38.02
C SER H 120 9.33 10.51 39.04
N ALA H 121 8.16 10.90 38.59
CA ALA H 121 7.12 11.42 39.47
C ALA H 121 5.89 10.53 39.45
N GLU K 114 -53.98 66.27 14.18
CA GLU K 114 -52.82 66.60 13.33
C GLU K 114 -53.26 66.87 11.90
N PHE K 115 -52.30 66.86 10.99
CA PHE K 115 -52.57 67.12 9.57
C PHE K 115 -53.43 66.01 8.99
N GLN K 116 -54.71 66.29 8.79
CA GLN K 116 -55.68 65.26 8.44
C GLN K 116 -55.93 65.14 6.94
N PHE K 117 -55.40 66.07 6.14
CA PHE K 117 -55.36 65.94 4.69
C PHE K 117 -56.72 65.56 4.10
N ARG K 118 -57.65 66.51 4.19
CA ARG K 118 -59.06 66.24 3.91
C ARG K 118 -59.30 65.72 2.50
N GLU K 119 -58.84 66.42 1.47
CA GLU K 119 -59.30 66.16 0.12
C GLU K 119 -58.16 65.64 -0.76
N SER K 120 -58.49 65.50 -2.05
CA SER K 120 -57.53 64.96 -3.01
C SER K 120 -56.32 65.88 -3.12
N PRO K 121 -55.12 65.35 -3.24
CA PRO K 121 -53.94 66.19 -3.38
C PRO K 121 -54.09 67.08 -4.60
N ALA K 122 -53.64 68.33 -4.47
CA ALA K 122 -53.54 69.19 -5.63
C ALA K 122 -52.36 68.76 -6.50
N TYR K 123 -51.21 68.50 -5.88
CA TYR K 123 -50.01 68.18 -6.64
C TYR K 123 -50.09 66.83 -7.33
N VAL K 124 -50.92 65.93 -6.84
CA VAL K 124 -51.08 64.62 -7.47
C VAL K 124 -52.15 64.73 -8.55
N ASN K 125 -51.79 64.31 -9.76
CA ASN K 125 -52.76 64.30 -10.84
C ASN K 125 -53.79 63.21 -10.63
N GLY K 126 -54.88 63.30 -11.37
CA GLY K 126 -55.94 62.33 -11.25
C GLY K 126 -56.69 62.43 -9.94
N GLN K 127 -57.86 61.81 -9.87
CA GLN K 127 -58.68 61.82 -8.66
C GLN K 127 -58.63 60.46 -8.01
N LEU K 128 -58.28 60.43 -6.73
CA LEU K 128 -58.20 59.20 -5.97
C LEU K 128 -59.42 59.05 -5.08
N ARG K 129 -59.86 57.81 -4.94
CA ARG K 129 -61.10 57.52 -4.23
C ARG K 129 -60.90 57.65 -2.72
N PRO K 130 -61.98 57.86 -1.97
CA PRO K 130 -61.84 58.32 -0.57
C PRO K 130 -60.98 57.43 0.31
N TYR K 131 -61.15 56.11 0.19
CA TYR K 131 -60.37 55.22 1.04
C TYR K 131 -58.89 55.37 0.77
N GLN K 132 -58.53 55.77 -0.44
CA GLN K 132 -57.14 56.09 -0.71
C GLN K 132 -56.68 57.28 0.13
N ILE K 133 -57.54 58.28 0.28
CA ILE K 133 -57.21 59.39 1.17
C ILE K 133 -57.05 58.90 2.59
N GLN K 134 -57.93 57.99 3.02
CA GLN K 134 -57.82 57.46 4.38
C GLN K 134 -56.49 56.75 4.56
N GLY K 135 -56.08 55.96 3.58
CA GLY K 135 -54.80 55.29 3.68
C GLY K 135 -53.64 56.27 3.73
N VAL K 136 -53.69 57.31 2.91
CA VAL K 136 -52.64 58.33 2.95
C VAL K 136 -52.57 58.95 4.33
N ASN K 137 -53.73 59.25 4.92
CA ASN K 137 -53.76 59.79 6.26
C ASN K 137 -53.14 58.81 7.25
N TRP K 138 -53.44 57.53 7.08
CA TRP K 138 -52.84 56.51 7.93
C TRP K 138 -51.32 56.56 7.85
N LEU K 139 -50.81 56.66 6.63
CA LEU K 139 -49.36 56.71 6.44
C LEU K 139 -48.77 57.94 7.12
N VAL K 140 -49.43 59.10 6.97
CA VAL K 140 -48.90 60.31 7.56
C VAL K 140 -48.88 60.19 9.08
N SER K 141 -49.96 59.65 9.64
CA SER K 141 -50.00 59.42 11.07
C SER K 141 -48.84 58.55 11.53
N LEU K 142 -48.64 57.42 10.86
CA LEU K 142 -47.51 56.56 11.19
C LEU K 142 -46.20 57.31 11.12
N HIS K 143 -46.03 58.14 10.08
CA HIS K 143 -44.78 58.86 9.90
C HIS K 143 -44.53 59.81 11.06
N LYS K 144 -45.55 60.54 11.49
CA LYS K 144 -45.39 61.43 12.63
C LYS K 144 -45.23 60.67 13.93
N ASN K 145 -46.02 59.61 14.13
CA ASN K 145 -45.90 58.84 15.36
C ASN K 145 -44.58 58.10 15.47
N LYS K 146 -43.81 58.04 14.39
CA LYS K 146 -42.54 57.33 14.34
C LYS K 146 -42.75 55.83 14.51
N ILE K 147 -43.78 55.31 13.83
CA ILE K 147 -43.99 53.87 13.69
C ILE K 147 -44.19 53.58 12.21
N ALA K 148 -43.78 52.38 11.82
CA ALA K 148 -43.95 51.91 10.45
C ALA K 148 -44.93 50.74 10.45
N GLY K 149 -45.75 50.67 9.40
CA GLY K 149 -46.82 49.71 9.33
C GLY K 149 -46.88 49.06 7.96
N ILE K 150 -47.82 48.13 7.82
CA ILE K 150 -47.98 47.34 6.61
C ILE K 150 -49.23 47.82 5.90
N LEU K 151 -49.05 48.39 4.71
CA LEU K 151 -50.20 48.67 3.86
C LEU K 151 -50.60 47.37 3.20
N ALA K 152 -51.48 46.61 3.84
CA ALA K 152 -51.76 45.25 3.43
C ALA K 152 -53.05 45.17 2.63
N ASP K 153 -53.39 46.27 1.95
CA ASP K 153 -54.63 46.31 1.19
C ASP K 153 -54.68 45.16 0.18
N GLU K 154 -55.90 44.81 -0.21
CA GLU K 154 -56.13 43.67 -1.08
C GLU K 154 -55.47 43.88 -2.45
N MET K 155 -55.45 42.81 -3.24
CA MET K 155 -54.90 42.85 -4.59
C MET K 155 -55.82 43.65 -5.50
N GLY K 156 -55.25 44.55 -6.28
CA GLY K 156 -56.02 45.18 -7.33
C GLY K 156 -56.25 46.66 -7.12
N LEU K 157 -56.20 47.11 -5.88
CA LEU K 157 -56.40 48.51 -5.60
C LEU K 157 -55.06 49.24 -5.63
N GLY K 158 -55.10 50.52 -5.94
CA GLY K 158 -53.89 51.21 -6.30
C GLY K 158 -52.95 51.45 -5.14
N LYS K 159 -52.42 50.37 -4.58
CA LYS K 159 -51.45 50.48 -3.51
C LYS K 159 -50.27 51.34 -3.93
N THR K 160 -49.81 51.16 -5.16
CA THR K 160 -48.82 52.05 -5.73
C THR K 160 -49.28 53.49 -5.66
N LEU K 161 -50.57 53.73 -5.91
CA LEU K 161 -51.06 55.10 -5.94
C LEU K 161 -50.98 55.74 -4.56
N GLN K 162 -51.38 55.04 -3.50
CA GLN K 162 -51.23 55.64 -2.18
C GLN K 162 -49.77 55.87 -1.85
N THR K 163 -48.91 54.93 -2.24
CA THR K 163 -47.49 55.11 -1.94
C THR K 163 -46.95 56.36 -2.60
N ILE K 164 -47.28 56.55 -3.87
CA ILE K 164 -46.84 57.74 -4.58
C ILE K 164 -47.40 58.99 -3.92
N SER K 165 -48.66 58.95 -3.52
CA SER K 165 -49.26 60.09 -2.87
C SER K 165 -48.52 60.43 -1.59
N PHE K 166 -48.17 59.42 -0.83
CA PHE K 166 -47.47 59.68 0.43
C PHE K 166 -46.09 60.25 0.18
N LEU K 167 -45.43 59.79 -0.89
CA LEU K 167 -44.15 60.40 -1.23
C LEU K 167 -44.33 61.86 -1.64
N GLY K 168 -45.41 62.15 -2.38
CA GLY K 168 -45.69 63.53 -2.73
C GLY K 168 -45.92 64.40 -1.52
N TYR K 169 -46.65 63.86 -0.54
CA TYR K 169 -46.68 64.47 0.79
C TYR K 169 -45.28 64.80 1.29
N LEU K 170 -44.45 63.77 1.42
CA LEU K 170 -43.17 63.97 2.09
C LEU K 170 -42.27 64.92 1.31
N ARG K 171 -42.55 65.11 0.03
CA ARG K 171 -41.78 66.06 -0.78
C ARG K 171 -42.34 67.47 -0.76
N TYR K 172 -43.67 67.62 -0.76
CA TYR K 172 -44.29 68.92 -0.97
C TYR K 172 -44.92 69.51 0.28
N ILE K 173 -45.09 68.73 1.34
CA ILE K 173 -45.63 69.22 2.59
C ILE K 173 -44.54 69.34 3.65
N GLU K 174 -43.83 68.26 3.92
CA GLU K 174 -42.71 68.29 4.84
C GLU K 174 -41.40 68.62 4.14
N LYS K 175 -41.42 68.68 2.81
CA LYS K 175 -40.28 69.17 2.02
C LYS K 175 -39.04 68.31 2.21
N ILE K 176 -39.19 67.01 1.95
CA ILE K 176 -38.05 66.10 2.02
C ILE K 176 -38.01 65.27 0.76
N PRO K 177 -37.40 65.75 -0.34
CA PRO K 177 -37.25 64.90 -1.52
C PRO K 177 -36.44 63.66 -1.18
N GLY K 178 -35.19 63.86 -0.74
CA GLY K 178 -34.40 62.82 -0.14
C GLY K 178 -34.16 61.60 -1.01
N PRO K 179 -33.46 60.62 -0.46
CA PRO K 179 -33.32 59.35 -1.17
C PRO K 179 -34.49 58.43 -0.88
N PHE K 180 -35.08 57.86 -1.93
CA PHE K 180 -36.18 56.92 -1.78
C PHE K 180 -35.82 55.63 -2.50
N LEU K 181 -35.96 54.52 -1.79
CA LEU K 181 -35.65 53.21 -2.32
C LEU K 181 -36.92 52.38 -2.39
N VAL K 182 -37.23 51.87 -3.57
CA VAL K 182 -38.43 51.07 -3.79
C VAL K 182 -37.99 49.74 -4.36
N ILE K 183 -38.23 48.68 -3.64
CA ILE K 183 -37.83 47.33 -4.05
C ILE K 183 -39.07 46.58 -4.48
N ALA K 184 -38.98 45.85 -5.58
CA ALA K 184 -40.15 45.23 -6.15
C ALA K 184 -39.72 44.02 -6.97
N PRO K 185 -40.62 43.13 -7.33
CA PRO K 185 -40.28 42.06 -8.26
C PRO K 185 -39.83 42.65 -9.59
N LYS K 186 -39.01 41.89 -10.30
CA LYS K 186 -38.44 42.39 -11.54
C LYS K 186 -39.50 42.83 -12.54
N SER K 187 -40.60 42.10 -12.65
CA SER K 187 -41.58 42.40 -13.68
C SER K 187 -42.31 43.72 -13.46
N THR K 188 -42.36 44.23 -12.24
CA THR K 188 -43.14 45.41 -11.95
C THR K 188 -42.32 46.68 -11.92
N LEU K 189 -41.03 46.61 -12.22
CA LEU K 189 -40.21 47.81 -12.15
C LEU K 189 -40.65 48.84 -13.19
N ASN K 190 -40.92 48.40 -14.41
CA ASN K 190 -41.43 49.33 -15.40
C ASN K 190 -42.77 49.90 -14.98
N ASN K 191 -43.61 49.06 -14.36
CA ASN K 191 -44.89 49.55 -13.88
C ASN K 191 -44.70 50.69 -12.88
N TRP K 192 -43.82 50.49 -11.90
CA TRP K 192 -43.57 51.56 -10.93
C TRP K 192 -43.03 52.80 -11.61
N LEU K 193 -42.10 52.64 -12.54
CA LEU K 193 -41.52 53.80 -13.19
C LEU K 193 -42.56 54.58 -13.97
N ARG K 194 -43.34 53.90 -14.79
CA ARG K 194 -44.36 54.58 -15.56
C ARG K 194 -45.39 55.23 -14.66
N GLU K 195 -45.79 54.57 -13.58
CA GLU K 195 -46.80 55.15 -12.70
C GLU K 195 -46.29 56.37 -11.96
N ILE K 196 -45.06 56.34 -11.48
CA ILE K 196 -44.52 57.52 -10.81
C ILE K 196 -44.32 58.64 -11.81
N ASN K 197 -44.04 58.29 -13.06
CA ASN K 197 -43.98 59.33 -14.08
C ASN K 197 -45.35 59.80 -14.54
N ARG K 198 -46.41 59.08 -14.17
CA ARG K 198 -47.75 59.53 -14.55
C ARG K 198 -48.41 60.35 -13.47
N TRP K 199 -48.29 59.94 -12.21
CA TRP K 199 -49.03 60.63 -11.16
C TRP K 199 -48.30 61.88 -10.66
N THR K 200 -47.02 61.79 -10.35
CA THR K 200 -46.24 62.95 -9.89
C THR K 200 -45.00 63.04 -10.77
N PRO K 201 -45.15 63.45 -12.02
CA PRO K 201 -44.00 63.52 -12.91
C PRO K 201 -43.05 64.66 -12.58
N ASP K 202 -42.62 64.73 -11.33
CA ASP K 202 -41.71 65.79 -10.91
C ASP K 202 -40.62 65.28 -9.99
N VAL K 203 -40.40 63.97 -9.92
CA VAL K 203 -39.44 63.38 -9.00
C VAL K 203 -38.38 62.65 -9.80
N ASN K 204 -37.15 62.64 -9.29
CA ASN K 204 -36.03 62.00 -9.97
C ASN K 204 -36.09 60.51 -9.68
N ALA K 205 -36.57 59.72 -10.64
CA ALA K 205 -36.77 58.30 -10.47
C ALA K 205 -36.19 57.55 -11.66
N PHE K 206 -35.58 56.39 -11.38
CA PHE K 206 -34.96 55.58 -12.41
C PHE K 206 -34.85 54.14 -11.92
N ILE K 207 -34.69 53.23 -12.87
CA ILE K 207 -34.58 51.81 -12.58
C ILE K 207 -33.10 51.44 -12.61
N LEU K 208 -32.61 50.91 -11.49
CA LEU K 208 -31.23 50.42 -11.41
C LEU K 208 -31.19 48.98 -11.89
N GLN K 209 -31.21 48.82 -13.22
CA GLN K 209 -31.21 47.50 -13.82
C GLN K 209 -30.33 47.48 -15.05
N GLY K 210 -29.97 46.28 -15.47
CA GLY K 210 -29.22 46.05 -16.67
C GLY K 210 -27.92 45.34 -16.40
N ASP K 211 -27.11 45.21 -17.45
CA ASP K 211 -25.77 44.64 -17.35
C ASP K 211 -25.01 45.27 -16.18
N LYS K 212 -24.08 44.49 -15.64
CA LYS K 212 -23.28 45.00 -14.54
C LYS K 212 -22.42 46.18 -14.96
N GLU K 213 -21.95 46.21 -16.20
CA GLU K 213 -21.26 47.39 -16.69
C GLU K 213 -22.17 48.60 -16.65
N GLU K 214 -23.37 48.48 -17.22
CA GLU K 214 -24.33 49.57 -17.16
C GLU K 214 -24.68 49.91 -15.73
N ARG K 215 -24.79 48.90 -14.87
CA ARG K 215 -25.15 49.16 -13.48
C ARG K 215 -24.08 49.98 -12.78
N ALA K 216 -22.81 49.62 -12.96
CA ALA K 216 -21.74 50.39 -12.34
C ALA K 216 -21.69 51.79 -12.92
N GLU K 217 -21.92 51.91 -14.23
CA GLU K 217 -21.94 53.22 -14.84
C GLU K 217 -23.03 54.09 -14.23
N LEU K 218 -24.23 53.52 -14.06
CA LEU K 218 -25.32 54.26 -13.44
C LEU K 218 -24.97 54.65 -12.02
N ILE K 219 -24.35 53.74 -11.28
CA ILE K 219 -23.97 54.06 -9.91
C ILE K 219 -23.06 55.27 -9.90
N GLN K 220 -22.01 55.23 -10.71
CA GLN K 220 -21.02 56.30 -10.70
C GLN K 220 -21.64 57.62 -11.13
N LYS K 221 -22.46 57.60 -12.16
CA LYS K 221 -23.07 58.84 -12.62
C LYS K 221 -24.06 59.38 -11.60
N LYS K 222 -25.13 58.62 -11.34
CA LYS K 222 -26.26 59.12 -10.58
C LYS K 222 -26.21 58.72 -9.12
N LEU K 223 -25.98 57.45 -8.82
CA LEU K 223 -26.10 56.99 -7.45
C LEU K 223 -25.09 57.67 -6.55
N LEU K 224 -23.84 57.71 -6.98
CA LEU K 224 -22.84 58.42 -6.19
C LEU K 224 -22.93 59.93 -6.36
N GLY K 225 -23.55 60.39 -7.44
CA GLY K 225 -23.75 61.81 -7.64
C GLY K 225 -24.94 62.39 -6.93
N CYS K 226 -25.69 61.55 -6.20
CA CYS K 226 -26.87 61.97 -5.46
C CYS K 226 -27.88 62.67 -6.35
N ASP K 227 -27.79 62.43 -7.66
CA ASP K 227 -28.71 63.02 -8.62
C ASP K 227 -29.90 62.09 -8.82
N PHE K 228 -30.65 61.91 -7.74
CA PHE K 228 -31.83 61.06 -7.77
C PHE K 228 -32.69 61.36 -6.56
N ASP K 229 -33.95 60.98 -6.66
CA ASP K 229 -34.88 61.03 -5.55
C ASP K 229 -35.50 59.68 -5.26
N VAL K 230 -35.84 58.94 -6.30
CA VAL K 230 -36.48 57.63 -6.18
C VAL K 230 -35.65 56.63 -6.96
N VAL K 231 -35.33 55.51 -6.33
CA VAL K 231 -34.57 54.45 -6.95
C VAL K 231 -35.42 53.19 -6.91
N ILE K 232 -35.63 52.58 -8.07
CA ILE K 232 -36.40 51.35 -8.17
C ILE K 232 -35.45 50.22 -8.52
N ALA K 233 -35.49 49.16 -7.74
CA ALA K 233 -34.56 48.05 -7.93
C ALA K 233 -35.26 46.74 -7.62
N SER K 234 -34.77 45.67 -8.22
CA SER K 234 -35.27 44.34 -7.97
C SER K 234 -34.50 43.70 -6.83
N TYR K 235 -35.01 42.57 -6.36
CA TYR K 235 -34.35 41.90 -5.24
C TYR K 235 -32.93 41.48 -5.59
N GLU K 236 -32.74 40.89 -6.76
CA GLU K 236 -31.41 40.41 -7.13
C GLU K 236 -30.40 41.53 -7.22
N ILE K 237 -30.77 42.65 -7.82
CA ILE K 237 -29.86 43.79 -7.85
C ILE K 237 -29.52 44.26 -6.45
N ILE K 238 -30.51 44.34 -5.56
CA ILE K 238 -30.25 44.79 -4.20
C ILE K 238 -29.23 43.89 -3.54
N ILE K 239 -29.47 42.58 -3.54
CA ILE K 239 -28.53 41.67 -2.91
C ILE K 239 -27.21 41.67 -3.64
N ARG K 240 -27.21 42.06 -4.92
CA ARG K 240 -25.96 42.16 -5.64
C ARG K 240 -25.26 43.49 -5.37
N GLU K 241 -25.96 44.59 -5.59
CA GLU K 241 -25.35 45.91 -5.51
C GLU K 241 -25.46 46.47 -4.10
N LYS K 242 -25.09 45.69 -3.10
CA LYS K 242 -25.37 46.09 -1.73
C LYS K 242 -24.34 47.04 -1.16
N SER K 243 -23.08 46.92 -1.54
CA SER K 243 -22.07 47.80 -0.98
C SER K 243 -22.31 49.26 -1.33
N PRO K 244 -22.62 49.63 -2.58
CA PRO K 244 -22.87 51.05 -2.84
C PRO K 244 -24.15 51.55 -2.22
N LEU K 245 -25.20 50.72 -2.18
CA LEU K 245 -26.45 51.18 -1.60
C LEU K 245 -26.37 51.32 -0.09
N LYS K 246 -25.50 50.56 0.55
CA LYS K 246 -25.36 50.67 1.99
C LYS K 246 -24.71 51.99 2.39
N LYS K 247 -24.18 52.75 1.43
CA LYS K 247 -23.55 54.03 1.72
C LYS K 247 -24.50 55.21 1.57
N ILE K 248 -25.81 54.97 1.59
CA ILE K 248 -26.79 56.04 1.54
C ILE K 248 -27.68 55.93 2.76
N ASN K 249 -27.85 57.06 3.46
CA ASN K 249 -28.74 57.11 4.60
C ASN K 249 -30.16 57.24 4.06
N TRP K 250 -30.79 56.10 3.83
CA TRP K 250 -32.12 56.10 3.23
C TRP K 250 -33.16 56.65 4.19
N GLU K 251 -34.11 57.39 3.65
CA GLU K 251 -35.22 57.88 4.46
C GLU K 251 -36.32 56.84 4.58
N TYR K 252 -36.90 56.45 3.45
CA TYR K 252 -37.87 55.36 3.40
C TYR K 252 -37.36 54.27 2.48
N ILE K 253 -37.46 53.03 2.96
CA ILE K 253 -37.22 51.86 2.15
C ILE K 253 -38.57 51.20 1.95
N ILE K 254 -38.98 51.05 0.71
CA ILE K 254 -40.31 50.56 0.37
C ILE K 254 -40.16 49.21 -0.29
N ILE K 255 -40.82 48.20 0.26
CA ILE K 255 -40.74 46.86 -0.26
C ILE K 255 -42.12 46.46 -0.75
N ASP K 256 -42.27 46.36 -2.06
CA ASP K 256 -43.46 45.76 -2.60
C ASP K 256 -43.39 44.25 -2.43
N GLU K 257 -44.55 43.62 -2.40
CA GLU K 257 -44.65 42.17 -2.30
C GLU K 257 -43.85 41.67 -1.10
N ALA K 258 -44.32 42.06 0.08
CA ALA K 258 -43.61 41.85 1.33
C ALA K 258 -43.46 40.39 1.71
N HIS K 259 -44.36 39.53 1.30
CA HIS K 259 -44.26 38.13 1.68
C HIS K 259 -42.99 37.48 1.16
N ARG K 260 -42.27 38.17 0.29
CA ARG K 260 -40.97 37.70 -0.16
C ARG K 260 -39.93 37.61 0.95
N ILE K 261 -40.07 38.38 2.02
CA ILE K 261 -39.10 38.34 3.10
C ILE K 261 -39.63 37.53 4.29
N LYS K 262 -40.54 36.61 4.05
CA LYS K 262 -41.18 35.90 5.15
C LYS K 262 -40.21 35.01 5.90
N ASN K 263 -39.02 34.78 5.38
CA ASN K 263 -38.01 34.00 6.08
C ASN K 263 -36.85 34.93 6.44
N GLU K 264 -36.53 35.00 7.73
CA GLU K 264 -35.59 35.99 8.22
C GLU K 264 -34.14 35.61 7.98
N GLU K 265 -33.89 34.38 7.55
CA GLU K 265 -32.54 33.99 7.16
C GLU K 265 -32.29 34.19 5.68
N SER K 266 -33.32 34.48 4.91
CA SER K 266 -33.14 34.78 3.51
C SER K 266 -32.22 35.98 3.36
N MET K 267 -31.22 35.82 2.50
CA MET K 267 -30.19 36.84 2.41
C MET K 267 -30.75 38.19 2.00
N LEU K 268 -31.90 38.21 1.33
CA LEU K 268 -32.57 39.48 1.14
C LEU K 268 -32.96 40.08 2.47
N SER K 269 -33.54 39.26 3.36
CA SER K 269 -33.90 39.76 4.68
C SER K 269 -32.68 40.28 5.41
N GLN K 270 -31.61 39.50 5.43
CA GLN K 270 -30.40 39.90 6.14
C GLN K 270 -29.87 41.21 5.60
N VAL K 271 -29.77 41.32 4.28
CA VAL K 271 -29.19 42.52 3.69
C VAL K 271 -30.05 43.73 4.00
N LEU K 272 -31.37 43.59 3.88
CA LEU K 272 -32.24 44.69 4.25
C LEU K 272 -32.03 45.09 5.71
N ARG K 273 -31.70 44.13 6.56
CA ARG K 273 -31.43 44.46 7.94
C ARG K 273 -30.07 45.13 8.13
N GLU K 274 -29.44 45.62 7.07
CA GLU K 274 -28.17 46.31 7.17
C GLU K 274 -28.19 47.71 6.59
N PHE K 275 -29.23 48.11 5.87
CA PHE K 275 -29.24 49.45 5.32
C PHE K 275 -29.59 50.48 6.38
N THR K 276 -29.05 51.68 6.17
CA THR K 276 -29.33 52.84 7.00
C THR K 276 -30.64 53.45 6.55
N SER K 277 -31.70 53.23 7.33
CA SER K 277 -33.03 53.64 6.95
C SER K 277 -33.63 54.51 8.04
N ARG K 278 -34.09 55.69 7.66
CA ARG K 278 -34.82 56.50 8.62
C ARG K 278 -36.13 55.82 9.00
N ASN K 279 -36.79 55.17 8.03
CA ASN K 279 -38.05 54.52 8.31
C ASN K 279 -38.35 53.54 7.18
N ARG K 280 -39.25 52.59 7.48
CA ARG K 280 -39.57 51.51 6.57
C ARG K 280 -41.05 51.53 6.26
N LEU K 281 -41.46 50.69 5.32
CA LEU K 281 -42.85 50.61 4.91
C LEU K 281 -42.99 49.40 3.99
N LEU K 282 -44.04 48.62 4.21
CA LEU K 282 -44.20 47.35 3.51
C LEU K 282 -45.51 47.37 2.76
N ILE K 283 -45.55 46.71 1.60
CA ILE K 283 -46.78 46.51 0.85
C ILE K 283 -46.90 45.04 0.54
N THR K 284 -48.09 44.47 0.77
CA THR K 284 -48.35 43.14 0.27
C THR K 284 -49.83 42.90 0.23
N GLY K 285 -50.31 42.29 -0.83
CA GLY K 285 -51.71 41.96 -0.89
C GLY K 285 -52.07 40.77 -0.05
N THR K 286 -51.09 39.96 0.31
CA THR K 286 -51.31 38.73 1.07
C THR K 286 -50.32 38.70 2.21
N PRO K 287 -50.66 39.27 3.34
CA PRO K 287 -49.69 39.40 4.43
C PRO K 287 -49.39 38.11 5.14
N LEU K 288 -50.39 37.28 5.37
CA LEU K 288 -50.20 36.05 6.11
C LEU K 288 -50.09 34.90 5.11
N GLN K 289 -48.96 34.20 5.11
CA GLN K 289 -48.78 33.15 4.11
C GLN K 289 -48.98 31.75 4.67
N ASN K 290 -48.17 31.34 5.64
CA ASN K 290 -48.15 29.95 6.07
C ASN K 290 -48.56 29.76 7.52
N ASN K 291 -47.94 30.49 8.44
CA ASN K 291 -48.20 30.32 9.86
C ASN K 291 -48.09 31.69 10.51
N LEU K 292 -47.97 31.71 11.83
CA LEU K 292 -47.79 32.98 12.52
C LEU K 292 -46.40 33.55 12.36
N HIS K 293 -45.37 32.71 12.26
CA HIS K 293 -44.01 33.22 12.40
C HIS K 293 -43.70 34.23 11.32
N GLU K 294 -44.37 34.16 10.18
CA GLU K 294 -44.10 35.10 9.10
C GLU K 294 -44.37 36.52 9.55
N LEU K 295 -45.45 36.73 10.29
CA LEU K 295 -45.77 38.07 10.76
C LEU K 295 -44.67 38.60 11.65
N TRP K 296 -44.18 37.76 12.55
CA TRP K 296 -43.08 38.20 13.39
C TRP K 296 -41.87 38.52 12.53
N ALA K 297 -41.64 37.73 11.49
CA ALA K 297 -40.53 38.00 10.59
C ALA K 297 -40.66 39.38 9.96
N LEU K 298 -41.84 39.69 9.45
CA LEU K 298 -42.06 41.00 8.83
C LEU K 298 -41.92 42.12 9.85
N LEU K 299 -42.48 41.93 11.04
CA LEU K 299 -42.49 43.03 12.00
C LEU K 299 -41.12 43.26 12.57
N ASN K 300 -40.34 42.19 12.75
CA ASN K 300 -38.95 42.34 13.14
C ASN K 300 -38.16 43.13 12.13
N PHE K 301 -38.57 43.12 10.87
CA PHE K 301 -38.00 44.06 9.91
C PHE K 301 -38.57 45.45 10.09
N LEU K 302 -39.85 45.56 10.40
CA LEU K 302 -40.45 46.88 10.57
C LEU K 302 -40.00 47.53 11.87
N LEU K 303 -40.19 46.84 12.99
CA LEU K 303 -39.83 47.37 14.30
C LEU K 303 -38.93 46.37 14.99
N PRO K 304 -37.65 46.34 14.63
CA PRO K 304 -36.74 45.34 15.23
C PRO K 304 -36.63 45.48 16.73
N ASP K 305 -36.57 46.73 17.22
CA ASP K 305 -36.44 46.95 18.66
C ASP K 305 -37.73 46.59 19.38
N ILE K 306 -38.88 46.92 18.81
CA ILE K 306 -40.14 46.70 19.49
C ILE K 306 -40.36 45.22 19.75
N PHE K 307 -40.13 44.39 18.74
CA PHE K 307 -40.44 42.97 18.93
C PHE K 307 -39.20 42.19 19.34
N SER K 308 -38.24 42.05 18.42
CA SER K 308 -36.96 41.40 18.71
C SER K 308 -37.11 40.04 19.38
N ASP K 309 -38.29 39.43 19.36
CA ASP K 309 -38.54 38.19 20.09
C ASP K 309 -39.33 37.23 19.22
N ALA K 310 -38.80 36.02 19.04
CA ALA K 310 -39.53 35.02 18.28
C ALA K 310 -40.37 34.14 19.19
N GLN K 311 -39.74 33.50 20.17
CA GLN K 311 -40.46 32.59 21.05
C GLN K 311 -41.46 33.34 21.91
N ASP K 312 -41.12 34.57 22.31
CA ASP K 312 -42.07 35.37 23.07
C ASP K 312 -43.30 35.67 22.24
N PHE K 313 -43.11 36.02 20.98
CA PHE K 313 -44.24 36.24 20.08
C PHE K 313 -45.06 34.97 19.94
N ASP K 314 -44.38 33.83 19.80
CA ASP K 314 -45.08 32.57 19.59
C ASP K 314 -45.92 32.18 20.79
N ASP K 315 -45.35 32.31 21.98
CA ASP K 315 -46.01 31.84 23.20
C ASP K 315 -46.93 32.87 23.81
N TRP K 316 -46.82 34.14 23.41
CA TRP K 316 -47.79 35.15 23.81
C TRP K 316 -49.17 34.80 23.30
N PHE K 317 -49.25 33.94 22.29
CA PHE K 317 -50.49 33.48 21.70
C PHE K 317 -50.60 31.97 21.63
N SER K 318 -49.49 31.27 21.42
CA SER K 318 -49.48 29.82 21.27
C SER K 318 -50.47 29.38 20.20
N SER K 319 -50.49 30.13 19.10
CA SER K 319 -51.39 29.88 17.98
C SER K 319 -52.86 29.88 18.41
N GLN K 326 -60.67 30.68 19.48
CA GLN K 326 -61.60 31.12 20.51
C GLN K 326 -61.59 32.64 20.61
N ASP K 327 -61.28 33.15 21.79
CA ASP K 327 -61.19 34.58 22.00
C ASP K 327 -59.94 35.02 22.74
N LYS K 328 -59.29 34.12 23.48
CA LYS K 328 -58.14 34.49 24.29
C LYS K 328 -56.99 34.98 23.43
N ILE K 329 -56.96 34.61 22.16
CA ILE K 329 -55.86 34.87 21.27
C ILE K 329 -56.25 35.72 20.09
N VAL K 330 -57.24 35.27 19.31
CA VAL K 330 -57.56 35.93 18.04
C VAL K 330 -57.94 37.39 18.29
N LYS K 331 -58.61 37.66 19.41
CA LYS K 331 -58.87 39.05 19.80
C LYS K 331 -57.57 39.77 20.12
N GLN K 332 -56.70 39.13 20.91
CA GLN K 332 -55.38 39.70 21.14
C GLN K 332 -54.65 39.87 19.82
N LEU K 333 -54.83 38.90 18.91
CA LEU K 333 -54.20 39.00 17.61
C LEU K 333 -54.60 40.30 16.93
N HIS K 334 -55.90 40.57 16.88
CA HIS K 334 -56.35 41.81 16.27
C HIS K 334 -55.79 43.02 17.01
N THR K 335 -55.89 43.03 18.33
CA THR K 335 -55.54 44.21 19.09
C THR K 335 -54.08 44.60 18.89
N VAL K 336 -53.18 43.62 18.86
CA VAL K 336 -51.76 43.95 18.81
C VAL K 336 -51.43 44.65 17.49
N LEU K 337 -52.02 44.21 16.38
CA LEU K 337 -51.64 44.72 15.08
C LEU K 337 -52.61 45.76 14.52
N GLN K 338 -53.60 46.19 15.28
CA GLN K 338 -54.54 47.18 14.76
C GLN K 338 -53.86 48.43 14.22
N PRO K 339 -52.85 49.01 14.88
CA PRO K 339 -52.23 50.21 14.31
C PRO K 339 -51.15 49.93 13.28
N PHE K 340 -50.64 48.71 13.19
CA PHE K 340 -49.53 48.39 12.30
C PHE K 340 -49.99 47.91 10.94
N LEU K 341 -51.29 47.72 10.74
CA LEU K 341 -51.80 47.12 9.51
C LEU K 341 -53.01 47.90 9.06
N LEU K 342 -53.27 47.91 7.76
CA LEU K 342 -54.47 48.51 7.22
C LEU K 342 -54.91 47.71 6.01
N ARG K 343 -56.12 47.17 6.04
CA ARG K 343 -56.67 46.40 4.94
C ARG K 343 -58.02 46.95 4.53
N ARG K 344 -58.31 46.87 3.24
CA ARG K 344 -59.63 47.22 2.71
C ARG K 344 -60.03 46.14 1.72
N ILE K 345 -60.95 45.32 2.10
CA ILE K 345 -61.45 44.28 1.21
C ILE K 345 -62.12 44.95 0.04
N LYS K 346 -62.09 44.31 -1.13
CA LYS K 346 -62.73 44.92 -2.29
C LYS K 346 -64.24 44.93 -2.21
N SER K 347 -64.84 43.96 -1.52
CA SER K 347 -66.29 43.91 -1.41
C SER K 347 -66.86 45.07 -0.63
N ASP K 348 -66.21 45.50 0.45
CA ASP K 348 -66.73 46.57 1.29
C ASP K 348 -66.23 47.93 0.86
N VAL K 349 -65.41 48.02 -0.18
CA VAL K 349 -64.79 49.29 -0.54
C VAL K 349 -65.07 49.62 -2.00
N GLU K 350 -64.89 48.68 -2.92
CA GLU K 350 -65.09 49.02 -4.31
C GLU K 350 -66.50 48.72 -4.77
N THR K 351 -66.86 47.45 -4.84
CA THR K 351 -68.23 47.03 -5.20
C THR K 351 -68.65 47.28 -6.63
N SER K 352 -67.94 48.16 -7.30
CA SER K 352 -68.25 48.44 -8.67
C SER K 352 -67.75 47.31 -9.54
N LEU K 353 -67.11 46.32 -8.93
CA LEU K 353 -66.51 45.26 -9.70
C LEU K 353 -67.28 43.97 -9.68
N LEU K 354 -67.56 43.42 -10.83
CA LEU K 354 -68.23 42.16 -10.89
C LEU K 354 -67.37 41.18 -10.15
N PRO K 355 -67.98 40.29 -9.37
CA PRO K 355 -67.15 39.41 -8.54
C PRO K 355 -66.57 38.25 -9.32
N LYS K 356 -65.54 37.59 -8.80
CA LYS K 356 -64.91 36.52 -9.57
C LYS K 356 -65.77 35.26 -9.55
N LYS K 357 -65.66 34.48 -10.62
CA LYS K 357 -66.35 33.21 -10.76
C LYS K 357 -65.29 32.13 -10.94
N GLU K 358 -65.13 31.30 -9.90
CA GLU K 358 -64.15 30.22 -9.90
C GLU K 358 -64.82 28.92 -10.28
N LEU K 359 -64.01 27.98 -10.75
CA LEU K 359 -64.52 26.71 -11.23
C LEU K 359 -63.41 25.68 -11.22
N ASN K 360 -63.76 24.45 -10.86
CA ASN K 360 -62.81 23.35 -10.81
C ASN K 360 -63.26 22.27 -11.78
N LEU K 361 -62.46 22.05 -12.82
CA LEU K 361 -62.81 21.11 -13.89
C LEU K 361 -62.12 19.79 -13.62
N TYR K 362 -62.81 18.90 -12.91
CA TYR K 362 -62.24 17.63 -12.52
C TYR K 362 -62.07 16.75 -13.75
N VAL K 363 -60.88 16.17 -13.91
CA VAL K 363 -60.57 15.35 -15.07
C VAL K 363 -59.88 14.08 -14.61
N GLY K 364 -59.93 13.07 -15.46
CA GLY K 364 -59.19 11.84 -15.26
C GLY K 364 -57.82 11.92 -15.89
N MET K 365 -57.36 10.80 -16.42
CA MET K 365 -56.07 10.73 -17.11
C MET K 365 -56.22 9.91 -18.39
N SER K 366 -55.38 10.22 -19.36
CA SER K 366 -55.38 9.43 -20.58
C SER K 366 -54.54 8.16 -20.40
N SER K 367 -54.48 7.38 -21.46
CA SER K 367 -53.76 6.11 -21.40
C SER K 367 -52.29 6.31 -21.06
N MET K 368 -51.63 7.22 -21.77
CA MET K 368 -50.23 7.50 -21.51
C MET K 368 -50.04 7.97 -20.08
N GLN K 369 -50.93 8.86 -19.63
CA GLN K 369 -50.86 9.37 -18.27
C GLN K 369 -51.03 8.25 -17.25
N LYS K 370 -52.04 7.40 -17.43
CA LYS K 370 -52.26 6.31 -16.49
C LYS K 370 -51.06 5.37 -16.45
N LYS K 371 -50.55 5.02 -17.63
CA LYS K 371 -49.41 4.11 -17.71
C LYS K 371 -48.21 4.66 -16.96
N TRP K 372 -47.84 5.90 -17.26
CA TRP K 372 -46.69 6.50 -16.60
C TRP K 372 -46.94 6.67 -15.11
N TYR K 373 -48.18 6.93 -14.72
CA TYR K 373 -48.48 7.11 -13.31
C TYR K 373 -48.23 5.83 -12.54
N LYS K 374 -48.71 4.69 -13.06
CA LYS K 374 -48.32 3.45 -12.39
C LYS K 374 -46.81 3.26 -12.43
N LYS K 375 -46.21 3.38 -13.62
CA LYS K 375 -44.77 3.16 -13.75
C LYS K 375 -44.02 3.88 -12.63
N ILE K 376 -44.46 5.10 -12.31
CA ILE K 376 -43.86 5.80 -11.19
C ILE K 376 -44.24 5.13 -9.88
N LEU K 377 -45.49 4.68 -9.76
CA LEU K 377 -45.95 4.15 -8.47
C LEU K 377 -45.18 2.91 -8.04
N GLU K 378 -45.06 1.90 -8.90
CA GLU K 378 -44.21 0.75 -8.60
C GLU K 378 -42.76 0.97 -8.99
N LYS K 379 -42.28 2.21 -8.95
CA LYS K 379 -40.86 2.57 -9.00
C LYS K 379 -40.22 2.32 -10.35
N ASP K 380 -41.01 2.11 -11.40
CA ASP K 380 -40.46 1.91 -12.73
C ASP K 380 -40.14 3.25 -13.38
N LYS K 394 -34.25 2.82 -14.43
CA LYS K 394 -32.86 3.26 -14.43
C LYS K 394 -32.78 4.77 -14.35
N THR K 395 -33.93 5.43 -14.30
CA THR K 395 -33.95 6.88 -14.15
C THR K 395 -34.19 7.23 -12.69
N ARG K 396 -33.70 8.41 -12.29
CA ARG K 396 -33.72 8.80 -10.88
C ARG K 396 -35.10 9.29 -10.47
N LEU K 397 -35.63 8.73 -9.39
CA LEU K 397 -36.90 9.13 -8.82
C LEU K 397 -36.69 9.27 -7.32
N LEU K 398 -36.58 10.50 -6.85
CA LEU K 398 -36.31 10.75 -5.45
C LEU K 398 -37.44 11.50 -4.74
N ASN K 399 -37.90 12.60 -5.32
CA ASN K 399 -39.12 13.28 -4.88
C ASN K 399 -40.24 12.73 -5.75
N ILE K 400 -40.98 11.76 -5.24
CA ILE K 400 -42.08 11.20 -6.03
C ILE K 400 -43.14 12.25 -6.31
N MET K 401 -43.24 13.26 -5.44
CA MET K 401 -44.25 14.29 -5.64
C MET K 401 -44.10 14.96 -6.99
N MET K 402 -42.91 15.50 -7.28
CA MET K 402 -42.74 16.23 -8.52
C MET K 402 -42.89 15.32 -9.72
N GLN K 403 -42.49 14.06 -9.60
CA GLN K 403 -42.68 13.15 -10.72
C GLN K 403 -44.17 12.96 -11.01
N LEU K 404 -44.96 12.78 -9.97
CA LEU K 404 -46.40 12.63 -10.15
C LEU K 404 -47.01 13.91 -10.71
N ARG K 405 -46.54 15.06 -10.26
CA ARG K 405 -47.07 16.32 -10.78
C ARG K 405 -46.76 16.46 -12.25
N LYS K 406 -45.55 16.09 -12.66
CA LYS K 406 -45.23 16.10 -14.08
C LYS K 406 -46.14 15.15 -14.83
N CYS K 407 -46.38 13.96 -14.28
CA CYS K 407 -47.25 13.01 -14.95
C CYS K 407 -48.64 13.57 -15.15
N CYS K 408 -49.23 14.12 -14.09
CA CYS K 408 -50.59 14.64 -14.16
C CYS K 408 -50.66 15.82 -15.12
N ASN K 409 -49.67 16.71 -15.08
CA ASN K 409 -49.69 17.85 -16.00
C ASN K 409 -49.65 17.39 -17.44
N HIS K 410 -48.59 16.70 -17.82
CA HIS K 410 -48.50 16.20 -19.19
C HIS K 410 -47.38 15.18 -19.26
N PRO K 411 -47.67 13.95 -19.69
CA PRO K 411 -46.61 12.93 -19.74
C PRO K 411 -45.49 13.26 -20.70
N TYR K 412 -45.75 14.07 -21.74
CA TYR K 412 -44.66 14.43 -22.63
C TYR K 412 -43.53 15.15 -21.91
N LEU K 413 -43.78 15.73 -20.74
CA LEU K 413 -42.70 16.29 -19.94
C LEU K 413 -41.67 15.24 -19.55
N PHE K 414 -42.05 13.97 -19.55
CA PHE K 414 -41.09 12.88 -19.46
C PHE K 414 -40.46 12.66 -20.83
N ASP K 415 -39.16 12.45 -20.84
CA ASP K 415 -38.44 12.28 -22.09
C ASP K 415 -38.75 10.91 -22.70
N GLY K 416 -39.05 10.91 -23.99
CA GLY K 416 -39.23 9.68 -24.74
C GLY K 416 -40.67 9.21 -24.87
N ALA K 417 -41.56 9.65 -23.98
CA ALA K 417 -42.95 9.23 -24.08
C ALA K 417 -43.57 9.73 -25.39
N GLU K 418 -43.08 10.85 -25.89
CA GLU K 418 -43.55 11.34 -27.18
C GLU K 418 -43.09 10.40 -28.28
N PRO K 419 -43.98 9.95 -29.16
CA PRO K 419 -43.56 9.08 -30.27
C PRO K 419 -42.58 9.79 -31.17
N GLY K 420 -41.57 9.07 -31.62
CA GLY K 420 -40.54 9.63 -32.47
C GLY K 420 -39.16 9.19 -32.04
N PRO K 421 -38.12 9.69 -32.72
CA PRO K 421 -38.16 10.63 -33.84
C PRO K 421 -38.68 9.97 -35.12
N PRO K 422 -39.17 10.77 -36.08
CA PRO K 422 -39.23 12.24 -36.06
C PRO K 422 -40.27 12.77 -35.10
N TYR K 423 -40.05 13.98 -34.61
CA TYR K 423 -40.96 14.60 -33.66
C TYR K 423 -41.87 15.57 -34.41
N THR K 424 -43.16 15.25 -34.44
CA THR K 424 -44.16 16.06 -35.12
C THR K 424 -45.20 16.50 -34.12
N THR K 425 -45.78 17.67 -34.37
CA THR K 425 -46.64 18.35 -33.41
C THR K 425 -48.09 18.38 -33.83
N ASP K 426 -48.53 17.46 -34.68
CA ASP K 426 -49.85 17.61 -35.26
C ASP K 426 -50.97 17.51 -34.24
N GLU K 427 -51.28 16.32 -33.77
CA GLU K 427 -52.45 16.17 -32.91
C GLU K 427 -52.26 15.20 -31.78
N HIS K 428 -51.23 14.36 -31.79
CA HIS K 428 -51.07 13.39 -30.71
C HIS K 428 -50.91 14.08 -29.36
N LEU K 429 -50.57 15.37 -29.36
CA LEU K 429 -50.41 16.11 -28.12
C LEU K 429 -51.72 16.19 -27.34
N VAL K 430 -52.81 16.55 -28.01
CA VAL K 430 -53.99 16.97 -27.26
C VAL K 430 -54.71 15.80 -26.60
N TYR K 431 -54.98 14.74 -27.36
CA TYR K 431 -55.87 13.69 -26.86
C TYR K 431 -55.30 12.88 -25.72
N ASN K 432 -53.98 12.66 -25.70
CA ASN K 432 -53.38 11.84 -24.65
C ASN K 432 -53.05 12.65 -23.41
N ALA K 433 -53.64 13.82 -23.25
CA ALA K 433 -53.48 14.64 -22.06
C ALA K 433 -54.85 15.16 -21.66
N ALA K 434 -55.39 14.60 -20.57
CA ALA K 434 -56.74 15.00 -20.15
C ALA K 434 -56.82 16.49 -19.86
N LYS K 435 -55.81 17.02 -19.18
CA LYS K 435 -55.74 18.48 -18.98
C LYS K 435 -55.88 19.21 -20.30
N LEU K 436 -54.95 18.98 -21.21
CA LEU K 436 -54.96 19.71 -22.47
C LEU K 436 -56.14 19.32 -23.34
N GLN K 437 -56.59 18.07 -23.26
CA GLN K 437 -57.74 17.66 -24.07
C GLN K 437 -58.97 18.45 -23.67
N VAL K 438 -59.20 18.61 -22.37
CA VAL K 438 -60.28 19.49 -21.92
C VAL K 438 -59.98 20.93 -22.32
N LEU K 439 -58.72 21.33 -22.22
CA LEU K 439 -58.34 22.70 -22.50
C LEU K 439 -58.69 23.09 -23.92
N ASP K 440 -58.45 22.21 -24.88
CA ASP K 440 -58.69 22.58 -26.27
C ASP K 440 -60.16 22.89 -26.48
N LYS K 441 -61.04 22.04 -25.94
CA LYS K 441 -62.46 22.29 -26.06
C LYS K 441 -62.82 23.63 -25.42
N LEU K 442 -62.33 23.86 -24.21
CA LEU K 442 -62.75 25.07 -23.50
C LEU K 442 -62.21 26.32 -24.17
N LEU K 443 -60.94 26.29 -24.58
CA LEU K 443 -60.31 27.42 -25.23
C LEU K 443 -60.98 27.73 -26.56
N LYS K 444 -61.19 26.71 -27.39
CA LYS K 444 -61.89 26.92 -28.65
C LYS K 444 -63.26 27.52 -28.41
N LYS K 445 -64.02 26.96 -27.47
CA LYS K 445 -65.33 27.50 -27.17
C LYS K 445 -65.23 28.97 -26.82
N LEU K 446 -64.37 29.32 -25.87
CA LEU K 446 -64.28 30.70 -25.44
C LEU K 446 -63.81 31.59 -26.58
N LYS K 447 -63.06 31.02 -27.52
CA LYS K 447 -62.69 31.76 -28.71
C LYS K 447 -63.93 32.15 -29.50
N GLU K 448 -64.89 31.23 -29.66
CA GLU K 448 -66.13 31.66 -30.29
C GLU K 448 -66.88 32.67 -29.43
N GLU K 449 -66.87 32.50 -28.10
CA GLU K 449 -67.37 33.61 -27.29
C GLU K 449 -66.48 34.85 -27.39
N GLY K 450 -65.24 34.70 -27.84
CA GLY K 450 -64.41 35.84 -28.14
C GLY K 450 -63.89 36.61 -26.94
N SER K 451 -63.55 35.90 -25.88
CA SER K 451 -62.91 36.50 -24.72
C SER K 451 -61.40 36.28 -24.79
N ARG K 452 -60.71 36.63 -23.72
CA ARG K 452 -59.26 36.57 -23.70
C ARG K 452 -58.78 35.79 -22.49
N VAL K 453 -57.66 35.10 -22.66
CA VAL K 453 -57.26 34.01 -21.77
C VAL K 453 -55.91 34.32 -21.15
N LEU K 454 -55.77 34.01 -19.87
CA LEU K 454 -54.49 34.00 -19.19
C LEU K 454 -54.21 32.60 -18.69
N ILE K 455 -52.99 32.11 -18.94
CA ILE K 455 -52.61 30.76 -18.57
C ILE K 455 -51.47 30.86 -17.59
N PHE K 456 -51.69 30.36 -16.38
CA PHE K 456 -50.66 30.30 -15.35
C PHE K 456 -50.22 28.86 -15.13
N SER K 457 -48.93 28.68 -14.93
CA SER K 457 -48.39 27.35 -14.71
C SER K 457 -47.25 27.44 -13.70
N GLN K 458 -46.89 26.28 -13.16
CA GLN K 458 -45.80 26.18 -12.21
C GLN K 458 -44.47 25.82 -12.85
N MET K 459 -44.50 25.37 -14.09
CA MET K 459 -43.33 24.80 -14.74
C MET K 459 -43.11 25.43 -16.10
N SER K 460 -41.88 25.85 -16.36
CA SER K 460 -41.59 26.48 -17.63
C SER K 460 -41.69 25.51 -18.79
N ARG K 461 -41.40 24.23 -18.56
CA ARG K 461 -41.41 23.29 -19.67
C ARG K 461 -42.82 23.05 -20.18
N LEU K 462 -43.76 22.81 -19.25
CA LEU K 462 -45.16 22.72 -19.62
C LEU K 462 -45.61 23.95 -20.37
N LEU K 463 -45.07 25.11 -20.02
CA LEU K 463 -45.35 26.31 -20.79
C LEU K 463 -44.89 26.17 -22.23
N ASP K 464 -43.71 25.57 -22.43
CA ASP K 464 -43.24 25.31 -23.79
C ASP K 464 -44.19 24.38 -24.53
N ILE K 465 -44.68 23.35 -23.85
CA ILE K 465 -45.63 22.43 -24.47
C ILE K 465 -46.85 23.20 -24.93
N LEU K 466 -47.40 24.04 -24.06
CA LEU K 466 -48.58 24.80 -24.43
C LEU K 466 -48.28 25.72 -25.61
N GLU K 467 -47.10 26.33 -25.63
CA GLU K 467 -46.73 27.22 -26.72
C GLU K 467 -46.70 26.47 -28.04
N ASP K 468 -46.11 25.27 -28.05
CA ASP K 468 -46.13 24.47 -29.26
C ASP K 468 -47.57 24.12 -29.65
N TYR K 469 -48.41 23.86 -28.65
CA TYR K 469 -49.82 23.56 -28.94
C TYR K 469 -50.48 24.72 -29.67
N CYS K 470 -50.29 25.95 -29.19
CA CYS K 470 -50.90 27.07 -29.90
C CYS K 470 -50.27 27.28 -31.27
N TYR K 471 -48.96 27.05 -31.39
CA TYR K 471 -48.33 27.09 -32.71
C TYR K 471 -49.08 26.18 -33.68
N PHE K 472 -49.43 24.99 -33.23
CA PHE K 472 -50.31 24.15 -34.03
C PHE K 472 -51.68 24.78 -34.22
N ARG K 473 -52.22 25.37 -33.16
CA ARG K 473 -53.58 25.89 -33.19
C ARG K 473 -53.67 27.27 -33.79
N ASN K 474 -52.55 27.83 -34.26
CA ASN K 474 -52.53 29.11 -34.96
C ASN K 474 -53.13 30.22 -34.12
N TYR K 475 -52.82 30.20 -32.82
CA TYR K 475 -53.18 31.29 -31.93
C TYR K 475 -51.99 32.23 -31.78
N GLU K 476 -52.25 33.38 -31.16
CA GLU K 476 -51.25 34.43 -31.00
C GLU K 476 -50.96 34.60 -29.51
N TYR K 477 -49.95 33.88 -29.02
CA TYR K 477 -49.56 33.95 -27.63
C TYR K 477 -48.56 35.08 -27.43
N CYS K 478 -48.26 35.36 -26.18
CA CYS K 478 -47.35 36.42 -25.80
C CYS K 478 -46.52 36.00 -24.59
N ARG K 479 -45.90 34.83 -24.67
CA ARG K 479 -45.37 34.15 -23.49
C ARG K 479 -44.38 34.98 -22.69
N ILE K 480 -44.47 34.86 -21.37
CA ILE K 480 -43.55 35.46 -20.41
C ILE K 480 -43.08 34.37 -19.47
N ASP K 481 -41.85 34.48 -18.97
CA ASP K 481 -41.34 33.47 -18.04
C ASP K 481 -40.21 34.07 -17.22
N GLY K 482 -39.55 33.21 -16.44
CA GLY K 482 -38.44 33.68 -15.63
C GLY K 482 -37.18 33.95 -16.41
N SER K 483 -37.03 33.34 -17.57
CA SER K 483 -35.86 33.59 -18.40
C SER K 483 -36.03 34.78 -19.33
N THR K 484 -37.25 35.29 -19.47
CA THR K 484 -37.50 36.38 -20.38
C THR K 484 -36.81 37.65 -19.91
N ALA K 485 -36.16 38.34 -20.85
CA ALA K 485 -35.41 39.54 -20.51
C ALA K 485 -36.36 40.69 -20.19
N HIS K 486 -35.80 41.72 -19.56
CA HIS K 486 -36.61 42.81 -19.03
C HIS K 486 -37.44 43.49 -20.11
N GLU K 487 -36.78 44.10 -21.09
CA GLU K 487 -37.50 44.84 -22.11
C GLU K 487 -38.41 43.93 -22.90
N ASP K 488 -38.06 42.65 -23.02
CA ASP K 488 -38.98 41.71 -23.64
C ASP K 488 -40.25 41.59 -22.81
N ARG K 489 -40.12 41.58 -21.49
CA ARG K 489 -41.30 41.54 -20.65
C ARG K 489 -42.16 42.78 -20.85
N ILE K 490 -41.52 43.95 -20.89
CA ILE K 490 -42.27 45.19 -21.10
C ILE K 490 -43.01 45.12 -22.42
N GLN K 491 -42.31 44.72 -23.47
CA GLN K 491 -42.91 44.65 -24.80
C GLN K 491 -44.07 43.66 -24.82
N ALA K 492 -43.93 42.54 -24.13
CA ALA K 492 -45.00 41.55 -24.11
C ALA K 492 -46.25 42.10 -23.43
N ILE K 493 -46.07 42.71 -22.26
CA ILE K 493 -47.22 43.26 -21.55
C ILE K 493 -47.90 44.32 -22.40
N ASP K 494 -47.11 45.21 -23.00
CA ASP K 494 -47.70 46.26 -23.81
C ASP K 494 -48.41 45.70 -25.03
N ASP K 495 -47.88 44.61 -25.59
CA ASP K 495 -48.57 43.95 -26.69
C ASP K 495 -49.93 43.45 -26.25
N TYR K 496 -49.98 42.80 -25.09
CA TYR K 496 -51.25 42.17 -24.71
C TYR K 496 -52.27 43.20 -24.25
N ASN K 497 -51.82 44.32 -23.68
CA ASN K 497 -52.74 45.39 -23.33
C ASN K 497 -52.93 46.40 -24.44
N ALA K 498 -52.53 46.08 -25.66
CA ALA K 498 -52.69 47.01 -26.76
C ALA K 498 -54.17 47.26 -27.04
N PRO K 499 -54.51 48.44 -27.56
CA PRO K 499 -55.86 48.62 -28.10
C PRO K 499 -56.07 47.70 -29.28
N ASP K 500 -57.17 46.94 -29.23
CA ASP K 500 -57.53 45.85 -30.15
C ASP K 500 -56.66 44.62 -29.91
N SER K 501 -55.60 44.79 -29.11
CA SER K 501 -54.91 43.71 -28.42
C SER K 501 -54.71 42.47 -29.29
N LYS K 502 -53.89 42.59 -30.32
CA LYS K 502 -53.75 41.60 -31.37
C LYS K 502 -53.64 40.18 -30.83
N LYS K 503 -53.19 40.05 -29.58
CA LYS K 503 -52.93 38.75 -28.99
C LYS K 503 -54.18 38.17 -28.34
N PHE K 504 -54.28 36.84 -28.37
CA PHE K 504 -55.41 36.12 -27.81
C PHE K 504 -55.12 35.57 -26.42
N VAL K 505 -54.13 34.71 -26.30
CA VAL K 505 -53.79 34.06 -25.05
C VAL K 505 -52.42 34.57 -24.63
N PHE K 506 -52.17 34.54 -23.33
CA PHE K 506 -50.95 35.08 -22.77
C PHE K 506 -50.39 34.07 -21.79
N LEU K 507 -49.16 33.61 -22.04
CA LEU K 507 -48.58 32.52 -21.28
C LEU K 507 -47.74 33.09 -20.14
N LEU K 508 -47.96 32.56 -18.93
CA LEU K 508 -47.35 33.10 -17.73
C LEU K 508 -46.77 31.97 -16.90
N THR K 509 -46.09 32.35 -15.82
CA THR K 509 -45.75 31.45 -14.74
C THR K 509 -46.03 32.12 -13.42
N THR K 510 -46.53 31.35 -12.45
CA THR K 510 -47.06 31.93 -11.24
C THR K 510 -46.03 32.72 -10.46
N ARG K 511 -44.76 32.36 -10.56
CA ARG K 511 -43.74 33.05 -9.79
C ARG K 511 -43.20 34.26 -10.55
N ALA K 512 -42.70 34.04 -11.77
CA ALA K 512 -42.08 35.13 -12.51
C ALA K 512 -43.07 36.22 -12.83
N GLY K 513 -44.05 35.93 -13.67
CA GLY K 513 -44.98 36.95 -14.10
C GLY K 513 -46.31 36.88 -13.39
N GLY K 514 -46.31 36.58 -12.11
CA GLY K 514 -47.56 36.43 -11.40
C GLY K 514 -47.71 37.45 -10.31
N LEU K 515 -47.08 38.61 -10.46
CA LEU K 515 -47.09 39.63 -9.43
C LEU K 515 -47.14 41.02 -10.06
N GLY K 516 -48.11 41.82 -9.63
CA GLY K 516 -48.07 43.25 -9.89
C GLY K 516 -48.51 43.72 -11.25
N ILE K 517 -48.18 42.97 -12.30
CA ILE K 517 -48.50 43.39 -13.67
C ILE K 517 -50.01 43.44 -13.86
N ASN K 518 -50.48 44.23 -14.81
CA ASN K 518 -51.85 44.77 -14.78
C ASN K 518 -52.71 44.34 -15.96
N LEU K 519 -52.73 43.05 -16.27
CA LEU K 519 -53.40 42.56 -17.46
C LEU K 519 -54.92 42.63 -17.32
N THR K 520 -55.44 43.86 -17.37
CA THR K 520 -56.88 44.03 -17.27
C THR K 520 -57.59 43.77 -18.59
N SER K 521 -56.85 43.67 -19.69
CA SER K 521 -57.49 43.45 -20.99
C SER K 521 -58.23 42.13 -21.03
N ALA K 522 -57.64 41.08 -20.48
CA ALA K 522 -58.25 39.77 -20.55
C ALA K 522 -59.34 39.64 -19.48
N ASP K 523 -60.08 38.53 -19.57
CA ASP K 523 -61.19 38.28 -18.67
C ASP K 523 -61.31 36.85 -18.20
N VAL K 524 -60.50 35.93 -18.71
CA VAL K 524 -60.55 34.53 -18.31
C VAL K 524 -59.17 34.07 -17.90
N VAL K 525 -59.04 33.65 -16.64
CA VAL K 525 -57.78 33.20 -16.08
C VAL K 525 -57.87 31.70 -15.88
N VAL K 526 -56.90 30.98 -16.41
CA VAL K 526 -56.87 29.53 -16.33
C VAL K 526 -55.63 29.12 -15.56
N LEU K 527 -55.84 28.49 -14.41
CA LEU K 527 -54.75 27.95 -13.61
C LEU K 527 -54.54 26.51 -14.04
N TYR K 528 -53.48 26.27 -14.79
CA TYR K 528 -53.27 24.93 -15.32
C TYR K 528 -53.05 23.91 -14.21
N ASP K 529 -52.29 24.29 -13.18
CA ASP K 529 -51.98 23.37 -12.11
C ASP K 529 -51.90 24.14 -10.80
N SER K 530 -52.44 23.54 -9.75
CA SER K 530 -52.51 24.22 -8.45
C SER K 530 -51.12 24.31 -7.84
N ASP K 531 -51.00 25.18 -6.84
CA ASP K 531 -49.76 25.42 -6.14
C ASP K 531 -49.84 24.97 -4.70
N TRP K 532 -48.67 24.70 -4.12
CA TRP K 532 -48.61 24.32 -2.71
C TRP K 532 -48.97 25.48 -1.79
N ASN K 533 -48.91 26.70 -2.29
CA ASN K 533 -49.23 27.87 -1.47
C ASN K 533 -50.38 28.62 -2.12
N PRO K 534 -51.54 28.69 -1.48
CA PRO K 534 -52.70 29.30 -2.14
C PRO K 534 -52.52 30.76 -2.53
N GLN K 535 -51.81 31.55 -1.73
CA GLN K 535 -51.68 32.96 -2.05
C GLN K 535 -50.96 33.18 -3.38
N ALA K 536 -50.06 32.28 -3.75
CA ALA K 536 -49.47 32.37 -5.07
C ALA K 536 -50.52 32.22 -6.15
N ASP K 537 -51.60 31.52 -5.88
CA ASP K 537 -52.72 31.46 -6.81
C ASP K 537 -53.62 32.67 -6.71
N LEU K 538 -53.79 33.21 -5.50
CA LEU K 538 -54.59 34.41 -5.35
C LEU K 538 -54.01 35.56 -6.14
N GLN K 539 -52.70 35.75 -6.04
CA GLN K 539 -52.06 36.80 -6.82
C GLN K 539 -52.28 36.57 -8.31
N ALA K 540 -52.12 35.33 -8.76
CA ALA K 540 -52.24 35.02 -10.18
C ALA K 540 -53.63 35.33 -10.68
N MET K 541 -54.66 34.93 -9.94
CA MET K 541 -56.02 35.18 -10.40
C MET K 541 -56.37 36.65 -10.27
N ASP K 542 -55.72 37.37 -9.37
CA ASP K 542 -56.01 38.77 -9.23
C ASP K 542 -55.20 39.64 -10.17
N ARG K 543 -54.30 39.06 -10.96
CA ARG K 543 -53.61 39.88 -11.95
C ARG K 543 -54.53 40.37 -13.06
N ALA K 544 -55.75 39.86 -13.15
CA ALA K 544 -56.72 40.36 -14.12
C ALA K 544 -57.93 41.00 -13.48
N HIS K 545 -58.43 40.47 -12.38
CA HIS K 545 -59.58 41.03 -11.70
C HIS K 545 -59.13 42.11 -10.74
N ARG K 546 -58.75 43.24 -11.32
CA ARG K 546 -58.36 44.43 -10.57
C ARG K 546 -59.11 45.62 -11.15
N ILE K 547 -58.83 46.80 -10.59
CA ILE K 547 -59.65 47.97 -10.90
C ILE K 547 -59.62 48.26 -12.40
N GLY K 548 -60.75 48.72 -12.92
CA GLY K 548 -60.84 48.98 -14.34
C GLY K 548 -60.85 47.70 -15.13
N GLN K 549 -61.59 46.70 -14.66
CA GLN K 549 -61.80 45.48 -15.42
C GLN K 549 -63.05 45.56 -16.30
N LYS K 550 -64.17 46.01 -15.73
CA LYS K 550 -65.38 46.30 -16.50
C LYS K 550 -65.90 45.06 -17.22
N LYS K 551 -65.70 43.89 -16.63
CA LYS K 551 -66.12 42.64 -17.22
C LYS K 551 -66.48 41.66 -16.12
N GLN K 552 -66.72 40.42 -16.53
CA GLN K 552 -66.90 39.31 -15.61
C GLN K 552 -65.67 38.41 -15.69
N VAL K 553 -65.10 38.10 -14.53
CA VAL K 553 -63.88 37.30 -14.46
C VAL K 553 -64.25 35.86 -14.14
N LYS K 554 -63.81 34.94 -14.99
CA LYS K 554 -64.08 33.52 -14.82
C LYS K 554 -62.75 32.81 -14.69
N VAL K 555 -62.54 32.17 -13.54
CA VAL K 555 -61.29 31.48 -13.24
C VAL K 555 -61.54 30.00 -13.28
N PHE K 556 -60.79 29.29 -14.11
CA PHE K 556 -61.00 27.87 -14.35
C PHE K 556 -59.78 27.11 -13.85
N ARG K 557 -59.86 26.63 -12.62
CA ARG K 557 -58.79 25.81 -12.07
C ARG K 557 -59.00 24.37 -12.46
N LEU K 558 -57.95 23.73 -12.98
CA LEU K 558 -58.02 22.37 -13.46
C LEU K 558 -57.47 21.44 -12.40
N VAL K 559 -58.20 20.37 -12.11
CA VAL K 559 -57.79 19.38 -11.13
C VAL K 559 -57.87 18.00 -11.79
N THR K 560 -57.05 17.08 -11.31
CA THR K 560 -57.05 15.71 -11.80
C THR K 560 -57.62 14.79 -10.74
N ASP K 561 -58.59 13.97 -11.13
CA ASP K 561 -59.25 13.09 -10.19
C ASP K 561 -58.34 11.95 -9.76
N ASN K 562 -58.44 11.57 -8.49
CA ASN K 562 -57.70 10.45 -7.93
C ASN K 562 -56.19 10.63 -8.12
N SER K 563 -55.71 11.84 -7.85
CA SER K 563 -54.31 12.15 -8.03
C SER K 563 -53.85 12.99 -6.84
N VAL K 564 -52.53 13.17 -6.74
CA VAL K 564 -51.97 13.98 -5.68
C VAL K 564 -52.45 15.42 -5.77
N GLU K 565 -52.85 15.87 -6.96
CA GLU K 565 -53.35 17.22 -7.10
C GLU K 565 -54.47 17.49 -6.12
N GLU K 566 -55.30 16.49 -5.86
CA GLU K 566 -56.33 16.62 -4.85
C GLU K 566 -55.70 16.88 -3.48
N LYS K 567 -54.62 16.19 -3.16
CA LYS K 567 -53.98 16.38 -1.87
C LYS K 567 -53.37 17.78 -1.75
N ILE K 568 -52.68 18.24 -2.79
CA ILE K 568 -52.10 19.57 -2.71
C ILE K 568 -53.20 20.60 -2.61
N LEU K 569 -54.32 20.37 -3.28
CA LEU K 569 -55.46 21.26 -3.16
C LEU K 569 -55.98 21.29 -1.72
N GLU K 570 -56.06 20.13 -1.09
CA GLU K 570 -56.55 20.06 0.28
C GLU K 570 -55.62 20.82 1.21
N ARG K 571 -54.31 20.59 1.09
CA ARG K 571 -53.38 21.28 1.98
C ARG K 571 -53.40 22.77 1.75
N ALA K 572 -53.50 23.20 0.50
CA ALA K 572 -53.62 24.62 0.23
C ALA K 572 -54.88 25.19 0.85
N THR K 573 -55.97 24.42 0.82
CA THR K 573 -57.20 24.89 1.44
C THR K 573 -57.05 25.05 2.94
N GLN K 574 -56.38 24.10 3.60
CA GLN K 574 -56.17 24.26 5.03
C GLN K 574 -55.30 25.47 5.33
N LYS K 575 -54.23 25.65 4.57
CA LYS K 575 -53.36 26.80 4.80
C LYS K 575 -54.14 28.09 4.58
N LEU K 576 -55.05 28.10 3.61
CA LEU K 576 -55.79 29.32 3.30
C LEU K 576 -56.86 29.60 4.34
N ARG K 577 -57.50 28.54 4.86
CA ARG K 577 -58.50 28.76 5.90
C ARG K 577 -57.84 29.24 7.17
N LEU K 578 -56.71 28.65 7.55
CA LEU K 578 -55.91 29.12 8.68
C LEU K 578 -55.68 30.62 8.60
N ASP K 579 -55.82 31.17 7.40
CA ASP K 579 -55.64 32.60 7.16
C ASP K 579 -56.94 33.39 7.19
N GLN K 580 -57.83 33.09 6.25
CA GLN K 580 -59.03 33.89 6.08
C GLN K 580 -60.00 33.70 7.23
N LEU K 581 -60.16 32.46 7.71
CA LEU K 581 -61.15 32.19 8.73
C LEU K 581 -60.78 32.78 10.08
N VAL K 582 -59.55 33.28 10.21
CA VAL K 582 -59.08 33.72 11.52
C VAL K 582 -58.67 35.18 11.50
N ILE K 583 -57.72 35.54 10.64
CA ILE K 583 -57.02 36.81 10.83
C ILE K 583 -57.76 37.96 10.17
N GLN K 584 -58.03 37.84 8.88
CA GLN K 584 -58.49 39.01 8.14
C GLN K 584 -59.98 39.01 7.88
N GLN K 585 -60.76 38.26 8.66
CA GLN K 585 -62.21 38.28 8.49
C GLN K 585 -62.80 39.64 8.79
N ASN K 586 -62.31 40.30 9.86
CA ASN K 586 -62.82 41.62 10.22
C ASN K 586 -62.34 42.70 9.27
N ARG K 587 -61.34 42.42 8.45
CA ARG K 587 -60.69 43.44 7.65
C ARG K 587 -61.09 43.34 6.19
N GLU L 114 44.84 -73.99 11.16
CA GLU L 114 44.61 -73.64 9.77
C GLU L 114 45.90 -73.21 9.09
N PHE L 115 45.78 -72.58 7.93
CA PHE L 115 46.94 -72.13 7.17
C PHE L 115 47.70 -71.04 7.93
N GLN L 116 48.83 -71.41 8.53
CA GLN L 116 49.53 -70.54 9.45
C GLN L 116 50.65 -69.74 8.80
N PHE L 117 50.98 -70.02 7.54
CA PHE L 117 51.84 -69.15 6.73
C PHE L 117 53.13 -68.79 7.46
N ARG L 118 53.98 -69.80 7.66
CA ARG L 118 55.13 -69.68 8.55
C ARG L 118 56.10 -68.58 8.14
N GLU L 119 56.57 -68.57 6.91
CA GLU L 119 57.71 -67.74 6.54
C GLU L 119 57.33 -66.65 5.55
N SER L 120 58.34 -65.94 5.08
CA SER L 120 58.14 -64.83 4.16
C SER L 120 57.53 -65.34 2.86
N PRO L 121 56.60 -64.60 2.26
CA PRO L 121 56.02 -65.04 1.00
C PRO L 121 57.09 -65.20 -0.05
N ALA L 122 56.96 -66.24 -0.87
CA ALA L 122 57.83 -66.36 -2.03
C ALA L 122 57.42 -65.34 -3.09
N TYR L 123 56.13 -65.22 -3.36
CA TYR L 123 55.65 -64.36 -4.43
C TYR L 123 55.85 -62.89 -4.12
N VAL L 124 55.94 -62.52 -2.85
CA VAL L 124 56.16 -61.14 -2.48
C VAL L 124 57.66 -60.87 -2.46
N ASN L 125 58.08 -59.84 -3.18
CA ASN L 125 59.47 -59.45 -3.19
C ASN L 125 59.85 -58.83 -1.85
N GLY L 126 61.15 -58.73 -1.62
CA GLY L 126 61.64 -58.15 -0.38
C GLY L 126 61.37 -59.03 0.83
N GLN L 127 62.05 -58.75 1.93
CA GLN L 127 61.87 -59.53 3.15
C GLN L 127 61.11 -58.69 4.17
N LEU L 128 60.04 -59.26 4.69
CA LEU L 128 59.22 -58.59 5.67
C LEU L 128 59.51 -59.13 7.07
N ARG L 129 59.47 -58.24 8.04
CA ARG L 129 59.86 -58.57 9.40
C ARG L 129 58.77 -59.41 10.08
N PRO L 130 59.14 -60.17 11.13
CA PRO L 130 58.24 -61.23 11.61
C PRO L 130 56.85 -60.77 12.01
N TYR L 131 56.74 -59.63 12.69
CA TYR L 131 55.44 -59.16 13.10
C TYR L 131 54.55 -58.89 11.90
N GLN L 132 55.15 -58.56 10.77
CA GLN L 132 54.37 -58.43 9.55
C GLN L 132 53.76 -59.77 9.17
N ILE L 133 54.53 -60.86 9.32
CA ILE L 133 53.98 -62.18 9.08
C ILE L 133 52.84 -62.47 10.04
N GLN L 134 53.01 -62.08 11.31
CA GLN L 134 51.93 -62.29 12.28
C GLN L 134 50.68 -61.54 11.88
N GLY L 135 50.82 -60.31 11.41
CA GLY L 135 49.67 -59.56 10.95
C GLY L 135 49.01 -60.20 9.75
N VAL L 136 49.81 -60.69 8.81
CA VAL L 136 49.24 -61.37 7.65
C VAL L 136 48.44 -62.58 8.10
N ASN L 137 48.99 -63.33 9.05
CA ASN L 137 48.28 -64.48 9.60
C ASN L 137 46.97 -64.05 10.23
N TRP L 138 47.00 -62.92 10.95
CA TRP L 138 45.79 -62.39 11.55
C TRP L 138 44.74 -62.12 10.49
N LEU L 139 45.16 -61.49 9.40
CA LEU L 139 44.22 -61.19 8.32
C LEU L 139 43.64 -62.46 7.73
N VAL L 140 44.48 -63.47 7.51
CA VAL L 140 43.99 -64.71 6.91
C VAL L 140 42.97 -65.37 7.84
N SER L 141 43.28 -65.38 9.13
CA SER L 141 42.35 -65.93 10.11
C SER L 141 41.01 -65.21 10.03
N LEU L 142 41.03 -63.89 10.06
CA LEU L 142 39.79 -63.13 9.93
C LEU L 142 39.04 -63.50 8.67
N HIS L 143 39.78 -63.63 7.56
CA HIS L 143 39.13 -63.93 6.29
C HIS L 143 38.42 -65.27 6.34
N LYS L 144 39.07 -66.28 6.90
CA LYS L 144 38.41 -67.58 7.01
C LYS L 144 37.30 -67.57 8.04
N ASN L 145 37.51 -66.93 9.18
CA ASN L 145 36.46 -66.88 10.20
C ASN L 145 35.27 -66.07 9.76
N LYS L 146 35.37 -65.34 8.64
CA LYS L 146 34.30 -64.47 8.14
C LYS L 146 34.01 -63.34 9.11
N ILE L 147 35.09 -62.74 9.64
CA ILE L 147 35.00 -61.49 10.39
C ILE L 147 36.03 -60.53 9.81
N ALA L 148 35.72 -59.24 9.89
CA ALA L 148 36.60 -58.19 9.45
C ALA L 148 37.06 -57.38 10.65
N GLY L 149 38.31 -56.94 10.60
CA GLY L 149 38.92 -56.28 11.73
C GLY L 149 39.70 -55.05 11.30
N ILE L 150 40.27 -54.36 12.28
CA ILE L 150 40.97 -53.11 12.07
C ILE L 150 42.45 -53.39 12.23
N LEU L 151 43.21 -53.24 11.16
CA LEU L 151 44.67 -53.24 11.28
C LEU L 151 45.09 -51.88 11.79
N ALA L 152 45.15 -51.72 13.10
CA ALA L 152 45.32 -50.41 13.71
C ALA L 152 46.76 -50.18 14.12
N ASP L 153 47.69 -50.82 13.42
CA ASP L 153 49.09 -50.70 13.77
C ASP L 153 49.52 -49.22 13.78
N GLU L 154 50.58 -48.94 14.52
CA GLU L 154 51.04 -47.58 14.71
C GLU L 154 51.49 -46.95 13.39
N MET L 155 51.74 -45.65 13.44
CA MET L 155 52.20 -44.90 12.28
C MET L 155 53.64 -45.29 11.96
N GLY L 156 53.92 -45.55 10.69
CA GLY L 156 55.30 -45.69 10.29
C GLY L 156 55.67 -47.08 9.83
N LEU L 157 54.94 -48.07 10.31
CA LEU L 157 55.23 -49.44 9.92
C LEU L 157 54.43 -49.79 8.67
N GLY L 158 54.95 -50.72 7.90
CA GLY L 158 54.45 -50.92 6.56
C GLY L 158 53.07 -51.53 6.50
N LYS L 159 52.08 -50.81 7.00
CA LYS L 159 50.70 -51.27 6.94
C LYS L 159 50.30 -51.57 5.50
N THR L 160 50.70 -50.70 4.58
CA THR L 160 50.54 -50.99 3.16
C THR L 160 51.16 -52.34 2.81
N LEU L 161 52.33 -52.64 3.39
CA LEU L 161 53.01 -53.87 3.02
C LEU L 161 52.21 -55.09 3.46
N GLN L 162 51.68 -55.10 4.68
CA GLN L 162 50.86 -56.25 5.06
C GLN L 162 49.64 -56.35 4.18
N THR L 163 49.03 -55.22 3.85
CA THR L 163 47.84 -55.25 3.01
C THR L 163 48.15 -55.88 1.67
N ILE L 164 49.25 -55.46 1.04
CA ILE L 164 49.64 -56.03 -0.23
C ILE L 164 49.91 -57.52 -0.09
N SER L 165 50.58 -57.90 1.00
CA SER L 165 50.87 -59.31 1.21
C SER L 165 49.59 -60.11 1.30
N PHE L 166 48.60 -59.59 2.01
CA PHE L 166 47.35 -60.31 2.16
C PHE L 166 46.62 -60.41 0.82
N LEU L 167 46.71 -59.37 0.00
CA LEU L 167 46.13 -59.49 -1.34
C LEU L 167 46.86 -60.53 -2.16
N GLY L 168 48.18 -60.60 -2.03
CA GLY L 168 48.92 -61.64 -2.72
C GLY L 168 48.52 -63.03 -2.28
N TYR L 169 48.30 -63.20 -0.98
CA TYR L 169 47.62 -64.39 -0.48
C TYR L 169 46.34 -64.67 -1.27
N LEU L 170 45.41 -63.73 -1.25
CA LEU L 170 44.09 -64.00 -1.79
C LEU L 170 44.14 -64.25 -3.29
N ARG L 171 45.22 -63.81 -3.95
CA ARG L 171 45.37 -64.06 -5.37
C ARG L 171 46.10 -65.36 -5.67
N TYR L 172 47.11 -65.73 -4.89
CA TYR L 172 48.00 -66.83 -5.23
C TYR L 172 47.78 -68.08 -4.39
N ILE L 173 47.06 -67.97 -3.27
CA ILE L 173 46.78 -69.13 -2.44
C ILE L 173 45.33 -69.57 -2.59
N GLU L 174 44.39 -68.66 -2.37
CA GLU L 174 42.98 -68.96 -2.59
C GLU L 174 42.54 -68.64 -4.00
N LYS L 175 43.41 -68.03 -4.81
CA LYS L 175 43.20 -67.84 -6.24
C LYS L 175 41.97 -66.99 -6.52
N ILE L 176 41.94 -65.79 -5.95
CA ILE L 176 40.86 -64.84 -6.20
C ILE L 176 41.45 -63.49 -6.57
N PRO L 177 41.81 -63.25 -7.82
CA PRO L 177 42.25 -61.89 -8.20
C PRO L 177 41.16 -60.87 -7.92
N GLY L 178 40.02 -61.05 -8.58
CA GLY L 178 38.80 -60.33 -8.26
C GLY L 178 38.91 -58.82 -8.32
N PRO L 179 37.83 -58.14 -7.98
CA PRO L 179 37.88 -56.69 -7.86
C PRO L 179 38.35 -56.27 -6.48
N PHE L 180 39.32 -55.37 -6.43
CA PHE L 180 39.82 -54.83 -5.17
C PHE L 180 39.74 -53.33 -5.19
N LEU L 181 39.13 -52.77 -4.15
CA LEU L 181 38.94 -51.34 -4.02
C LEU L 181 39.73 -50.83 -2.83
N VAL L 182 40.61 -49.87 -3.06
CA VAL L 182 41.44 -49.30 -2.02
C VAL L 182 41.18 -47.80 -2.00
N ILE L 183 40.65 -47.31 -0.89
CA ILE L 183 40.32 -45.90 -0.74
C ILE L 183 41.34 -45.27 0.19
N ALA L 184 41.81 -44.08 -0.15
CA ALA L 184 42.89 -43.48 0.57
C ALA L 184 42.82 -41.96 0.41
N PRO L 185 43.51 -41.20 1.22
CA PRO L 185 43.62 -39.77 0.98
C PRO L 185 44.26 -39.51 -0.37
N LYS L 186 43.94 -38.36 -0.95
CA LYS L 186 44.43 -38.05 -2.29
C LYS L 186 45.94 -38.10 -2.39
N SER L 187 46.66 -37.63 -1.38
CA SER L 187 48.10 -37.53 -1.47
C SER L 187 48.81 -38.88 -1.52
N THR L 188 48.17 -39.95 -1.02
CA THR L 188 48.83 -41.24 -0.92
C THR L 188 48.50 -42.18 -2.07
N LEU L 189 47.73 -41.73 -3.04
CA LEU L 189 47.35 -42.63 -4.12
C LEU L 189 48.56 -43.06 -4.93
N ASN L 190 49.45 -42.12 -5.25
CA ASN L 190 50.67 -42.49 -5.94
C ASN L 190 51.51 -43.42 -5.10
N ASN L 191 51.54 -43.18 -3.79
CA ASN L 191 52.29 -44.08 -2.92
C ASN L 191 51.77 -45.50 -3.01
N TRP L 192 50.45 -45.68 -2.92
CA TRP L 192 49.89 -47.01 -3.04
C TRP L 192 50.21 -47.62 -4.39
N LEU L 193 50.09 -46.83 -5.45
CA LEU L 193 50.33 -47.40 -6.78
C LEU L 193 51.77 -47.86 -6.93
N ARG L 194 52.72 -47.00 -6.57
CA ARG L 194 54.11 -47.36 -6.67
C ARG L 194 54.45 -48.56 -5.79
N GLU L 195 53.90 -48.62 -4.59
CA GLU L 195 54.21 -49.72 -3.70
C GLU L 195 53.65 -51.04 -4.20
N ILE L 196 52.42 -51.04 -4.71
CA ILE L 196 51.87 -52.28 -5.24
C ILE L 196 52.60 -52.68 -6.50
N ASN L 197 53.13 -51.71 -7.24
CA ASN L 197 53.96 -52.06 -8.39
C ASN L 197 55.37 -52.45 -7.98
N ARG L 198 55.76 -52.23 -6.73
CA ARG L 198 57.08 -52.65 -6.28
C ARG L 198 57.07 -54.02 -5.62
N TRP L 199 56.09 -54.29 -4.77
CA TRP L 199 56.10 -55.53 -4.02
C TRP L 199 55.54 -56.70 -4.81
N THR L 200 54.38 -56.56 -5.43
CA THR L 200 53.78 -57.62 -6.23
C THR L 200 53.44 -57.05 -7.60
N PRO L 201 54.43 -56.79 -8.42
CA PRO L 201 54.18 -56.18 -9.73
C PRO L 201 53.53 -57.14 -10.70
N ASP L 202 52.43 -57.76 -10.30
CA ASP L 202 51.73 -58.70 -11.16
C ASP L 202 50.23 -58.54 -11.09
N VAL L 203 49.73 -57.43 -10.56
CA VAL L 203 48.31 -57.22 -10.37
C VAL L 203 47.87 -56.01 -11.17
N ASN L 204 46.64 -56.05 -11.67
CA ASN L 204 46.10 -54.96 -12.47
C ASN L 204 45.62 -53.86 -11.54
N ALA L 205 46.41 -52.79 -11.42
CA ALA L 205 46.12 -51.70 -10.50
C ALA L 205 46.27 -50.38 -11.19
N PHE L 206 45.39 -49.43 -10.88
CA PHE L 206 45.42 -48.11 -11.47
C PHE L 206 44.69 -47.13 -10.57
N ILE L 207 44.98 -45.85 -10.77
CA ILE L 207 44.38 -44.78 -10.00
C ILE L 207 43.24 -44.19 -10.79
N LEU L 208 42.03 -44.21 -10.22
CA LEU L 208 40.87 -43.60 -10.83
C LEU L 208 40.81 -42.12 -10.43
N GLN L 209 41.63 -41.33 -11.12
CA GLN L 209 41.73 -39.91 -10.82
C GLN L 209 41.86 -39.12 -12.10
N GLY L 210 41.59 -37.83 -11.99
CA GLY L 210 41.76 -36.89 -13.07
C GLY L 210 40.46 -36.20 -13.41
N ASP L 211 40.51 -35.41 -14.49
CA ASP L 211 39.33 -34.74 -15.02
C ASP L 211 38.17 -35.72 -15.16
N LYS L 212 36.96 -35.18 -15.07
CA LYS L 212 35.78 -36.02 -15.20
C LYS L 212 35.69 -36.65 -16.57
N GLU L 213 36.15 -35.97 -17.61
CA GLU L 213 36.21 -36.59 -18.93
C GLU L 213 37.13 -37.80 -18.90
N GLU L 214 38.35 -37.62 -18.39
CA GLU L 214 39.27 -38.74 -18.26
C GLU L 214 38.69 -39.81 -17.36
N ARG L 215 37.99 -39.42 -16.30
CA ARG L 215 37.43 -40.40 -15.39
C ARG L 215 36.38 -41.26 -16.08
N ALA L 216 35.48 -40.63 -16.83
CA ALA L 216 34.47 -41.40 -17.55
C ALA L 216 35.12 -42.28 -18.60
N GLU L 217 36.14 -41.76 -19.27
CA GLU L 217 36.87 -42.56 -20.25
C GLU L 217 37.47 -43.80 -19.60
N LEU L 218 38.11 -43.63 -18.45
CA LEU L 218 38.69 -44.76 -17.74
C LEU L 218 37.61 -45.74 -17.33
N ILE L 219 36.47 -45.23 -16.85
CA ILE L 219 35.39 -46.12 -16.46
C ILE L 219 34.99 -46.99 -17.64
N GLN L 220 34.73 -46.36 -18.79
CA GLN L 220 34.24 -47.09 -19.94
C GLN L 220 35.26 -48.09 -20.43
N LYS L 221 36.53 -47.71 -20.49
CA LYS L 221 37.55 -48.64 -20.96
C LYS L 221 37.74 -49.78 -19.97
N LYS L 222 38.19 -49.46 -18.76
CA LYS L 222 38.65 -50.47 -17.82
C LYS L 222 37.59 -50.87 -16.82
N LEU L 223 36.94 -49.90 -16.18
CA LEU L 223 36.05 -50.23 -15.06
C LEU L 223 34.88 -51.07 -15.54
N LEU L 224 34.24 -50.67 -16.63
CA LEU L 224 33.17 -51.48 -17.17
C LEU L 224 33.69 -52.69 -17.94
N GLY L 225 34.93 -52.65 -18.39
CA GLY L 225 35.53 -53.78 -19.07
C GLY L 225 36.09 -54.83 -18.16
N CYS L 226 35.99 -54.63 -16.84
CA CYS L 226 36.46 -55.58 -15.83
C CYS L 226 37.95 -55.89 -16.04
N ASP L 227 38.66 -55.01 -16.74
CA ASP L 227 40.08 -55.19 -16.98
C ASP L 227 40.88 -54.52 -15.86
N PHE L 228 40.69 -55.05 -14.66
CA PHE L 228 41.39 -54.53 -13.50
C PHE L 228 41.31 -55.54 -12.38
N ASP L 229 42.22 -55.41 -11.43
CA ASP L 229 42.20 -56.18 -10.20
C ASP L 229 42.17 -55.30 -8.97
N VAL L 230 42.93 -54.20 -8.99
CA VAL L 230 43.02 -53.27 -7.87
C VAL L 230 42.68 -51.89 -8.38
N VAL L 231 41.79 -51.19 -7.68
CA VAL L 231 41.38 -49.85 -8.02
C VAL L 231 41.71 -48.96 -6.83
N ILE L 232 42.45 -47.91 -7.06
CA ILE L 232 42.81 -46.95 -6.02
C ILE L 232 42.08 -45.66 -6.30
N ALA L 233 41.36 -45.15 -5.30
CA ALA L 233 40.56 -43.95 -5.48
C ALA L 233 40.58 -43.13 -4.20
N SER L 234 40.35 -41.83 -4.35
CA SER L 234 40.25 -40.93 -3.23
C SER L 234 38.81 -40.83 -2.77
N TYR L 235 38.63 -40.21 -1.61
CA TYR L 235 37.29 -40.08 -1.06
C TYR L 235 36.37 -39.30 -1.99
N GLU L 236 36.84 -38.18 -2.51
CA GLU L 236 35.99 -37.35 -3.35
C GLU L 236 35.56 -38.06 -4.62
N ILE L 237 36.47 -38.77 -5.27
CA ILE L 237 36.07 -39.56 -6.43
C ILE L 237 35.04 -40.61 -6.07
N ILE L 238 35.22 -41.30 -4.95
CA ILE L 238 34.26 -42.32 -4.54
C ILE L 238 32.88 -41.72 -4.39
N ILE L 239 32.77 -40.66 -3.60
CA ILE L 239 31.48 -40.03 -3.40
C ILE L 239 30.97 -39.42 -4.69
N ARG L 240 31.87 -39.11 -5.63
CA ARG L 240 31.42 -38.60 -6.90
C ARG L 240 31.05 -39.73 -7.85
N GLU L 241 31.96 -40.67 -8.05
CA GLU L 241 31.75 -41.73 -9.05
C GLU L 241 31.06 -42.92 -8.43
N LYS L 242 29.97 -42.70 -7.72
CA LYS L 242 29.40 -43.79 -6.94
C LYS L 242 28.49 -44.69 -7.75
N SER L 243 27.77 -44.17 -8.72
CA SER L 243 26.87 -45.02 -9.49
C SER L 243 27.60 -46.12 -10.24
N PRO L 244 28.72 -45.85 -10.94
CA PRO L 244 29.38 -46.97 -11.62
C PRO L 244 30.05 -47.93 -10.67
N LEU L 245 30.60 -47.44 -9.56
CA LEU L 245 31.26 -48.35 -8.63
C LEU L 245 30.26 -49.21 -7.88
N LYS L 246 29.04 -48.74 -7.70
CA LYS L 246 28.05 -49.54 -7.01
C LYS L 246 27.61 -50.74 -7.84
N LYS L 247 28.00 -50.79 -9.12
CA LYS L 247 27.65 -51.90 -9.99
C LYS L 247 28.71 -52.99 -10.02
N ILE L 248 29.60 -53.04 -9.04
CA ILE L 248 30.60 -54.09 -8.95
C ILE L 248 30.46 -54.79 -7.61
N ASN L 249 30.38 -56.12 -7.64
CA ASN L 249 30.33 -56.89 -6.41
C ASN L 249 31.74 -56.99 -5.87
N TRP L 250 32.10 -56.03 -5.03
CA TRP L 250 33.46 -55.96 -4.51
C TRP L 250 33.72 -57.09 -3.55
N GLU L 251 34.95 -57.61 -3.59
CA GLU L 251 35.34 -58.64 -2.64
C GLU L 251 35.85 -58.02 -1.34
N TYR L 252 36.91 -57.22 -1.44
CA TYR L 252 37.40 -56.45 -0.30
C TYR L 252 37.37 -54.97 -0.63
N ILE L 253 36.86 -54.19 0.30
CA ILE L 253 36.94 -52.74 0.25
C ILE L 253 37.90 -52.33 1.35
N ILE L 254 38.96 -51.65 0.96
CA ILE L 254 40.04 -51.31 1.87
C ILE L 254 40.05 -49.80 2.05
N ILE L 255 39.95 -49.35 3.29
CA ILE L 255 39.92 -47.93 3.59
C ILE L 255 41.16 -47.60 4.39
N ASP L 256 42.09 -46.88 3.78
CA ASP L 256 43.17 -46.31 4.54
C ASP L 256 42.67 -45.11 5.32
N GLU L 257 43.36 -44.80 6.42
CA GLU L 257 43.04 -43.65 7.23
C GLU L 257 41.58 -43.68 7.66
N ALA L 258 41.26 -44.69 8.45
CA ALA L 258 39.89 -45.03 8.82
C ALA L 258 39.21 -43.96 9.64
N HIS L 259 39.94 -43.18 10.42
CA HIS L 259 39.30 -42.18 11.26
C HIS L 259 38.56 -41.14 10.45
N ARG L 260 38.73 -41.15 9.14
CA ARG L 260 37.96 -40.30 8.25
C ARG L 260 36.47 -40.59 8.26
N ILE L 261 36.06 -41.81 8.59
CA ILE L 261 34.65 -42.15 8.60
C ILE L 261 34.10 -42.17 10.03
N LYS L 262 34.71 -41.43 10.95
CA LYS L 262 34.31 -41.51 12.34
C LYS L 262 32.92 -40.95 12.58
N ASN L 263 32.33 -40.29 11.61
CA ASN L 263 30.95 -39.80 11.73
C ASN L 263 30.09 -40.56 10.74
N GLU L 264 29.04 -41.21 11.24
CA GLU L 264 28.26 -42.13 10.43
C GLU L 264 27.26 -41.43 9.54
N GLU L 265 27.08 -40.13 9.71
CA GLU L 265 26.25 -39.37 8.80
C GLU L 265 27.05 -38.73 7.68
N SER L 266 28.37 -38.77 7.76
CA SER L 266 29.20 -38.29 6.68
C SER L 266 28.89 -39.06 5.41
N MET L 267 28.67 -38.32 4.34
CA MET L 267 28.19 -38.94 3.11
C MET L 267 29.17 -39.97 2.59
N LEU L 268 30.45 -39.85 2.94
CA LEU L 268 31.36 -40.96 2.65
C LEU L 268 30.93 -42.21 3.39
N SER L 269 30.59 -42.07 4.68
CA SER L 269 30.14 -43.22 5.44
C SER L 269 28.89 -43.82 4.81
N GLN L 270 27.91 -42.96 4.50
CA GLN L 270 26.67 -43.46 3.93
C GLN L 270 26.91 -44.18 2.63
N VAL L 271 27.70 -43.59 1.75
CA VAL L 271 27.94 -44.20 0.44
C VAL L 271 28.64 -45.53 0.60
N LEU L 272 29.66 -45.59 1.46
CA LEU L 272 30.30 -46.87 1.70
C LEU L 272 29.31 -47.90 2.22
N ARG L 273 28.31 -47.46 2.96
CA ARG L 273 27.30 -48.38 3.43
C ARG L 273 26.34 -48.81 2.33
N GLU L 274 26.67 -48.57 1.06
CA GLU L 274 25.82 -48.99 -0.04
C GLU L 274 26.52 -49.88 -1.05
N PHE L 275 27.83 -50.03 -0.98
CA PHE L 275 28.50 -50.88 -1.95
C PHE L 275 28.31 -52.36 -1.61
N THR L 276 28.32 -53.16 -2.66
CA THR L 276 28.25 -54.61 -2.56
C THR L 276 29.65 -55.13 -2.26
N SER L 277 29.87 -55.54 -1.03
CA SER L 277 31.20 -55.91 -0.57
C SER L 277 31.13 -57.30 0.04
N ARG L 278 31.98 -58.20 -0.46
CA ARG L 278 32.10 -59.50 0.19
C ARG L 278 32.66 -59.35 1.59
N ASN L 279 33.60 -58.44 1.77
CA ASN L 279 34.22 -58.24 3.08
C ASN L 279 34.94 -56.90 3.10
N ARG L 280 35.19 -56.42 4.31
CA ARG L 280 35.76 -55.10 4.53
C ARG L 280 37.06 -55.24 5.30
N LEU L 281 37.77 -54.12 5.43
CA LEU L 281 39.03 -54.09 6.15
C LEU L 281 39.44 -52.64 6.29
N LEU L 282 39.91 -52.27 7.48
CA LEU L 282 40.17 -50.88 7.80
C LEU L 282 41.63 -50.74 8.22
N ILE L 283 42.25 -49.62 7.89
CA ILE L 283 43.59 -49.29 8.35
C ILE L 283 43.54 -47.91 8.96
N THR L 284 44.13 -47.76 10.15
CA THR L 284 44.35 -46.42 10.68
C THR L 284 45.42 -46.48 11.74
N GLY L 285 46.30 -45.50 11.73
CA GLY L 285 47.28 -45.45 12.77
C GLY L 285 46.76 -44.93 14.08
N THR L 286 45.61 -44.26 14.04
CA THR L 286 45.01 -43.64 15.22
C THR L 286 43.54 -44.02 15.25
N PRO L 287 43.22 -45.13 15.85
CA PRO L 287 41.83 -45.63 15.78
C PRO L 287 40.86 -44.83 16.62
N LEU L 288 41.27 -44.43 17.81
CA LEU L 288 40.37 -43.72 18.72
C LEU L 288 40.67 -42.24 18.63
N GLN L 289 39.68 -41.44 18.22
CA GLN L 289 39.94 -40.02 18.04
C GLN L 289 39.43 -39.15 19.18
N ASN L 290 38.11 -39.16 19.41
CA ASN L 290 37.51 -38.19 20.32
C ASN L 290 36.83 -38.84 21.52
N ASN L 291 35.96 -39.81 21.30
CA ASN L 291 35.20 -40.43 22.37
C ASN L 291 35.03 -41.89 22.01
N LEU L 292 34.10 -42.56 22.69
CA LEU L 292 33.81 -43.95 22.36
C LEU L 292 33.02 -44.10 21.08
N HIS L 293 32.14 -43.16 20.76
CA HIS L 293 31.16 -43.41 19.70
C HIS L 293 31.85 -43.67 18.37
N GLU L 294 33.06 -43.14 18.19
CA GLU L 294 33.76 -43.34 16.93
C GLU L 294 34.00 -44.82 16.67
N LEU L 295 34.36 -45.57 17.71
CA LEU L 295 34.61 -46.99 17.54
C LEU L 295 33.34 -47.69 17.09
N TRP L 296 32.21 -47.35 17.69
CA TRP L 296 30.98 -47.95 17.24
C TRP L 296 30.71 -47.57 15.80
N ALA L 297 31.02 -46.34 15.43
CA ALA L 297 30.84 -45.91 14.05
C ALA L 297 31.65 -46.77 13.11
N LEU L 298 32.92 -47.00 13.43
CA LEU L 298 33.77 -47.82 12.58
C LEU L 298 33.28 -49.26 12.53
N LEU L 299 32.87 -49.81 13.68
CA LEU L 299 32.53 -51.22 13.71
C LEU L 299 31.19 -51.46 13.03
N ASN L 300 30.28 -50.50 13.14
CA ASN L 300 29.03 -50.58 12.40
C ASN L 300 29.28 -50.60 10.90
N PHE L 301 30.39 -50.02 10.44
CA PHE L 301 30.78 -50.23 9.06
C PHE L 301 31.40 -51.59 8.85
N LEU L 302 32.18 -52.07 9.82
CA LEU L 302 32.81 -53.38 9.68
C LEU L 302 31.80 -54.50 9.82
N LEU L 303 31.07 -54.52 10.92
CA LEU L 303 30.08 -55.57 11.19
C LEU L 303 28.75 -54.91 11.49
N PRO L 304 28.03 -54.47 10.46
CA PRO L 304 26.76 -53.78 10.70
C PRO L 304 25.75 -54.64 11.43
N ASP L 305 25.67 -55.92 11.07
CA ASP L 305 24.71 -56.81 11.71
C ASP L 305 25.10 -57.10 13.15
N ILE L 306 26.39 -57.29 13.40
CA ILE L 306 26.84 -57.69 14.73
C ILE L 306 26.51 -56.61 15.74
N PHE L 307 26.79 -55.34 15.42
CA PHE L 307 26.57 -54.31 16.42
C PHE L 307 25.22 -53.63 16.22
N SER L 308 25.07 -52.88 15.13
CA SER L 308 23.80 -52.26 14.78
C SER L 308 23.17 -51.46 15.92
N ASP L 309 23.92 -51.16 16.98
CA ASP L 309 23.35 -50.52 18.16
C ASP L 309 24.27 -49.41 18.65
N ALA L 310 23.72 -48.21 18.79
CA ALA L 310 24.52 -47.10 19.30
C ALA L 310 24.36 -46.98 20.82
N GLN L 311 23.12 -46.82 21.28
CA GLN L 311 22.88 -46.62 22.71
C GLN L 311 23.24 -47.87 23.49
N ASP L 312 23.02 -49.05 22.91
CA ASP L 312 23.41 -50.27 23.58
C ASP L 312 24.92 -50.32 23.76
N PHE L 313 25.66 -49.96 22.72
CA PHE L 313 27.11 -49.89 22.84
C PHE L 313 27.52 -48.89 23.90
N ASP L 314 26.85 -47.73 23.94
CA ASP L 314 27.20 -46.69 24.89
C ASP L 314 26.97 -47.13 26.32
N ASP L 315 25.82 -47.73 26.59
CA ASP L 315 25.42 -48.07 27.94
C ASP L 315 25.95 -49.42 28.40
N TRP L 316 26.41 -50.26 27.47
CA TRP L 316 27.09 -51.49 27.85
C TRP L 316 28.36 -51.19 28.62
N PHE L 317 28.86 -49.97 28.52
CA PHE L 317 30.05 -49.50 29.21
C PHE L 317 29.83 -48.21 29.97
N SER L 318 28.98 -47.31 29.46
CA SER L 318 28.75 -46.01 30.07
C SER L 318 30.06 -45.28 30.31
N SER L 319 30.94 -45.36 29.32
CA SER L 319 32.27 -44.75 29.39
C SER L 319 33.07 -45.22 30.60
N GLN L 326 38.31 -47.83 35.93
CA GLN L 326 38.45 -48.90 36.92
C GLN L 326 38.72 -50.23 36.23
N ASP L 327 37.84 -51.20 36.47
CA ASP L 327 37.98 -52.50 35.83
C ASP L 327 36.68 -53.02 35.24
N LYS L 328 35.52 -52.52 35.68
CA LYS L 328 34.25 -53.03 35.21
C LYS L 328 34.05 -52.80 33.73
N ILE L 329 34.78 -51.84 33.16
CA ILE L 329 34.58 -51.41 31.78
C ILE L 329 35.83 -51.61 30.94
N VAL L 330 36.95 -51.01 31.36
CA VAL L 330 38.14 -50.99 30.51
C VAL L 330 38.60 -52.41 30.19
N LYS L 331 38.44 -53.33 31.15
CA LYS L 331 38.68 -54.73 30.87
C LYS L 331 37.69 -55.28 29.86
N GLN L 332 36.40 -54.99 30.06
CA GLN L 332 35.41 -55.34 29.05
C GLN L 332 35.75 -54.68 27.73
N LEU L 333 36.25 -53.44 27.78
CA LEU L 333 36.64 -52.75 26.57
C LEU L 333 37.66 -53.57 25.81
N HIS L 334 38.71 -54.01 26.50
CA HIS L 334 39.71 -54.83 25.84
C HIS L 334 39.10 -56.12 25.31
N THR L 335 38.34 -56.81 26.14
CA THR L 335 37.86 -58.15 25.76
C THR L 335 37.01 -58.10 24.51
N VAL L 336 36.14 -57.10 24.38
CA VAL L 336 35.21 -57.10 23.26
C VAL L 336 35.95 -56.97 21.94
N LEU L 337 36.99 -56.14 21.91
CA LEU L 337 37.67 -55.84 20.65
C LEU L 337 38.97 -56.60 20.45
N GLN L 338 39.31 -57.54 21.33
CA GLN L 338 40.55 -58.28 21.16
C GLN L 338 40.69 -58.93 19.80
N PRO L 339 39.67 -59.58 19.24
CA PRO L 339 39.84 -60.19 17.92
C PRO L 339 39.64 -59.25 16.75
N PHE L 340 39.04 -58.08 16.96
CA PHE L 340 38.73 -57.15 15.88
C PHE L 340 39.82 -56.15 15.62
N LEU L 341 40.85 -56.11 16.44
CA LEU L 341 41.88 -55.08 16.36
C LEU L 341 43.24 -55.73 16.51
N LEU L 342 44.26 -55.12 15.91
CA LEU L 342 45.63 -55.56 16.09
C LEU L 342 46.54 -54.36 16.07
N ARG L 343 47.29 -54.14 17.15
CA ARG L 343 48.22 -53.04 17.24
C ARG L 343 49.60 -53.53 17.62
N ARG L 344 50.62 -52.86 17.10
CA ARG L 344 52.00 -53.12 17.48
C ARG L 344 52.69 -51.79 17.69
N ILE L 345 52.94 -51.45 18.92
CA ILE L 345 53.63 -50.22 19.23
C ILE L 345 55.04 -50.31 18.66
N LYS L 346 55.61 -49.16 18.28
CA LYS L 346 56.96 -49.20 17.72
C LYS L 346 58.02 -49.53 18.75
N SER L 347 57.80 -49.17 20.01
CA SER L 347 58.78 -49.44 21.05
C SER L 347 58.98 -50.92 21.31
N ASP L 348 57.90 -51.70 21.31
CA ASP L 348 57.99 -53.12 21.61
C ASP L 348 58.21 -53.98 20.37
N VAL L 349 58.29 -53.38 19.19
CA VAL L 349 58.36 -54.15 17.96
C VAL L 349 59.56 -53.74 17.13
N GLU L 350 59.71 -52.43 16.88
CA GLU L 350 60.87 -51.97 16.15
C GLU L 350 62.12 -52.05 17.00
N THR L 351 62.11 -51.40 18.16
CA THR L 351 63.21 -51.39 19.12
C THR L 351 64.50 -50.86 18.52
N SER L 352 64.44 -50.35 17.29
CA SER L 352 65.62 -49.87 16.59
C SER L 352 65.51 -48.42 16.19
N LEU L 353 64.37 -47.78 16.34
CA LEU L 353 64.33 -46.37 16.01
C LEU L 353 64.67 -45.43 17.17
N LEU L 354 65.44 -44.40 16.84
CA LEU L 354 65.74 -43.33 17.78
C LEU L 354 64.46 -42.76 18.30
N PRO L 355 64.42 -42.37 19.56
CA PRO L 355 63.14 -41.89 20.09
C PRO L 355 62.98 -40.42 19.83
N LYS L 356 61.76 -39.95 19.65
CA LYS L 356 61.53 -38.56 19.32
C LYS L 356 61.85 -37.65 20.49
N LYS L 357 62.28 -36.43 20.18
CA LYS L 357 62.57 -35.40 21.17
C LYS L 357 61.65 -34.21 20.90
N GLU L 358 60.69 -34.03 21.79
CA GLU L 358 59.71 -32.96 21.67
C GLU L 358 60.14 -31.76 22.52
N LEU L 359 59.63 -30.59 22.17
CA LEU L 359 60.01 -29.37 22.86
C LEU L 359 58.95 -28.31 22.62
N ASN L 360 58.70 -27.52 23.66
CA ASN L 360 57.70 -26.45 23.61
C ASN L 360 58.40 -25.13 23.85
N LEU L 361 58.42 -24.27 22.84
CA LEU L 361 59.13 -23.01 22.90
C LEU L 361 58.14 -21.90 23.25
N TYR L 362 58.00 -21.64 24.54
CA TYR L 362 57.04 -20.66 25.01
C TYR L 362 57.50 -19.27 24.60
N VAL L 363 56.59 -18.49 24.02
CA VAL L 363 56.90 -17.15 23.55
C VAL L 363 55.80 -16.20 23.98
N GLY L 364 56.14 -14.91 23.99
CA GLY L 364 55.18 -13.85 24.23
C GLY L 364 54.60 -13.37 22.92
N MET L 365 54.34 -12.07 22.86
CA MET L 365 53.83 -11.44 21.65
C MET L 365 54.54 -10.12 21.40
N SER L 366 54.62 -9.73 20.14
CA SER L 366 55.21 -8.46 19.81
C SER L 366 54.20 -7.34 19.99
N SER L 367 54.63 -6.11 19.71
CA SER L 367 53.77 -4.95 19.89
C SER L 367 52.53 -5.05 19.03
N MET L 368 52.70 -5.34 17.73
CA MET L 368 51.57 -5.45 16.84
C MET L 368 50.63 -6.56 17.31
N GLN L 369 51.20 -7.68 17.72
CA GLN L 369 50.42 -8.79 18.22
C GLN L 369 49.62 -8.39 19.46
N LYS L 370 50.28 -7.77 20.43
CA LYS L 370 49.58 -7.37 21.65
C LYS L 370 48.46 -6.39 21.35
N LYS L 371 48.76 -5.40 20.50
CA LYS L 371 47.77 -4.39 20.14
C LYS L 371 46.53 -5.03 19.52
N TRP L 372 46.74 -5.86 18.51
CA TRP L 372 45.62 -6.50 17.84
C TRP L 372 44.89 -7.44 18.78
N TYR L 373 45.61 -8.08 19.71
CA TYR L 373 44.98 -9.00 20.63
C TYR L 373 44.00 -8.27 21.53
N LYS L 374 44.41 -7.14 22.10
CA LYS L 374 43.41 -6.36 22.83
C LYS L 374 42.30 -5.92 21.90
N LYS L 375 42.64 -5.30 20.77
CA LYS L 375 41.61 -4.81 19.87
C LYS L 375 40.52 -5.86 19.66
N ILE L 376 40.92 -7.11 19.54
CA ILE L 376 39.93 -8.19 19.46
C ILE L 376 39.21 -8.35 20.80
N LEU L 377 39.94 -8.24 21.91
CA LEU L 377 39.35 -8.53 23.20
C LEU L 377 38.21 -7.58 23.56
N GLU L 378 38.44 -6.26 23.46
CA GLU L 378 37.35 -5.30 23.64
C GLU L 378 36.59 -5.03 22.35
N LYS L 379 36.49 -6.01 21.46
CA LYS L 379 35.57 -6.04 20.33
C LYS L 379 35.91 -5.04 19.25
N ASP L 380 37.10 -4.46 19.26
CA ASP L 380 37.51 -3.52 18.23
C ASP L 380 38.00 -4.26 17.00
N LYS L 394 34.22 -2.34 12.73
CA LYS L 394 33.31 -2.48 11.61
C LYS L 394 33.55 -3.78 10.86
N THR L 395 34.52 -4.55 11.33
CA THR L 395 34.78 -5.85 10.73
C THR L 395 34.10 -6.95 11.55
N ARG L 396 33.78 -8.06 10.90
CA ARG L 396 32.98 -9.11 11.53
C ARG L 396 33.84 -9.96 12.43
N LEU L 397 33.41 -10.13 13.69
CA LEU L 397 34.08 -10.99 14.67
C LEU L 397 33.00 -11.83 15.32
N LEU L 398 32.91 -13.10 14.91
CA LEU L 398 31.87 -13.97 15.43
C LEU L 398 32.42 -15.15 16.21
N ASN L 399 33.39 -15.87 15.65
CA ASN L 399 34.17 -16.86 16.38
C ASN L 399 35.42 -16.16 16.87
N ILE L 400 35.41 -15.73 18.12
CA ILE L 400 36.59 -15.04 18.66
C ILE L 400 37.79 -15.97 18.69
N MET L 401 37.56 -17.28 18.77
CA MET L 401 38.66 -18.23 18.82
C MET L 401 39.57 -18.08 17.61
N MET L 402 39.00 -18.18 16.41
CA MET L 402 39.83 -18.14 15.22
C MET L 402 40.50 -16.78 15.06
N GLN L 403 39.83 -15.70 15.47
CA GLN L 403 40.47 -14.41 15.40
C GLN L 403 41.71 -14.36 16.29
N LEU L 404 41.58 -14.87 17.51
CA LEU L 404 42.73 -14.90 18.41
C LEU L 404 43.83 -15.80 17.88
N ARG L 405 43.46 -16.92 17.26
CA ARG L 405 44.47 -17.82 16.70
C ARG L 405 45.22 -17.13 15.58
N LYS L 406 44.50 -16.39 14.73
CA LYS L 406 45.17 -15.62 13.69
C LYS L 406 46.10 -14.60 14.31
N CYS L 407 45.65 -13.93 15.37
CA CYS L 407 46.49 -12.93 16.01
C CYS L 407 47.77 -13.55 16.54
N CYS L 408 47.65 -14.65 17.26
CA CYS L 408 48.82 -15.27 17.86
C CYS L 408 49.76 -15.81 16.79
N ASN L 409 49.23 -16.40 15.73
CA ASN L 409 50.08 -16.90 14.66
C ASN L 409 50.86 -15.77 14.03
N HIS L 410 50.16 -14.81 13.44
CA HIS L 410 50.86 -13.68 12.83
C HIS L 410 49.84 -12.58 12.55
N PRO L 411 50.03 -11.38 13.08
CA PRO L 411 49.06 -10.31 12.86
C PRO L 411 48.92 -9.91 11.41
N TYR L 412 49.95 -10.10 10.59
CA TYR L 412 49.82 -9.76 9.18
C TYR L 412 48.69 -10.54 8.50
N LEU L 413 48.27 -11.67 9.07
CA LEU L 413 47.09 -12.36 8.55
C LEU L 413 45.84 -11.50 8.61
N PHE L 414 45.82 -10.49 9.47
CA PHE L 414 44.81 -9.45 9.43
C PHE L 414 45.17 -8.47 8.33
N ASP L 415 44.16 -8.05 7.57
CA ASP L 415 44.39 -7.13 6.46
C ASP L 415 44.69 -5.73 6.97
N GLY L 416 45.74 -5.12 6.42
CA GLY L 416 46.07 -3.74 6.70
C GLY L 416 47.09 -3.53 7.79
N ALA L 417 47.28 -4.51 8.68
CA ALA L 417 48.28 -4.34 9.74
C ALA L 417 49.67 -4.21 9.15
N GLU L 418 49.89 -4.81 7.99
CA GLU L 418 51.17 -4.65 7.31
C GLU L 418 51.32 -3.22 6.83
N PRO L 419 52.43 -2.55 7.12
CA PRO L 419 52.63 -1.18 6.64
C PRO L 419 52.64 -1.14 5.12
N GLY L 420 52.01 -0.13 4.55
CA GLY L 420 51.93 0.01 3.11
C GLY L 420 50.55 0.41 2.66
N PRO L 421 50.32 0.51 1.35
CA PRO L 421 51.28 0.28 0.27
C PRO L 421 52.32 1.39 0.18
N PRO L 422 53.48 1.12 -0.43
CA PRO L 422 53.87 -0.13 -1.10
C PRO L 422 54.14 -1.25 -0.11
N TYR L 423 53.95 -2.48 -0.56
CA TYR L 423 54.16 -3.66 0.28
C TYR L 423 55.53 -4.25 -0.02
N THR L 424 56.42 -4.18 0.96
CA THR L 424 57.78 -4.69 0.83
C THR L 424 58.01 -5.76 1.88
N THR L 425 58.87 -6.71 1.54
CA THR L 425 59.03 -7.92 2.33
C THR L 425 60.38 -7.99 3.04
N ASP L 426 61.03 -6.85 3.27
CA ASP L 426 62.42 -6.91 3.72
C ASP L 426 62.58 -7.55 5.10
N GLU L 427 62.21 -6.83 6.15
CA GLU L 427 62.49 -7.35 7.49
C GLU L 427 61.40 -7.07 8.50
N HIS L 428 60.45 -6.18 8.22
CA HIS L 428 59.43 -5.89 9.20
C HIS L 428 58.61 -7.13 9.55
N LEU L 429 58.67 -8.16 8.71
CA LEU L 429 57.92 -9.38 8.97
C LEU L 429 58.41 -10.07 10.23
N VAL L 430 59.72 -10.23 10.39
CA VAL L 430 60.21 -11.17 11.39
C VAL L 430 60.04 -10.64 12.80
N TYR L 431 60.48 -9.40 13.06
CA TYR L 431 60.58 -8.94 14.44
C TYR L 431 59.23 -8.73 15.11
N ASN L 432 58.20 -8.33 14.38
CA ASN L 432 56.91 -8.06 14.98
C ASN L 432 56.05 -9.31 15.10
N ALA L 433 56.67 -10.49 15.00
CA ALA L 433 55.97 -11.76 15.19
C ALA L 433 56.84 -12.64 16.07
N ALA L 434 56.42 -12.83 17.33
CA ALA L 434 57.23 -13.61 18.26
C ALA L 434 57.46 -15.01 17.76
N LYS L 435 56.41 -15.64 17.22
CA LYS L 435 56.58 -16.96 16.60
C LYS L 435 57.69 -16.93 15.57
N LEU L 436 57.54 -16.11 14.55
CA LEU L 436 58.52 -16.09 13.47
C LEU L 436 59.84 -15.52 13.93
N GLN L 437 59.83 -14.58 14.88
CA GLN L 437 61.09 -14.03 15.36
C GLN L 437 61.93 -15.10 16.02
N VAL L 438 61.30 -15.95 16.83
CA VAL L 438 62.02 -17.10 17.38
C VAL L 438 62.39 -18.06 16.27
N LEU L 439 61.49 -18.23 15.30
CA LEU L 439 61.72 -19.17 14.22
C LEU L 439 62.96 -18.85 13.43
N ASP L 440 63.19 -17.57 13.15
CA ASP L 440 64.33 -17.21 12.33
C ASP L 440 65.63 -17.62 13.02
N LYS L 441 65.73 -17.33 14.31
CA LYS L 441 66.91 -17.74 15.05
C LYS L 441 67.09 -19.24 15.01
N LEU L 442 66.01 -19.98 15.29
CA LEU L 442 66.14 -21.43 15.38
C LEU L 442 66.46 -22.04 14.03
N LEU L 443 65.78 -21.59 12.98
CA LEU L 443 66.01 -22.10 11.64
C LEU L 443 67.41 -21.81 11.16
N LYS L 444 67.85 -20.56 11.31
CA LYS L 444 69.21 -20.22 10.93
C LYS L 444 70.22 -21.09 11.67
N LYS L 445 70.04 -21.22 13.00
CA LYS L 445 70.94 -22.07 13.76
C LYS L 445 70.99 -23.46 13.19
N LEU L 446 69.83 -24.09 13.01
CA LEU L 446 69.82 -25.46 12.53
C LEU L 446 70.40 -25.54 11.13
N LYS L 447 70.31 -24.45 10.38
CA LYS L 447 70.98 -24.41 9.08
C LYS L 447 72.48 -24.56 9.25
N GLU L 448 73.07 -23.87 10.23
CA GLU L 448 74.49 -24.12 10.47
C GLU L 448 74.72 -25.54 10.97
N GLU L 449 73.84 -26.07 11.81
CA GLU L 449 73.95 -27.50 12.07
C GLU L 449 73.65 -28.35 10.84
N GLY L 450 72.99 -27.77 9.83
CA GLY L 450 72.83 -28.44 8.56
C GLY L 450 71.86 -29.60 8.55
N SER L 451 70.77 -29.49 9.29
CA SER L 451 69.70 -30.48 9.23
C SER L 451 68.59 -29.99 8.31
N ARG L 452 67.48 -30.71 8.31
CA ARG L 452 66.39 -30.42 7.39
C ARG L 452 65.09 -30.30 8.16
N VAL L 453 64.21 -29.42 7.67
CA VAL L 453 63.10 -28.89 8.45
C VAL L 453 61.78 -29.23 7.77
N LEU L 454 60.80 -29.61 8.57
CA LEU L 454 59.41 -29.72 8.13
C LEU L 454 58.56 -28.73 8.91
N ILE L 455 57.71 -28.00 8.21
CA ILE L 455 56.88 -26.97 8.82
C ILE L 455 55.44 -27.36 8.60
N PHE L 456 54.72 -27.60 9.69
CA PHE L 456 53.29 -27.89 9.63
C PHE L 456 52.49 -26.71 10.17
N SER L 457 51.37 -26.44 9.53
CA SER L 457 50.52 -25.34 9.94
C SER L 457 49.07 -25.73 9.74
N GLN L 458 48.19 -24.96 10.37
CA GLN L 458 46.75 -25.17 10.26
C GLN L 458 46.11 -24.31 9.20
N MET L 459 46.80 -23.30 8.72
CA MET L 459 46.23 -22.29 7.84
C MET L 459 47.08 -22.10 6.61
N SER L 460 46.44 -22.10 5.45
CA SER L 460 47.18 -21.94 4.22
C SER L 460 47.77 -20.54 4.08
N ARG L 461 47.11 -19.53 4.64
CA ARG L 461 47.60 -18.17 4.47
C ARG L 461 48.91 -17.96 5.22
N LEU L 462 48.95 -18.39 6.47
CA LEU L 462 50.19 -18.37 7.24
C LEU L 462 51.30 -19.10 6.50
N LEU L 463 50.95 -20.16 5.78
CA LEU L 463 51.92 -20.84 4.94
C LEU L 463 52.46 -19.91 3.87
N ASP L 464 51.59 -19.09 3.28
CA ASP L 464 52.04 -18.10 2.31
C ASP L 464 53.00 -17.11 2.95
N ILE L 465 52.68 -16.66 4.17
CA ILE L 465 53.56 -15.74 4.87
C ILE L 465 54.94 -16.36 5.03
N LEU L 466 54.98 -17.61 5.48
CA LEU L 466 56.26 -18.27 5.67
C LEU L 466 57.00 -18.39 4.35
N GLU L 467 56.28 -18.68 3.28
CA GLU L 467 56.92 -18.82 1.98
C GLU L 467 57.57 -17.51 1.54
N ASP L 468 56.86 -16.40 1.74
CA ASP L 468 57.46 -15.10 1.44
C ASP L 468 58.68 -14.86 2.32
N TYR L 469 58.61 -15.30 3.59
CA TYR L 469 59.75 -15.15 4.48
C TYR L 469 60.98 -15.87 3.93
N CYS L 470 60.82 -17.11 3.49
CA CYS L 470 61.97 -17.80 2.93
C CYS L 470 62.43 -17.17 1.62
N TYR L 471 61.49 -16.68 0.81
CA TYR L 471 61.89 -15.93 -0.38
C TYR L 471 62.84 -14.81 -0.02
N PHE L 472 62.53 -14.10 1.05
CA PHE L 472 63.49 -13.13 1.57
C PHE L 472 64.76 -13.81 2.05
N ARG L 473 64.64 -14.94 2.74
CA ARG L 473 65.77 -15.60 3.36
C ARG L 473 66.54 -16.47 2.39
N ASN L 474 66.14 -16.51 1.13
CA ASN L 474 66.88 -17.22 0.09
C ASN L 474 67.04 -18.70 0.44
N TYR L 475 65.99 -19.29 0.98
CA TYR L 475 65.93 -20.72 1.20
C TYR L 475 65.19 -21.38 0.06
N GLU L 476 65.24 -22.70 0.04
CA GLU L 476 64.65 -23.50 -1.04
C GLU L 476 63.53 -24.35 -0.45
N TYR L 477 62.31 -23.82 -0.47
CA TYR L 477 61.15 -24.52 0.04
C TYR L 477 60.56 -25.40 -1.06
N CYS L 478 59.60 -26.22 -0.65
CA CYS L 478 58.94 -27.15 -1.56
C CYS L 478 57.46 -27.27 -1.19
N ARG L 479 56.79 -26.14 -1.07
CA ARG L 479 55.48 -26.07 -0.41
C ARG L 479 54.45 -27.01 -1.00
N ILE L 480 53.63 -27.60 -0.12
CA ILE L 480 52.49 -28.43 -0.46
C ILE L 480 51.29 -27.91 0.30
N ASP L 481 50.09 -28.04 -0.27
CA ASP L 481 48.90 -27.58 0.43
C ASP L 481 47.68 -28.30 -0.13
N GLY L 482 46.50 -27.86 0.30
CA GLY L 482 45.27 -28.47 -0.17
C GLY L 482 44.91 -28.09 -1.58
N SER L 483 45.39 -26.96 -2.07
CA SER L 483 45.12 -26.54 -3.43
C SER L 483 46.12 -27.10 -4.43
N THR L 484 47.22 -27.67 -3.96
CA THR L 484 48.24 -28.18 -4.86
C THR L 484 47.73 -29.36 -5.65
N ALA L 485 48.00 -29.35 -6.96
CA ALA L 485 47.53 -30.41 -7.83
C ALA L 485 48.29 -31.70 -7.57
N HIS L 486 47.72 -32.79 -8.08
CA HIS L 486 48.23 -34.13 -7.78
C HIS L 486 49.69 -34.29 -8.18
N GLU L 487 49.96 -34.20 -9.48
CA GLU L 487 51.32 -34.42 -9.95
C GLU L 487 52.27 -33.40 -9.37
N ASP L 488 51.79 -32.21 -9.05
CA ASP L 488 52.65 -31.26 -8.35
C ASP L 488 53.02 -31.79 -6.98
N ARG L 489 52.09 -32.44 -6.29
CA ARG L 489 52.41 -33.05 -5.01
C ARG L 489 53.46 -34.13 -5.17
N ILE L 490 53.29 -34.99 -6.17
CA ILE L 490 54.26 -36.05 -6.41
C ILE L 490 55.64 -35.46 -6.65
N GLN L 491 55.69 -34.45 -7.53
CA GLN L 491 56.95 -33.82 -7.87
C GLN L 491 57.60 -33.19 -6.65
N ALA L 492 56.79 -32.56 -5.79
CA ALA L 492 57.33 -31.93 -4.60
C ALA L 492 57.94 -32.96 -3.65
N ILE L 493 57.21 -34.04 -3.40
CA ILE L 493 57.74 -35.06 -2.49
C ILE L 493 59.02 -35.65 -3.05
N ASP L 494 59.03 -35.95 -4.35
CA ASP L 494 60.23 -36.53 -4.94
C ASP L 494 61.40 -35.56 -4.90
N ASP L 495 61.11 -34.26 -5.05
CA ASP L 495 62.16 -33.26 -4.92
C ASP L 495 62.76 -33.29 -3.52
N TYR L 496 61.92 -33.35 -2.51
CA TYR L 496 62.45 -33.24 -1.16
C TYR L 496 63.15 -34.52 -0.72
N ASN L 497 62.72 -35.66 -1.22
CA ASN L 497 63.41 -36.91 -0.93
C ASN L 497 64.50 -37.22 -1.95
N ALA L 498 64.92 -36.26 -2.75
CA ALA L 498 65.94 -36.52 -3.74
C ALA L 498 67.27 -36.85 -3.06
N PRO L 499 68.13 -37.62 -3.70
CA PRO L 499 69.50 -37.75 -3.22
C PRO L 499 70.20 -36.40 -3.32
N ASP L 500 70.79 -35.97 -2.20
CA ASP L 500 71.39 -34.67 -1.97
C ASP L 500 70.31 -33.59 -1.80
N SER L 501 69.06 -33.95 -2.12
CA SER L 501 67.86 -33.27 -1.64
C SER L 501 68.00 -31.76 -1.67
N LYS L 502 68.06 -31.19 -2.87
CA LYS L 502 68.39 -29.79 -3.10
C LYS L 502 67.65 -28.85 -2.17
N LYS L 503 66.49 -29.31 -1.67
CA LYS L 503 65.61 -28.47 -0.86
C LYS L 503 65.98 -28.52 0.62
N PHE L 504 65.77 -27.41 1.30
CA PHE L 504 66.07 -27.27 2.72
C PHE L 504 64.85 -27.48 3.60
N VAL L 505 63.84 -26.63 3.43
CA VAL L 505 62.64 -26.68 4.25
C VAL L 505 61.48 -27.06 3.35
N PHE L 506 60.46 -27.66 3.95
CA PHE L 506 59.34 -28.20 3.21
C PHE L 506 58.07 -27.75 3.90
N LEU L 507 57.23 -27.02 3.18
CA LEU L 507 56.05 -26.38 3.76
C LEU L 507 54.84 -27.29 3.60
N LEU L 508 54.12 -27.51 4.69
CA LEU L 508 53.03 -28.46 4.74
C LEU L 508 51.80 -27.84 5.38
N THR L 509 50.71 -28.59 5.37
CA THR L 509 49.55 -28.31 6.21
C THR L 509 49.07 -29.60 6.83
N THR L 510 48.65 -29.53 8.09
CA THR L 510 48.41 -30.73 8.87
C THR L 510 47.34 -31.62 8.26
N ARG L 511 46.39 -31.03 7.54
CA ARG L 511 45.31 -31.83 6.98
C ARG L 511 45.67 -32.37 5.60
N ALA L 512 46.02 -31.48 4.68
CA ALA L 512 46.30 -31.91 3.31
C ALA L 512 47.49 -32.85 3.24
N GLY L 513 48.67 -32.35 3.54
CA GLY L 513 49.87 -33.14 3.41
C GLY L 513 50.38 -33.68 4.72
N GLY L 514 49.49 -34.08 5.62
CA GLY L 514 49.92 -34.53 6.92
C GLY L 514 49.58 -35.98 7.16
N LEU L 515 49.48 -36.76 6.09
CA LEU L 515 49.08 -38.16 6.20
C LEU L 515 49.83 -39.01 5.20
N GLY L 516 50.46 -40.07 5.68
CA GLY L 516 50.93 -41.14 4.82
C GLY L 516 52.23 -40.92 4.09
N ILE L 517 52.49 -39.69 3.63
CA ILE L 517 53.69 -39.41 2.84
C ILE L 517 54.92 -39.62 3.71
N ASN L 518 56.07 -39.89 3.07
CA ASN L 518 57.18 -40.58 3.73
C ASN L 518 58.46 -39.76 3.82
N LEU L 519 58.37 -38.52 4.28
CA LEU L 519 59.51 -37.62 4.27
C LEU L 519 60.55 -38.03 5.31
N THR L 520 61.25 -39.12 5.02
CA THR L 520 62.28 -39.57 5.95
C THR L 520 63.59 -38.79 5.78
N SER L 521 63.73 -38.02 4.70
CA SER L 521 64.97 -37.30 4.47
C SER L 521 65.23 -36.28 5.57
N ALA L 522 64.20 -35.57 6.01
CA ALA L 522 64.39 -34.55 7.02
C ALA L 522 64.47 -35.16 8.40
N ASP L 523 64.82 -34.33 9.37
CA ASP L 523 65.01 -34.76 10.75
C ASP L 523 64.45 -33.80 11.80
N VAL L 524 63.98 -32.63 11.41
CA VAL L 524 63.43 -31.66 12.36
C VAL L 524 62.05 -31.26 11.91
N VAL L 525 61.06 -31.51 12.75
CA VAL L 525 59.66 -31.20 12.47
C VAL L 525 59.25 -30.06 13.38
N VAL L 526 58.71 -29.01 12.78
CA VAL L 526 58.30 -27.82 13.51
C VAL L 526 56.80 -27.64 13.34
N LEU L 527 56.07 -27.74 14.45
CA LEU L 527 54.63 -27.51 14.47
C LEU L 527 54.42 -26.04 14.78
N TYR L 528 54.07 -25.27 13.76
CA TYR L 528 53.94 -23.84 13.97
C TYR L 528 52.83 -23.50 14.96
N ASP L 529 51.72 -24.21 14.88
CA ASP L 529 50.58 -23.93 15.75
C ASP L 529 49.86 -25.22 16.07
N SER L 530 49.45 -25.36 17.33
CA SER L 530 48.84 -26.59 17.79
C SER L 530 47.44 -26.75 17.19
N ASP L 531 46.93 -27.97 17.27
CA ASP L 531 45.62 -28.31 16.73
C ASP L 531 44.65 -28.68 17.85
N TRP L 532 43.36 -28.54 17.55
CA TRP L 532 42.34 -28.93 18.50
C TRP L 532 42.29 -30.43 18.71
N ASN L 533 42.84 -31.21 17.80
CA ASN L 533 42.83 -32.66 17.91
C ASN L 533 44.26 -33.16 17.93
N PRO L 534 44.73 -33.76 19.03
CA PRO L 534 46.15 -34.13 19.10
C PRO L 534 46.60 -35.12 18.06
N GLN L 535 45.75 -36.08 17.66
CA GLN L 535 46.19 -37.09 16.71
C GLN L 535 46.55 -36.47 15.37
N ALA L 536 45.92 -35.37 15.00
CA ALA L 536 46.35 -34.66 13.81
C ALA L 536 47.77 -34.17 13.94
N ASP L 537 48.24 -33.91 15.16
CA ASP L 537 49.63 -33.57 15.36
C ASP L 537 50.51 -34.80 15.43
N LEU L 538 50.00 -35.90 15.97
CA LEU L 538 50.77 -37.13 16.02
C LEU L 538 51.12 -37.60 14.62
N GLN L 539 50.14 -37.58 13.72
CA GLN L 539 50.40 -37.95 12.33
C GLN L 539 51.46 -37.04 11.73
N ALA L 540 51.33 -35.73 11.98
CA ALA L 540 52.26 -34.77 11.38
C ALA L 540 53.68 -35.03 11.85
N MET L 541 53.86 -35.24 13.15
CA MET L 541 55.22 -35.45 13.64
C MET L 541 55.74 -36.82 13.24
N ASP L 542 54.85 -37.77 12.98
CA ASP L 542 55.30 -39.08 12.57
C ASP L 542 55.51 -39.18 11.09
N ARG L 543 55.22 -38.14 10.32
CA ARG L 543 55.53 -38.21 8.90
C ARG L 543 57.03 -38.22 8.62
N ALA L 544 57.86 -37.95 9.61
CA ALA L 544 59.30 -38.05 9.45
C ALA L 544 59.94 -39.13 10.30
N HIS L 545 59.49 -39.32 11.53
CA HIS L 545 60.03 -40.34 12.40
C HIS L 545 59.32 -41.67 12.13
N ARG L 546 59.68 -42.26 11.00
CA ARG L 546 59.21 -43.57 10.60
C ARG L 546 60.40 -44.41 10.18
N ILE L 547 60.12 -45.64 9.76
CA ILE L 547 61.19 -46.61 9.54
C ILE L 547 62.19 -46.08 8.52
N GLY L 548 63.45 -46.41 8.74
CA GLY L 548 64.47 -45.91 7.84
C GLY L 548 64.70 -44.43 8.01
N GLN L 549 64.71 -43.96 9.26
CA GLN L 549 65.07 -42.59 9.54
C GLN L 549 66.55 -42.42 9.81
N LYS L 550 67.13 -43.28 10.66
CA LYS L 550 68.57 -43.34 10.85
C LYS L 550 69.13 -42.02 11.38
N LYS L 551 68.33 -41.30 12.17
CA LYS L 551 68.73 -40.02 12.70
C LYS L 551 68.05 -39.81 14.05
N GLN L 552 68.20 -38.61 14.58
CA GLN L 552 67.49 -38.17 15.77
C GLN L 552 66.42 -37.17 15.35
N VAL L 553 65.20 -37.39 15.79
CA VAL L 553 64.07 -36.54 15.43
C VAL L 553 63.81 -35.55 16.55
N LYS L 554 63.81 -34.27 16.22
CA LYS L 554 63.56 -33.21 17.18
C LYS L 554 62.33 -32.44 16.73
N VAL L 555 61.30 -32.45 17.56
CA VAL L 555 60.03 -31.81 17.25
C VAL L 555 59.89 -30.58 18.12
N PHE L 556 59.72 -29.43 17.48
CA PHE L 556 59.69 -28.15 18.18
C PHE L 556 58.29 -27.55 18.03
N ARG L 557 57.45 -27.78 19.03
CA ARG L 557 56.12 -27.20 19.04
C ARG L 557 56.19 -25.81 19.65
N LEU L 558 55.60 -24.83 18.97
CA LEU L 558 55.65 -23.44 19.40
C LEU L 558 54.35 -23.11 20.11
N VAL L 559 54.45 -22.48 21.27
CA VAL L 559 53.29 -22.07 22.05
C VAL L 559 53.45 -20.58 22.38
N THR L 560 52.32 -19.92 22.58
CA THR L 560 52.31 -18.51 22.95
C THR L 560 51.85 -18.37 24.39
N ASP L 561 52.62 -17.64 25.19
CA ASP L 561 52.30 -17.50 26.60
C ASP L 561 51.09 -16.60 26.79
N ASN L 562 50.27 -16.95 27.78
CA ASN L 562 49.10 -16.17 28.17
C ASN L 562 48.17 -15.95 26.98
N SER L 563 47.92 -17.03 26.24
CA SER L 563 47.06 -16.95 25.06
C SER L 563 46.17 -18.19 25.05
N VAL L 564 45.18 -18.16 24.15
CA VAL L 564 44.28 -19.28 24.00
C VAL L 564 45.03 -20.54 23.57
N GLU L 565 46.18 -20.37 22.92
CA GLU L 565 46.95 -21.54 22.50
C GLU L 565 47.22 -22.46 23.69
N GLU L 566 47.43 -21.88 24.87
CA GLU L 566 47.56 -22.69 26.07
C GLU L 566 46.30 -23.51 26.31
N LYS L 567 45.14 -22.89 26.13
CA LYS L 567 43.89 -23.60 26.36
C LYS L 567 43.69 -24.73 25.35
N ILE L 568 43.97 -24.47 24.07
CA ILE L 568 43.79 -25.53 23.09
C ILE L 568 44.78 -26.65 23.38
N LEU L 569 45.98 -26.30 23.85
CA LEU L 569 46.94 -27.32 24.22
C LEU L 569 46.42 -28.16 25.38
N GLU L 570 45.81 -27.51 26.36
CA GLU L 570 45.27 -28.24 27.50
C GLU L 570 44.17 -29.20 27.06
N ARG L 571 43.24 -28.72 26.25
CA ARG L 571 42.15 -29.58 25.83
C ARG L 571 42.65 -30.74 24.99
N ALA L 572 43.62 -30.47 24.12
CA ALA L 572 44.22 -31.55 23.34
C ALA L 572 44.87 -32.57 24.26
N THR L 573 45.52 -32.09 25.32
CA THR L 573 46.14 -33.02 26.26
C THR L 573 45.11 -33.89 26.96
N GLN L 574 43.98 -33.31 27.36
CA GLN L 574 42.95 -34.13 27.98
C GLN L 574 42.39 -35.16 26.99
N LYS L 575 42.14 -34.74 25.76
CA LYS L 575 41.63 -35.67 24.77
C LYS L 575 42.64 -36.78 24.52
N LEU L 576 43.92 -36.46 24.55
CA LEU L 576 44.96 -37.45 24.27
C LEU L 576 45.14 -38.40 25.44
N ARG L 577 45.04 -37.89 26.67
CA ARG L 577 45.15 -38.77 27.83
C ARG L 577 43.98 -39.72 27.90
N LEU L 578 42.77 -39.22 27.66
CA LEU L 578 41.57 -40.04 27.55
C LEU L 578 41.80 -41.23 26.63
N ASP L 579 42.79 -41.11 25.76
CA ASP L 579 43.15 -42.15 24.81
C ASP L 579 44.26 -43.06 25.30
N GLN L 580 45.45 -42.48 25.49
CA GLN L 580 46.63 -43.28 25.79
C GLN L 580 46.55 -43.88 27.19
N LEU L 581 46.08 -43.11 28.17
CA LEU L 581 46.11 -43.58 29.54
C LEU L 581 45.11 -44.68 29.78
N VAL L 582 44.24 -44.97 28.82
CA VAL L 582 43.16 -45.91 29.05
C VAL L 582 43.21 -47.07 28.07
N ILE L 583 43.15 -46.77 26.78
CA ILE L 583 42.81 -47.81 25.81
C ILE L 583 44.04 -48.58 25.35
N GLN L 584 45.03 -47.86 24.85
CA GLN L 584 46.11 -48.55 24.15
C GLN L 584 47.38 -48.69 24.98
N GLN L 585 47.28 -48.59 26.31
CA GLN L 585 48.46 -48.76 27.15
C GLN L 585 49.02 -50.17 27.04
N ASN L 586 48.14 -51.18 27.02
CA ASN L 586 48.59 -52.56 26.92
C ASN L 586 49.09 -52.91 25.53
N ARG L 587 48.81 -52.07 24.54
CA ARG L 587 49.07 -52.42 23.16
C ARG L 587 50.28 -51.66 22.61
MG MG M . -49.38 47.66 -8.47
PG ATP N . -49.56 45.69 -6.58
O1G ATP N . -48.44 46.13 -7.48
O2G ATP N . -49.14 44.96 -5.33
O3G ATP N . -50.74 45.07 -7.28
PB ATP N . -51.52 47.64 -6.53
O1B ATP N . -51.61 49.06 -6.09
O2B ATP N . -52.60 46.64 -6.20
O3B ATP N . -50.11 47.08 -6.03
PA ATP N . -52.21 48.95 -8.72
O1A ATP N . -51.45 50.22 -8.45
O2A ATP N . -53.63 48.81 -8.28
O3A ATP N . -51.39 47.73 -8.12
O5' ATP N . -52.16 48.66 -10.29
C5' ATP N . -52.32 49.76 -11.17
C4' ATP N . -53.76 49.82 -11.59
O4' ATP N . -54.50 50.54 -10.61
C3' ATP N . -53.88 50.59 -12.89
O3' ATP N . -54.43 49.72 -13.89
C2' ATP N . -54.86 51.71 -12.62
O2' ATP N . -55.90 51.71 -13.60
C1' ATP N . -55.46 51.36 -11.27
N9 ATP N . -55.74 52.59 -10.49
C8 ATP N . -55.35 52.81 -9.23
N7 ATP N . -55.77 54.02 -8.79
C5 ATP N . -56.46 54.58 -9.79
C6 ATP N . -57.18 55.86 -9.99
N6 ATP N . -57.24 56.78 -9.02
N1 ATP N . -57.77 56.07 -11.19
C2 ATP N . -57.71 55.15 -12.17
N3 ATP N . -57.07 53.98 -12.06
C4 ATP N . -56.44 53.64 -10.90
MG MG O . 52.52 -45.23 4.17
PG ATP P . 51.04 -44.53 6.35
O1G ATP P . 50.92 -44.17 4.89
O2G ATP P . 49.78 -44.42 7.16
O3G ATP P . 52.26 -43.99 7.05
PB ATP P . 52.73 -46.71 6.62
O1B ATP P . 52.73 -48.13 6.17
O2B ATP P . 53.12 -46.33 8.03
O3B ATP P . 51.29 -46.11 6.28
PA ATP P . 54.92 -46.93 5.15
O1A ATP P . 54.39 -47.93 4.15
O2A ATP P . 55.63 -47.42 6.39
O3A ATP P . 53.73 -45.99 5.60
O5' ATP P . 55.91 -45.93 4.41
C5' ATP P . 56.78 -46.47 3.43
C4' ATP P . 58.13 -46.71 4.10
O4' ATP P . 58.11 -47.97 4.75
C3' ATP P . 59.22 -46.76 3.06
O3' ATP P . 60.13 -45.69 3.31
C2' ATP P . 59.91 -48.08 3.25
O2' ATP P . 61.32 -47.89 3.37
C1' ATP P . 59.36 -48.60 4.56
N9 ATP P . 59.23 -50.07 4.53
C8 ATP P . 58.13 -50.76 4.87
N7 ATP P . 58.34 -52.09 4.75
C5 ATP P . 59.61 -52.27 4.33
C6 ATP P . 60.46 -53.42 4.01
N6 ATP P . 59.99 -54.68 4.11
N1 ATP P . 61.72 -53.17 3.62
C2 ATP P . 62.20 -51.92 3.51
N3 ATP P . 61.48 -50.83 3.79
C4 ATP P . 60.19 -50.94 4.20
#